data_1D2E
#
_entry.id   1D2E
#
_cell.length_a   59.090
_cell.length_b   119.780
_cell.length_c   128.890
_cell.angle_alpha   90.00
_cell.angle_beta   96.97
_cell.angle_gamma   90.00
#
_symmetry.space_group_name_H-M   'P 1 21 1'
#
loop_
_entity.id
_entity.type
_entity.pdbx_description
1 polymer 'ELONGATION FACTOR TU (EF-TU)'
2 non-polymer 'MAGNESIUM ION'
3 non-polymer "GUANOSINE-5'-DIPHOSPHATE"
4 water water
#
_entity_poly.entity_id   1
_entity_poly.type   'polypeptide(L)'
_entity_poly.pdbx_seq_one_letter_code
;KPHVNVGTIGHVDHGKTTLTAAITKILAEGGGAKFKKYEEIDNAPEERARGITINAAHVEYSTAARHYAHTDCPGHADYV
KNMITGTAPLDGCILVVAANDGPMPQTREHLLLARQIGVEHVVVYVNKADAVQDSEMVELVELEIRELLTEFGYKGEETP
IIVGSALCALEQRDPELGLKSVQKLLDAVDTYIPVPTRDLEKPFLLPVESVYSIPGRGTVVTGTLERGILKKGDECEFLG
HSKNIRTVVTGIEMFHKSLDRAEAGDNLGALVRGLKREDLRRGLVMAKPGSIQPHQKVEAQVYILTKEEGGRHKPFVSHF
MPVMFSLTWDMACRIILPPGKELAMPGEDLKLTLILRQPMILEKGQRFTLRDGNRTIGTGLVTDTPAMTEEDKNIKW
;
_entity_poly.pdbx_strand_id   A,B,C,D
#
loop_
_chem_comp.id
_chem_comp.type
_chem_comp.name
_chem_comp.formula
GDP RNA linking GUANOSINE-5'-DIPHOSPHATE 'C10 H15 N5 O11 P2'
MG non-polymer 'MAGNESIUM ION' 'Mg 2'
#
# COMPACT_ATOMS: atom_id res chain seq x y z
N LYS A 1 34.33 -34.64 29.96
CA LYS A 1 34.93 -34.64 28.59
C LYS A 1 34.00 -34.00 27.57
N PRO A 2 34.50 -32.99 26.84
CA PRO A 2 33.69 -32.32 25.82
C PRO A 2 33.29 -33.34 24.75
N HIS A 3 32.18 -33.09 24.07
CA HIS A 3 31.72 -34.03 23.05
C HIS A 3 31.94 -33.46 21.65
N VAL A 4 32.48 -34.30 20.77
CA VAL A 4 32.73 -33.89 19.40
C VAL A 4 32.17 -34.92 18.42
N ASN A 5 31.47 -34.44 17.41
CA ASN A 5 30.91 -35.33 16.40
C ASN A 5 31.88 -35.34 15.24
N VAL A 6 32.35 -36.51 14.88
CA VAL A 6 33.30 -36.59 13.78
C VAL A 6 32.83 -37.71 12.86
N GLY A 7 33.54 -37.87 11.76
CA GLY A 7 33.18 -38.93 10.84
C GLY A 7 34.27 -39.09 9.82
N THR A 8 34.36 -40.30 9.28
CA THR A 8 35.35 -40.56 8.25
C THR A 8 34.73 -40.23 6.90
N ILE A 9 35.53 -39.66 6.02
CA ILE A 9 35.10 -39.34 4.69
C ILE A 9 36.26 -39.77 3.81
N GLY A 10 36.02 -39.83 2.52
CA GLY A 10 37.06 -40.28 1.61
C GLY A 10 36.49 -41.30 0.65
N HIS A 11 37.29 -41.65 -0.35
CA HIS A 11 36.87 -42.57 -1.40
C HIS A 11 36.67 -44.02 -0.93
N VAL A 12 35.73 -44.70 -1.57
CA VAL A 12 35.44 -46.08 -1.22
C VAL A 12 36.72 -46.92 -1.27
N ASP A 13 36.84 -47.86 -0.33
CA ASP A 13 37.98 -48.75 -0.21
C ASP A 13 39.29 -48.11 0.27
N HIS A 14 39.25 -46.83 0.62
CA HIS A 14 40.49 -46.25 1.10
C HIS A 14 40.87 -46.57 2.54
N GLY A 15 39.92 -47.11 3.31
CA GLY A 15 40.22 -47.51 4.67
C GLY A 15 39.45 -46.85 5.79
N LYS A 16 38.34 -46.18 5.45
CA LYS A 16 37.54 -45.48 6.45
C LYS A 16 37.04 -46.37 7.56
N THR A 17 36.46 -47.50 7.18
CA THR A 17 35.91 -48.41 8.16
C THR A 17 37.01 -49.13 8.91
N THR A 18 38.10 -49.46 8.23
CA THR A 18 39.20 -50.14 8.90
C THR A 18 39.79 -49.21 9.94
N LEU A 19 39.94 -47.95 9.56
CA LEU A 19 40.48 -46.97 10.48
C LEU A 19 39.54 -46.84 11.68
N THR A 20 38.25 -46.72 11.40
CA THR A 20 37.25 -46.59 12.45
C THR A 20 37.35 -47.77 13.42
N ALA A 21 37.45 -48.98 12.87
CA ALA A 21 37.56 -50.17 13.68
C ALA A 21 38.87 -50.16 14.48
N ALA A 22 39.94 -49.68 13.86
CA ALA A 22 41.26 -49.62 14.51
C ALA A 22 41.18 -48.70 15.72
N ILE A 23 40.47 -47.59 15.55
CA ILE A 23 40.30 -46.61 16.63
C ILE A 23 39.61 -47.23 17.83
N THR A 24 38.52 -47.95 17.59
CA THR A 24 37.80 -48.55 18.71
C THR A 24 38.61 -49.66 19.36
N LYS A 25 39.39 -50.36 18.54
CA LYS A 25 40.25 -51.44 19.01
C LYS A 25 41.31 -50.87 19.95
N ILE A 26 42.02 -49.87 19.46
CA ILE A 26 43.07 -49.22 20.22
C ILE A 26 42.56 -48.56 21.50
N LEU A 27 41.35 -48.00 21.46
CA LEU A 27 40.81 -47.33 22.64
C LEU A 27 40.11 -48.27 23.61
N ALA A 28 39.72 -49.45 23.14
CA ALA A 28 39.04 -50.42 23.98
C ALA A 28 40.01 -50.95 25.03
N GLU A 29 41.29 -51.01 24.67
CA GLU A 29 42.33 -51.50 25.56
C GLU A 29 42.20 -50.78 26.90
N GLY A 30 42.26 -49.44 26.85
CA GLY A 30 42.15 -48.62 28.04
C GLY A 30 40.75 -48.32 28.50
N GLY A 31 39.75 -48.96 27.89
CA GLY A 31 38.37 -48.74 28.28
C GLY A 31 37.75 -47.45 27.77
N GLY A 32 38.33 -46.88 26.72
CA GLY A 32 37.80 -45.66 26.17
C GLY A 32 36.87 -45.94 25.00
N ALA A 33 36.44 -47.19 24.87
CA ALA A 33 35.55 -47.59 23.79
C ALA A 33 35.36 -49.09 23.77
N LYS A 34 34.23 -49.52 23.23
CA LYS A 34 33.96 -50.94 23.10
C LYS A 34 34.44 -51.29 21.70
N PHE A 35 35.34 -52.25 21.60
CA PHE A 35 35.85 -52.65 20.29
C PHE A 35 34.74 -53.10 19.36
N LYS A 36 34.68 -52.49 18.19
CA LYS A 36 33.71 -52.84 17.16
C LYS A 36 34.53 -53.38 16.01
N LYS A 37 34.34 -54.64 15.69
CA LYS A 37 35.08 -55.27 14.62
C LYS A 37 34.74 -54.63 13.29
N TYR A 38 35.69 -54.68 12.36
CA TYR A 38 35.52 -54.17 11.03
C TYR A 38 34.15 -54.58 10.50
N GLU A 39 33.87 -55.88 10.57
CA GLU A 39 32.60 -56.45 10.09
C GLU A 39 31.35 -55.75 10.65
N GLU A 40 31.34 -55.45 11.94
CA GLU A 40 30.19 -54.80 12.55
C GLU A 40 29.99 -53.39 11.99
N ILE A 41 31.10 -52.66 11.86
CA ILE A 41 31.06 -51.30 11.34
C ILE A 41 30.79 -51.29 9.85
N ASP A 42 31.36 -52.24 9.13
CA ASP A 42 31.20 -52.32 7.68
C ASP A 42 29.74 -52.60 7.29
N ASN A 43 29.07 -53.44 8.06
CA ASN A 43 27.67 -53.75 7.81
C ASN A 43 26.82 -52.74 8.56
N ALA A 44 27.01 -51.48 8.22
CA ALA A 44 26.32 -50.36 8.85
C ALA A 44 24.80 -50.47 8.78
N PRO A 45 24.12 -50.17 9.90
CA PRO A 45 22.66 -50.21 10.00
C PRO A 45 22.03 -49.17 9.07
N GLU A 46 20.86 -49.46 8.55
CA GLU A 46 20.19 -48.49 7.70
C GLU A 46 19.35 -47.64 8.63
N GLU A 47 19.35 -46.33 8.41
CA GLU A 47 18.55 -45.44 9.23
C GLU A 47 17.62 -44.64 8.32
N ARG A 48 16.51 -44.17 8.89
CA ARG A 48 15.54 -43.41 8.10
C ARG A 48 15.28 -42.06 8.73
N ALA A 49 15.50 -41.02 7.93
CA ALA A 49 15.29 -39.66 8.38
C ALA A 49 14.40 -38.96 7.37
N ARG A 50 13.18 -38.64 7.79
CA ARG A 50 12.23 -37.97 6.92
C ARG A 50 12.07 -38.76 5.62
N GLY A 51 11.95 -40.08 5.75
CA GLY A 51 11.77 -40.95 4.60
C GLY A 51 13.05 -41.40 3.93
N ILE A 52 14.08 -40.54 3.99
CA ILE A 52 15.36 -40.81 3.37
C ILE A 52 16.16 -41.89 4.09
N THR A 53 16.55 -42.90 3.34
CA THR A 53 17.32 -43.99 3.94
C THR A 53 18.79 -43.87 3.64
N ILE A 54 19.61 -44.10 4.64
CA ILE A 54 21.03 -44.08 4.39
C ILE A 54 21.62 -45.05 5.39
N ASN A 55 22.66 -45.77 4.97
CA ASN A 55 23.34 -46.68 5.85
C ASN A 55 24.50 -45.93 6.47
N ALA A 56 24.58 -45.98 7.79
CA ALA A 56 25.63 -45.27 8.50
C ALA A 56 25.89 -46.02 9.78
N ALA A 57 27.17 -46.15 10.11
CA ALA A 57 27.56 -46.81 11.33
C ALA A 57 27.95 -45.68 12.25
N HIS A 58 27.52 -45.79 13.50
CA HIS A 58 27.84 -44.78 14.49
C HIS A 58 28.57 -45.49 15.62
N VAL A 59 29.77 -45.02 15.92
CA VAL A 59 30.53 -45.62 17.00
C VAL A 59 30.90 -44.49 17.94
N GLU A 60 31.18 -44.85 19.18
CA GLU A 60 31.57 -43.87 20.16
C GLU A 60 32.83 -44.34 20.83
N TYR A 61 33.75 -43.42 21.02
CA TYR A 61 35.00 -43.73 21.68
C TYR A 61 35.46 -42.46 22.34
N SER A 62 36.30 -42.60 23.34
CA SER A 62 36.79 -41.44 24.04
C SER A 62 38.28 -41.46 24.17
N THR A 63 38.87 -40.29 23.95
CA THR A 63 40.30 -40.11 24.10
C THR A 63 40.31 -39.54 25.52
N ALA A 64 41.48 -39.45 26.13
CA ALA A 64 41.53 -38.91 27.48
C ALA A 64 40.88 -37.52 27.52
N ALA A 65 41.06 -36.78 26.44
CA ALA A 65 40.54 -35.40 26.33
C ALA A 65 39.08 -35.22 25.92
N ARG A 66 38.57 -36.07 25.03
CA ARG A 66 37.19 -35.94 24.57
C ARG A 66 36.42 -37.21 24.33
N HIS A 67 35.11 -37.04 24.21
CA HIS A 67 34.22 -38.13 23.91
C HIS A 67 33.83 -37.88 22.45
N TYR A 68 33.77 -38.94 21.66
CA TYR A 68 33.47 -38.79 20.26
C TYR A 68 32.30 -39.62 19.74
N ALA A 69 31.55 -39.01 18.84
CA ALA A 69 30.44 -39.66 18.15
C ALA A 69 31.02 -39.70 16.73
N HIS A 70 31.34 -40.89 16.26
CA HIS A 70 31.96 -41.06 14.96
C HIS A 70 31.04 -41.73 13.96
N THR A 71 30.83 -41.08 12.83
CA THR A 71 29.97 -41.65 11.79
C THR A 71 30.82 -42.14 10.63
N ASP A 72 30.53 -43.36 10.18
CA ASP A 72 31.24 -43.95 9.06
C ASP A 72 30.14 -44.56 8.19
N CYS A 73 30.20 -44.30 6.89
CA CYS A 73 29.17 -44.81 6.00
C CYS A 73 29.77 -45.70 4.95
N PRO A 74 29.03 -46.74 4.55
CA PRO A 74 29.46 -47.72 3.54
C PRO A 74 29.77 -47.12 2.19
N GLY A 75 28.79 -46.45 1.59
CA GLY A 75 28.99 -45.90 0.28
C GLY A 75 28.93 -44.42 0.11
N HIS A 76 29.53 -43.99 -0.99
CA HIS A 76 29.57 -42.60 -1.38
C HIS A 76 28.15 -42.01 -1.31
N ALA A 77 27.18 -42.76 -1.80
CA ALA A 77 25.79 -42.31 -1.82
C ALA A 77 25.29 -42.00 -0.40
N ASP A 78 25.75 -42.77 0.57
CA ASP A 78 25.35 -42.55 1.95
C ASP A 78 25.95 -41.24 2.42
N TYR A 79 27.22 -41.02 2.10
CA TYR A 79 27.84 -39.78 2.52
C TYR A 79 27.13 -38.58 1.93
N VAL A 80 26.86 -38.63 0.63
CA VAL A 80 26.20 -37.55 -0.07
C VAL A 80 24.85 -37.26 0.56
N LYS A 81 24.04 -38.31 0.70
CA LYS A 81 22.73 -38.14 1.30
C LYS A 81 22.84 -37.64 2.73
N ASN A 82 23.78 -38.19 3.49
CA ASN A 82 23.93 -37.79 4.88
C ASN A 82 24.32 -36.33 5.06
N MET A 83 25.26 -35.87 4.24
CA MET A 83 25.70 -34.50 4.34
C MET A 83 24.67 -33.54 3.77
N ILE A 84 24.04 -33.90 2.67
CA ILE A 84 23.04 -33.00 2.13
C ILE A 84 21.91 -32.81 3.14
N THR A 85 21.46 -33.89 3.78
CA THR A 85 20.37 -33.79 4.75
C THR A 85 20.85 -33.38 6.15
N GLY A 86 22.13 -33.59 6.43
CA GLY A 86 22.66 -33.25 7.73
C GLY A 86 22.12 -34.17 8.80
N THR A 87 21.89 -35.43 8.44
CA THR A 87 21.37 -36.40 9.39
C THR A 87 22.34 -36.60 10.54
N ALA A 88 23.63 -36.68 10.22
CA ALA A 88 24.66 -36.85 11.23
C ALA A 88 25.51 -35.59 11.28
N PRO A 89 25.30 -34.73 12.28
CA PRO A 89 26.06 -33.49 12.44
C PRO A 89 27.55 -33.76 12.58
N LEU A 90 28.36 -32.96 11.92
CA LEU A 90 29.82 -33.12 11.97
C LEU A 90 30.56 -31.85 12.38
N ASP A 91 31.40 -31.97 13.39
CA ASP A 91 32.20 -30.86 13.89
C ASP A 91 33.55 -30.90 13.19
N GLY A 92 33.89 -32.08 12.67
CA GLY A 92 35.15 -32.24 11.98
C GLY A 92 35.11 -33.56 11.26
N CYS A 93 35.99 -33.72 10.29
CA CYS A 93 36.06 -34.96 9.51
C CYS A 93 37.47 -35.51 9.50
N ILE A 94 37.53 -36.83 9.37
CA ILE A 94 38.80 -37.52 9.27
C ILE A 94 38.77 -37.98 7.83
N LEU A 95 39.58 -37.33 7.00
CA LEU A 95 39.65 -37.68 5.60
C LEU A 95 40.64 -38.83 5.46
N VAL A 96 40.19 -39.92 4.86
CA VAL A 96 41.08 -41.05 4.70
C VAL A 96 41.44 -41.13 3.24
N VAL A 97 42.74 -41.22 2.97
CA VAL A 97 43.22 -41.31 1.61
C VAL A 97 44.22 -42.45 1.56
N ALA A 98 44.00 -43.39 0.65
CA ALA A 98 44.91 -44.52 0.51
C ALA A 98 46.16 -44.01 -0.20
N ALA A 99 47.31 -44.24 0.41
CA ALA A 99 48.58 -43.79 -0.17
C ALA A 99 48.87 -44.50 -1.49
N ASN A 100 48.53 -45.78 -1.57
CA ASN A 100 48.78 -46.57 -2.78
C ASN A 100 47.84 -46.18 -3.91
N ASP A 101 46.73 -45.52 -3.59
CA ASP A 101 45.77 -45.10 -4.60
C ASP A 101 45.74 -43.59 -4.82
N GLY A 102 46.11 -42.83 -3.79
CA GLY A 102 46.11 -41.38 -3.90
C GLY A 102 44.71 -40.79 -3.88
N PRO A 103 44.58 -39.45 -3.85
CA PRO A 103 43.28 -38.78 -3.84
C PRO A 103 42.42 -39.20 -5.04
N MET A 104 41.19 -39.62 -4.76
CA MET A 104 40.26 -40.06 -5.79
C MET A 104 39.06 -39.11 -5.88
N PRO A 105 38.16 -39.33 -6.85
CA PRO A 105 36.97 -38.48 -7.04
C PRO A 105 36.13 -38.20 -5.80
N GLN A 106 35.78 -39.24 -5.08
CA GLN A 106 34.97 -39.08 -3.88
C GLN A 106 35.75 -38.32 -2.80
N THR A 107 37.07 -38.36 -2.87
CA THR A 107 37.91 -37.64 -1.90
C THR A 107 37.56 -36.18 -2.08
N ARG A 108 37.53 -35.76 -3.34
CA ARG A 108 37.21 -34.38 -3.69
C ARG A 108 35.75 -34.06 -3.36
N GLU A 109 34.84 -34.93 -3.76
CA GLU A 109 33.43 -34.65 -3.52
C GLU A 109 33.10 -34.57 -2.03
N HIS A 110 33.74 -35.38 -1.20
CA HIS A 110 33.45 -35.33 0.23
C HIS A 110 34.01 -34.07 0.86
N LEU A 111 35.20 -33.65 0.43
CA LEU A 111 35.78 -32.43 0.98
C LEU A 111 34.90 -31.27 0.59
N LEU A 112 34.42 -31.27 -0.65
CA LEU A 112 33.54 -30.21 -1.12
C LEU A 112 32.27 -30.16 -0.27
N LEU A 113 31.61 -31.32 -0.15
CA LEU A 113 30.40 -31.40 0.66
C LEU A 113 30.68 -30.98 2.09
N ALA A 114 31.77 -31.47 2.64
CA ALA A 114 32.14 -31.14 4.00
C ALA A 114 32.26 -29.62 4.14
N ARG A 115 32.84 -28.97 3.14
CA ARG A 115 32.99 -27.53 3.22
C ARG A 115 31.62 -26.86 3.15
N GLN A 116 30.80 -27.32 2.21
CA GLN A 116 29.48 -26.75 2.02
C GLN A 116 28.54 -26.90 3.22
N ILE A 117 28.78 -27.88 4.08
CA ILE A 117 27.90 -28.04 5.24
C ILE A 117 28.49 -27.38 6.49
N GLY A 118 29.59 -26.65 6.32
CA GLY A 118 30.16 -25.95 7.45
C GLY A 118 31.31 -26.57 8.20
N VAL A 119 31.85 -27.68 7.70
CA VAL A 119 32.98 -28.28 8.39
C VAL A 119 34.20 -27.44 8.03
N GLU A 120 34.94 -26.99 9.03
CA GLU A 120 36.11 -26.15 8.77
C GLU A 120 37.39 -26.86 9.17
N HIS A 121 37.23 -28.01 9.82
CA HIS A 121 38.39 -28.74 10.30
C HIS A 121 38.40 -30.20 9.90
N VAL A 122 39.48 -30.58 9.21
CA VAL A 122 39.66 -31.94 8.76
C VAL A 122 41.06 -32.39 9.12
N VAL A 123 41.17 -33.62 9.58
CA VAL A 123 42.45 -34.22 9.91
C VAL A 123 42.51 -35.32 8.86
N VAL A 124 43.69 -35.54 8.29
CA VAL A 124 43.82 -36.55 7.26
C VAL A 124 44.60 -37.77 7.74
N TYR A 125 44.18 -38.91 7.24
CA TYR A 125 44.86 -40.15 7.55
C TYR A 125 45.21 -40.75 6.20
N VAL A 126 46.50 -40.80 5.91
CA VAL A 126 46.99 -41.37 4.66
C VAL A 126 47.18 -42.82 5.07
N ASN A 127 46.30 -43.66 4.54
CA ASN A 127 46.24 -45.05 4.90
C ASN A 127 46.99 -45.97 3.95
N LYS A 128 47.09 -47.24 4.34
CA LYS A 128 47.76 -48.26 3.53
C LYS A 128 49.24 -47.96 3.30
N ALA A 129 49.88 -47.32 4.29
CA ALA A 129 51.30 -47.00 4.18
C ALA A 129 52.11 -48.29 4.04
N ASP A 130 51.54 -49.38 4.52
CA ASP A 130 52.18 -50.68 4.46
C ASP A 130 52.26 -51.16 3.02
N ALA A 131 51.43 -50.59 2.16
CA ALA A 131 51.38 -50.97 0.75
C ALA A 131 52.19 -50.07 -0.19
N VAL A 132 52.76 -48.98 0.32
CA VAL A 132 53.52 -48.09 -0.54
C VAL A 132 54.99 -48.47 -0.53
N GLN A 133 55.52 -48.66 -1.74
CA GLN A 133 56.90 -49.06 -1.92
C GLN A 133 57.91 -48.13 -1.25
N ASP A 134 57.63 -46.84 -1.25
CA ASP A 134 58.56 -45.88 -0.66
C ASP A 134 57.89 -44.57 -0.24
N SER A 135 58.69 -43.68 0.34
CA SER A 135 58.19 -42.39 0.80
C SER A 135 57.82 -41.46 -0.36
N GLU A 136 58.62 -41.50 -1.44
CA GLU A 136 58.35 -40.65 -2.60
C GLU A 136 56.86 -40.56 -2.87
N MET A 137 56.23 -41.73 -3.01
CA MET A 137 54.80 -41.82 -3.24
C MET A 137 54.06 -41.10 -2.10
N VAL A 138 54.30 -41.54 -0.87
CA VAL A 138 53.65 -40.95 0.30
C VAL A 138 53.85 -39.45 0.37
N GLU A 139 55.10 -39.01 0.36
CA GLU A 139 55.41 -37.60 0.43
C GLU A 139 54.67 -36.82 -0.65
N LEU A 140 54.53 -37.43 -1.83
CA LEU A 140 53.83 -36.81 -2.95
C LEU A 140 52.32 -36.75 -2.72
N VAL A 141 51.76 -37.81 -2.15
CA VAL A 141 50.32 -37.85 -1.88
C VAL A 141 50.01 -36.78 -0.83
N GLU A 142 50.84 -36.73 0.21
CA GLU A 142 50.67 -35.75 1.27
C GLU A 142 50.61 -34.37 0.65
N LEU A 143 51.57 -34.07 -0.21
CA LEU A 143 51.64 -32.78 -0.89
C LEU A 143 50.37 -32.56 -1.69
N GLU A 144 49.95 -33.59 -2.41
CA GLU A 144 48.74 -33.49 -3.23
C GLU A 144 47.54 -33.19 -2.34
N ILE A 145 47.47 -33.86 -1.20
CA ILE A 145 46.36 -33.68 -0.28
C ILE A 145 46.31 -32.27 0.28
N ARG A 146 47.42 -31.78 0.80
CA ARG A 146 47.46 -30.42 1.34
C ARG A 146 46.97 -29.44 0.27
N GLU A 147 47.40 -29.67 -0.96
CA GLU A 147 46.99 -28.81 -2.08
C GLU A 147 45.49 -28.96 -2.30
N LEU A 148 45.01 -30.20 -2.25
CA LEU A 148 43.58 -30.45 -2.44
C LEU A 148 42.84 -29.76 -1.30
N LEU A 149 43.34 -29.89 -0.08
CA LEU A 149 42.70 -29.26 1.07
C LEU A 149 42.56 -27.77 0.83
N THR A 150 43.64 -27.14 0.38
CA THR A 150 43.59 -25.71 0.13
C THR A 150 42.60 -25.40 -0.99
N GLU A 151 42.56 -26.25 -2.01
CA GLU A 151 41.65 -26.04 -3.12
C GLU A 151 40.17 -25.97 -2.69
N PHE A 152 39.82 -26.64 -1.59
CA PHE A 152 38.44 -26.58 -1.14
C PHE A 152 38.17 -25.72 0.08
N GLY A 153 39.03 -24.72 0.30
CA GLY A 153 38.82 -23.82 1.42
C GLY A 153 39.54 -24.11 2.71
N TYR A 154 40.13 -25.29 2.85
CA TYR A 154 40.83 -25.61 4.07
C TYR A 154 42.28 -25.15 4.03
N LYS A 155 42.92 -25.10 5.19
CA LYS A 155 44.30 -24.68 5.27
C LYS A 155 45.20 -25.92 5.16
N GLY A 156 45.45 -26.35 3.94
CA GLY A 156 46.28 -27.52 3.69
C GLY A 156 47.60 -27.55 4.45
N GLU A 157 48.15 -26.37 4.71
CA GLU A 157 49.43 -26.28 5.41
C GLU A 157 49.30 -26.55 6.91
N GLU A 158 48.21 -26.10 7.51
CA GLU A 158 48.00 -26.29 8.94
C GLU A 158 47.36 -27.64 9.26
N THR A 159 46.66 -28.21 8.28
CA THR A 159 45.96 -29.47 8.47
C THR A 159 46.85 -30.68 8.75
N PRO A 160 46.60 -31.36 9.87
CA PRO A 160 47.35 -32.53 10.28
C PRO A 160 47.15 -33.69 9.32
N ILE A 161 48.26 -34.32 8.94
CA ILE A 161 48.20 -35.45 8.04
C ILE A 161 48.99 -36.56 8.71
N ILE A 162 48.31 -37.65 9.05
CA ILE A 162 48.98 -38.76 9.69
C ILE A 162 49.08 -39.91 8.70
N VAL A 163 50.26 -40.52 8.64
CA VAL A 163 50.48 -41.63 7.72
C VAL A 163 50.56 -42.91 8.50
N GLY A 164 49.92 -43.96 7.99
CA GLY A 164 49.96 -45.23 8.68
C GLY A 164 49.16 -46.30 8.00
N SER A 165 48.96 -47.39 8.71
CA SER A 165 48.20 -48.51 8.20
C SER A 165 47.12 -48.82 9.19
N ALA A 166 45.88 -48.51 8.81
CA ALA A 166 44.77 -48.78 9.69
C ALA A 166 44.68 -50.29 9.86
N LEU A 167 45.04 -51.02 8.82
CA LEU A 167 44.95 -52.48 8.92
C LEU A 167 45.96 -53.00 9.95
N CYS A 168 47.19 -52.52 9.89
CA CYS A 168 48.21 -52.95 10.86
C CYS A 168 47.73 -52.59 12.26
N ALA A 169 47.19 -51.40 12.38
CA ALA A 169 46.69 -50.94 13.67
C ALA A 169 45.64 -51.92 14.15
N LEU A 170 44.66 -52.17 13.28
CA LEU A 170 43.55 -53.06 13.62
C LEU A 170 44.04 -54.46 14.00
N GLU A 171 45.00 -54.99 13.27
CA GLU A 171 45.52 -56.33 13.53
C GLU A 171 46.68 -56.32 14.52
N GLN A 172 46.89 -55.16 15.15
CA GLN A 172 47.94 -54.96 16.13
C GLN A 172 49.31 -55.49 15.71
N ARG A 173 49.83 -54.95 14.62
CA ARG A 173 51.13 -55.31 14.11
C ARG A 173 51.77 -54.06 13.53
N ASP A 174 53.10 -54.05 13.46
CA ASP A 174 53.83 -52.90 12.95
C ASP A 174 53.38 -51.65 13.71
N PRO A 175 53.75 -51.54 14.99
CA PRO A 175 53.41 -50.43 15.87
C PRO A 175 53.60 -49.04 15.26
N GLU A 176 54.69 -48.85 14.53
CA GLU A 176 54.97 -47.57 13.90
C GLU A 176 53.88 -47.23 12.89
N LEU A 177 53.61 -48.17 11.98
CA LEU A 177 52.58 -47.98 10.95
C LEU A 177 51.18 -48.00 11.51
N GLY A 178 50.91 -48.95 12.41
CA GLY A 178 49.59 -49.10 12.99
C GLY A 178 49.32 -48.28 14.22
N LEU A 179 49.40 -48.94 15.38
CA LEU A 179 49.16 -48.33 16.67
C LEU A 179 49.55 -46.87 16.77
N LYS A 180 50.83 -46.59 16.53
CA LYS A 180 51.35 -45.23 16.60
C LYS A 180 50.64 -44.24 15.70
N SER A 181 50.35 -44.64 14.47
CA SER A 181 49.68 -43.73 13.53
C SER A 181 48.25 -43.43 13.99
N VAL A 182 47.57 -44.41 14.58
CA VAL A 182 46.21 -44.18 15.05
C VAL A 182 46.21 -43.28 16.29
N GLN A 183 47.20 -43.47 17.16
CA GLN A 183 47.32 -42.63 18.35
C GLN A 183 47.61 -41.19 17.89
N LYS A 184 48.47 -41.06 16.89
CA LYS A 184 48.79 -39.74 16.35
C LYS A 184 47.55 -39.11 15.73
N LEU A 185 46.78 -39.94 15.02
CA LEU A 185 45.56 -39.47 14.40
C LEU A 185 44.61 -38.92 15.47
N LEU A 186 44.43 -39.70 16.53
CA LEU A 186 43.54 -39.28 17.61
C LEU A 186 44.04 -38.02 18.28
N ASP A 187 45.35 -37.93 18.51
CA ASP A 187 45.90 -36.74 19.14
C ASP A 187 45.59 -35.53 18.27
N ALA A 188 45.77 -35.67 16.95
CA ALA A 188 45.50 -34.58 16.03
C ALA A 188 44.01 -34.23 16.04
N VAL A 189 43.15 -35.25 16.11
CA VAL A 189 41.73 -34.98 16.16
C VAL A 189 41.41 -34.19 17.44
N ASP A 190 41.98 -34.62 18.56
CA ASP A 190 41.76 -33.95 19.84
C ASP A 190 42.16 -32.49 19.76
N THR A 191 43.23 -32.22 19.03
CA THR A 191 43.81 -30.88 18.92
C THR A 191 43.35 -29.97 17.78
N TYR A 192 43.21 -30.50 16.58
CA TYR A 192 42.86 -29.69 15.42
C TYR A 192 41.35 -29.48 15.20
N ILE A 193 40.55 -30.43 15.67
CA ILE A 193 39.10 -30.32 15.53
C ILE A 193 38.55 -29.71 16.81
N PRO A 194 38.09 -28.45 16.72
CA PRO A 194 37.53 -27.72 17.87
C PRO A 194 36.20 -28.27 18.34
N VAL A 195 35.95 -28.12 19.64
CA VAL A 195 34.68 -28.56 20.23
C VAL A 195 33.61 -27.63 19.65
N PRO A 196 32.37 -28.12 19.50
CA PRO A 196 31.28 -27.30 18.96
C PRO A 196 30.94 -26.09 19.83
N THR A 197 30.33 -25.09 19.21
CA THR A 197 29.91 -23.87 19.91
C THR A 197 28.51 -23.48 19.43
N ARG A 198 27.81 -22.68 20.22
CA ARG A 198 26.46 -22.26 19.86
C ARG A 198 26.43 -20.99 19.03
N ASP A 199 27.61 -20.55 18.59
CA ASP A 199 27.69 -19.35 17.77
C ASP A 199 26.94 -18.20 18.42
N LEU A 200 27.23 -17.93 19.68
CA LEU A 200 26.54 -16.87 20.40
C LEU A 200 26.92 -15.48 19.90
N GLU A 201 28.07 -15.36 19.24
CA GLU A 201 28.48 -14.07 18.73
C GLU A 201 27.87 -13.77 17.36
N LYS A 202 27.29 -14.78 16.71
CA LYS A 202 26.69 -14.51 15.42
C LYS A 202 25.38 -13.74 15.62
N PRO A 203 24.96 -12.97 14.61
CA PRO A 203 23.73 -12.17 14.64
C PRO A 203 22.57 -13.11 14.99
N PHE A 204 21.74 -12.73 15.95
CA PHE A 204 20.65 -13.65 16.33
C PHE A 204 19.74 -13.91 15.13
N LEU A 205 19.14 -15.11 15.12
CA LEU A 205 18.30 -15.50 14.00
C LEU A 205 17.28 -16.45 14.61
N LEU A 206 16.02 -16.07 14.51
CA LEU A 206 14.92 -16.83 15.08
C LEU A 206 13.83 -17.10 14.05
N PRO A 207 13.81 -18.30 13.48
CA PRO A 207 12.78 -18.62 12.49
C PRO A 207 11.46 -18.60 13.27
N VAL A 208 10.48 -17.86 12.78
CA VAL A 208 9.20 -17.79 13.49
C VAL A 208 8.37 -19.05 13.29
N GLU A 209 8.11 -19.76 14.37
CA GLU A 209 7.30 -20.98 14.33
C GLU A 209 5.81 -20.63 14.34
N SER A 210 5.46 -19.62 15.13
CA SER A 210 4.06 -19.26 15.25
C SER A 210 3.96 -17.86 15.83
N VAL A 211 2.75 -17.32 15.81
CA VAL A 211 2.51 -15.99 16.34
C VAL A 211 1.23 -16.06 17.18
N TYR A 212 1.23 -15.37 18.31
CA TYR A 212 0.02 -15.35 19.11
C TYR A 212 -0.01 -14.00 19.77
N SER A 213 -1.13 -13.68 20.43
CA SER A 213 -1.28 -12.40 21.09
C SER A 213 -1.61 -12.59 22.57
N ILE A 214 -1.13 -11.66 23.38
CA ILE A 214 -1.37 -11.64 24.82
C ILE A 214 -2.05 -10.30 25.07
N PRO A 215 -3.34 -10.32 25.46
CA PRO A 215 -4.06 -9.07 25.75
C PRO A 215 -3.28 -8.22 26.74
N GLY A 216 -3.18 -6.92 26.47
CA GLY A 216 -2.46 -6.04 27.37
C GLY A 216 -0.95 -6.04 27.20
N ARG A 217 -0.42 -7.02 26.48
CA ARG A 217 1.02 -7.04 26.28
C ARG A 217 1.41 -6.88 24.83
N GLY A 218 0.75 -7.63 23.94
CA GLY A 218 1.08 -7.51 22.53
C GLY A 218 1.27 -8.82 21.80
N THR A 219 1.92 -8.73 20.65
CA THR A 219 2.15 -9.88 19.80
C THR A 219 3.43 -10.59 20.17
N VAL A 220 3.36 -11.91 20.18
CA VAL A 220 4.50 -12.74 20.53
C VAL A 220 4.75 -13.70 19.39
N VAL A 221 6.02 -13.87 19.02
CA VAL A 221 6.37 -14.84 17.99
C VAL A 221 7.17 -15.88 18.76
N THR A 222 7.00 -17.14 18.37
CA THR A 222 7.73 -18.20 19.05
C THR A 222 8.74 -18.78 18.09
N GLY A 223 9.75 -19.44 18.63
CA GLY A 223 10.73 -20.04 17.78
C GLY A 223 11.94 -20.40 18.58
N THR A 224 12.83 -21.12 17.94
CA THR A 224 14.07 -21.52 18.56
C THR A 224 15.15 -20.63 17.98
N LEU A 225 15.94 -20.04 18.86
CA LEU A 225 17.02 -19.17 18.44
C LEU A 225 18.06 -20.12 17.84
N GLU A 226 18.30 -19.96 16.56
CA GLU A 226 19.25 -20.80 15.86
C GLU A 226 20.69 -20.39 16.13
N ARG A 227 20.91 -19.11 16.44
CA ARG A 227 22.26 -18.66 16.72
C ARG A 227 22.18 -17.32 17.41
N GLY A 228 23.28 -16.93 18.04
CA GLY A 228 23.32 -15.64 18.70
C GLY A 228 22.63 -15.52 20.04
N ILE A 229 22.53 -14.28 20.49
CA ILE A 229 21.92 -13.93 21.75
C ILE A 229 20.84 -12.91 21.48
N LEU A 230 19.69 -13.08 22.12
CA LEU A 230 18.59 -12.16 21.94
C LEU A 230 18.40 -11.54 23.30
N LYS A 231 18.35 -10.22 23.35
CA LYS A 231 18.18 -9.54 24.62
C LYS A 231 16.95 -8.67 24.58
N LYS A 232 16.28 -8.59 25.71
CA LYS A 232 15.09 -7.76 25.82
C LYS A 232 15.57 -6.36 25.46
N GLY A 233 14.83 -5.68 24.60
CA GLY A 233 15.19 -4.34 24.20
C GLY A 233 15.89 -4.31 22.86
N ASP A 234 16.31 -5.48 22.38
CA ASP A 234 17.01 -5.57 21.09
C ASP A 234 16.15 -5.21 19.91
N GLU A 235 16.74 -4.51 18.94
CA GLU A 235 16.02 -4.18 17.73
C GLU A 235 15.99 -5.48 16.94
N CYS A 236 14.93 -5.69 16.18
CA CYS A 236 14.85 -6.90 15.41
C CYS A 236 14.19 -6.55 14.10
N GLU A 237 14.38 -7.44 13.13
CA GLU A 237 13.82 -7.24 11.83
C GLU A 237 13.19 -8.57 11.42
N PHE A 238 12.01 -8.53 10.81
CA PHE A 238 11.39 -9.76 10.34
C PHE A 238 11.61 -9.79 8.84
N LEU A 239 12.19 -10.90 8.38
CA LEU A 239 12.57 -11.08 6.99
C LEU A 239 11.89 -12.29 6.35
N GLY A 240 11.49 -12.11 5.11
CA GLY A 240 10.83 -13.16 4.37
C GLY A 240 9.51 -12.62 3.85
N HIS A 241 8.96 -13.32 2.86
CA HIS A 241 7.70 -12.94 2.25
C HIS A 241 7.65 -11.50 1.77
N SER A 242 8.80 -10.98 1.33
CA SER A 242 8.88 -9.61 0.84
C SER A 242 8.42 -8.59 1.88
N LYS A 243 8.65 -8.89 3.14
CA LYS A 243 8.27 -7.96 4.17
C LYS A 243 9.51 -7.46 4.86
N ASN A 244 9.51 -6.19 5.20
CA ASN A 244 10.64 -5.62 5.91
C ASN A 244 10.00 -4.91 7.09
N ILE A 245 10.01 -5.61 8.21
CA ILE A 245 9.41 -5.10 9.41
C ILE A 245 10.49 -5.01 10.47
N ARG A 246 10.67 -3.82 11.02
CA ARG A 246 11.67 -3.68 12.05
C ARG A 246 10.99 -3.16 13.29
N THR A 247 11.36 -3.71 14.43
CA THR A 247 10.80 -3.24 15.67
C THR A 247 11.79 -3.60 16.78
N VAL A 248 11.29 -3.76 17.99
CA VAL A 248 12.12 -4.06 19.13
C VAL A 248 11.46 -5.20 19.89
N VAL A 249 12.29 -6.05 20.49
CA VAL A 249 11.79 -7.15 21.30
C VAL A 249 11.67 -6.56 22.69
N THR A 250 10.44 -6.48 23.16
CA THR A 250 10.16 -5.89 24.46
C THR A 250 9.97 -6.91 25.57
N GLY A 251 9.99 -8.19 25.21
CA GLY A 251 9.83 -9.20 26.23
C GLY A 251 10.26 -10.54 25.67
N ILE A 252 10.82 -11.38 26.53
CA ILE A 252 11.25 -12.72 26.16
C ILE A 252 10.65 -13.65 27.17
N GLU A 253 9.99 -14.70 26.71
CA GLU A 253 9.40 -15.63 27.64
C GLU A 253 9.77 -17.06 27.34
N MET A 254 10.16 -17.77 28.40
CA MET A 254 10.52 -19.18 28.35
C MET A 254 10.10 -19.75 29.68
N PHE A 255 9.55 -20.95 29.66
CA PHE A 255 9.11 -21.60 30.90
C PHE A 255 8.12 -20.71 31.66
N HIS A 256 7.30 -19.96 30.94
CA HIS A 256 6.31 -19.07 31.55
C HIS A 256 6.92 -17.96 32.40
N LYS A 257 8.20 -17.70 32.21
CA LYS A 257 8.87 -16.64 32.95
C LYS A 257 9.41 -15.60 31.99
N SER A 258 9.42 -14.34 32.41
CA SER A 258 9.93 -13.26 31.58
C SER A 258 11.44 -13.23 31.80
N LEU A 259 12.18 -13.19 30.70
CA LEU A 259 13.62 -13.18 30.75
C LEU A 259 14.19 -11.92 30.09
N ASP A 260 15.42 -11.58 30.47
CA ASP A 260 16.11 -10.43 29.90
C ASP A 260 16.92 -10.88 28.69
N ARG A 261 17.11 -12.19 28.56
CA ARG A 261 17.85 -12.72 27.42
C ARG A 261 17.65 -14.19 27.16
N ALA A 262 17.96 -14.56 25.92
CA ALA A 262 17.86 -15.94 25.48
C ALA A 262 19.05 -16.17 24.57
N GLU A 263 19.41 -17.43 24.42
CA GLU A 263 20.55 -17.82 23.61
C GLU A 263 20.23 -18.89 22.59
N ALA A 264 21.13 -19.02 21.63
CA ALA A 264 21.02 -20.04 20.59
C ALA A 264 20.60 -21.34 21.25
N GLY A 265 19.62 -22.00 20.66
CA GLY A 265 19.15 -23.25 21.22
C GLY A 265 17.93 -23.07 22.09
N ASP A 266 17.66 -21.84 22.52
CA ASP A 266 16.49 -21.58 23.36
C ASP A 266 15.20 -21.51 22.55
N ASN A 267 14.16 -22.19 23.01
CA ASN A 267 12.86 -22.18 22.35
C ASN A 267 12.13 -21.13 23.18
N LEU A 268 11.75 -20.02 22.56
CA LEU A 268 11.09 -18.95 23.31
C LEU A 268 9.94 -18.23 22.62
N GLY A 269 9.39 -17.29 23.36
CA GLY A 269 8.32 -16.46 22.85
C GLY A 269 8.90 -15.05 22.94
N ALA A 270 8.95 -14.35 21.82
CA ALA A 270 9.48 -12.99 21.82
C ALA A 270 8.33 -12.00 21.63
N LEU A 271 8.13 -11.14 22.63
CA LEU A 271 7.11 -10.10 22.55
C LEU A 271 7.72 -8.98 21.71
N VAL A 272 7.08 -8.60 20.61
CA VAL A 272 7.62 -7.56 19.76
C VAL A 272 6.75 -6.32 19.72
N ARG A 273 7.39 -5.17 19.91
CA ARG A 273 6.70 -3.89 19.97
C ARG A 273 5.86 -3.46 18.79
N GLY A 274 4.67 -2.96 19.10
CA GLY A 274 3.78 -2.43 18.09
C GLY A 274 3.08 -3.34 17.09
N LEU A 275 3.70 -4.45 16.72
CA LEU A 275 3.12 -5.32 15.72
C LEU A 275 1.88 -6.08 16.19
N LYS A 276 0.97 -6.30 15.25
CA LYS A 276 -0.24 -7.04 15.54
C LYS A 276 -0.07 -8.43 14.93
N ARG A 277 -0.92 -9.37 15.32
CA ARG A 277 -0.87 -10.72 14.79
C ARG A 277 -0.91 -10.72 13.27
N GLU A 278 -1.73 -9.83 12.70
CA GLU A 278 -1.86 -9.73 11.25
C GLU A 278 -0.55 -9.41 10.53
N ASP A 279 0.38 -8.75 11.23
CA ASP A 279 1.67 -8.35 10.66
C ASP A 279 2.66 -9.48 10.47
N LEU A 280 2.50 -10.53 11.25
CA LEU A 280 3.45 -11.61 11.25
C LEU A 280 2.87 -12.98 10.96
N ARG A 281 3.74 -13.89 10.54
CA ARG A 281 3.31 -15.24 10.24
C ARG A 281 4.48 -16.19 10.35
N ARG A 282 4.14 -17.46 10.57
CA ARG A 282 5.15 -18.50 10.62
C ARG A 282 5.94 -18.36 9.33
N GLY A 283 7.24 -18.58 9.36
CA GLY A 283 8.00 -18.50 8.11
C GLY A 283 8.93 -17.31 8.06
N LEU A 284 8.51 -16.23 8.71
CA LEU A 284 9.37 -15.07 8.78
C LEU A 284 10.51 -15.45 9.69
N VAL A 285 11.62 -14.76 9.54
CA VAL A 285 12.75 -14.99 10.41
C VAL A 285 12.96 -13.67 11.09
N MET A 286 13.11 -13.70 12.41
CA MET A 286 13.35 -12.48 13.16
C MET A 286 14.85 -12.50 13.36
N ALA A 287 15.52 -11.41 13.00
CA ALA A 287 16.96 -11.38 13.10
C ALA A 287 17.49 -10.00 13.43
N LYS A 288 18.76 -9.96 13.83
CA LYS A 288 19.39 -8.67 14.12
C LYS A 288 19.26 -7.91 12.80
N PRO A 289 18.77 -6.66 12.85
CA PRO A 289 18.60 -5.85 11.63
C PRO A 289 19.81 -5.83 10.72
N GLY A 290 19.57 -5.99 9.42
CA GLY A 290 20.62 -5.98 8.41
C GLY A 290 21.62 -7.12 8.43
N SER A 291 21.51 -8.02 9.41
CA SER A 291 22.45 -9.12 9.56
C SER A 291 22.35 -10.16 8.46
N ILE A 292 21.16 -10.31 7.90
CA ILE A 292 20.96 -11.28 6.83
C ILE A 292 20.04 -10.70 5.78
N GLN A 293 20.20 -11.17 4.56
CA GLN A 293 19.38 -10.72 3.45
C GLN A 293 18.60 -11.88 2.84
N PRO A 294 17.30 -11.69 2.61
CA PRO A 294 16.50 -12.75 2.01
C PRO A 294 17.07 -13.01 0.62
N HIS A 295 16.99 -14.26 0.17
CA HIS A 295 17.46 -14.61 -1.17
C HIS A 295 16.29 -15.23 -1.92
N GLN A 296 16.23 -15.05 -3.23
CA GLN A 296 15.13 -15.62 -3.98
C GLN A 296 15.64 -16.67 -4.97
N LYS A 297 16.95 -16.75 -5.09
CA LYS A 297 17.57 -17.70 -6.01
C LYS A 297 18.77 -18.34 -5.37
N VAL A 298 18.89 -19.65 -5.53
CA VAL A 298 20.00 -20.38 -4.97
C VAL A 298 20.40 -21.53 -5.85
N GLU A 299 21.62 -22.00 -5.63
CA GLU A 299 22.12 -23.18 -6.29
C GLU A 299 22.15 -24.09 -5.08
N ALA A 300 21.91 -25.37 -5.29
CA ALA A 300 21.90 -26.29 -4.16
C ALA A 300 22.20 -27.67 -4.66
N GLN A 301 22.75 -28.49 -3.77
CA GLN A 301 23.04 -29.87 -4.12
C GLN A 301 21.74 -30.49 -3.59
N VAL A 302 21.00 -31.15 -4.47
CA VAL A 302 19.72 -31.72 -4.08
C VAL A 302 19.66 -33.21 -4.32
N TYR A 303 19.21 -33.94 -3.30
CA TYR A 303 19.02 -35.37 -3.44
C TYR A 303 17.55 -35.58 -3.79
N ILE A 304 17.30 -36.19 -4.93
CA ILE A 304 15.94 -36.44 -5.37
C ILE A 304 15.54 -37.80 -4.81
N LEU A 305 14.51 -37.82 -3.96
CA LEU A 305 14.06 -39.06 -3.35
C LEU A 305 13.52 -40.10 -4.34
N THR A 306 13.70 -41.37 -3.99
CA THR A 306 13.20 -42.46 -4.81
C THR A 306 11.77 -42.68 -4.32
N LYS A 307 10.99 -43.47 -5.06
CA LYS A 307 9.62 -43.73 -4.65
C LYS A 307 9.61 -44.55 -3.36
N GLU A 308 10.66 -45.35 -3.15
CA GLU A 308 10.73 -46.16 -1.94
C GLU A 308 10.93 -45.26 -0.72
N GLU A 309 11.44 -44.06 -0.94
CA GLU A 309 11.65 -43.11 0.14
C GLU A 309 10.46 -42.17 0.24
N GLY A 310 9.45 -42.43 -0.59
CA GLY A 310 8.26 -41.62 -0.60
C GLY A 310 8.26 -40.51 -1.64
N GLY A 311 9.28 -40.51 -2.49
CA GLY A 311 9.39 -39.48 -3.52
C GLY A 311 8.68 -39.82 -4.82
N ARG A 312 9.06 -39.16 -5.90
CA ARG A 312 8.46 -39.39 -7.21
C ARG A 312 8.88 -40.74 -7.77
N HIS A 313 8.07 -41.25 -8.70
CA HIS A 313 8.36 -42.51 -9.34
C HIS A 313 9.01 -42.19 -10.67
N LYS A 314 8.63 -41.03 -11.21
CA LYS A 314 9.11 -40.55 -12.49
C LYS A 314 10.02 -39.34 -12.32
N PRO A 315 10.95 -39.13 -13.25
CA PRO A 315 11.88 -38.00 -13.21
C PRO A 315 11.13 -36.72 -13.49
N PHE A 316 11.72 -35.58 -13.16
CA PHE A 316 11.06 -34.33 -13.46
C PHE A 316 11.99 -33.54 -14.35
N VAL A 317 11.43 -32.55 -15.02
CA VAL A 317 12.23 -31.74 -15.93
C VAL A 317 12.49 -30.35 -15.39
N SER A 318 13.26 -29.56 -16.13
CA SER A 318 13.57 -28.21 -15.72
C SER A 318 12.25 -27.44 -15.65
N HIS A 319 12.17 -26.48 -14.75
CA HIS A 319 10.98 -25.66 -14.59
C HIS A 319 9.89 -26.33 -13.74
N PHE A 320 10.22 -27.48 -13.17
CA PHE A 320 9.30 -28.18 -12.27
C PHE A 320 9.07 -27.22 -11.10
N MET A 321 7.86 -27.17 -10.58
CA MET A 321 7.54 -26.25 -9.48
C MET A 321 7.03 -26.83 -8.17
N PRO A 322 7.95 -27.34 -7.33
CA PRO A 322 7.48 -27.89 -6.05
C PRO A 322 7.40 -26.73 -5.07
N VAL A 323 7.24 -27.04 -3.81
CA VAL A 323 7.21 -26.01 -2.79
C VAL A 323 8.42 -26.30 -1.95
N MET A 324 9.21 -25.28 -1.69
CA MET A 324 10.38 -25.46 -0.85
C MET A 324 10.03 -25.20 0.61
N PHE A 325 10.46 -26.10 1.48
CA PHE A 325 10.26 -25.92 2.91
C PHE A 325 11.65 -25.80 3.50
N SER A 326 11.88 -24.73 4.25
CA SER A 326 13.18 -24.56 4.88
C SER A 326 12.89 -23.77 6.15
N LEU A 327 13.67 -24.00 7.19
CA LEU A 327 13.43 -23.33 8.46
C LEU A 327 11.96 -23.53 8.78
N THR A 328 11.23 -22.46 9.06
CA THR A 328 9.80 -22.63 9.35
C THR A 328 8.92 -22.18 8.21
N TRP A 329 9.53 -21.84 7.07
CA TRP A 329 8.72 -21.38 5.95
C TRP A 329 8.52 -22.36 4.81
N ASP A 330 7.58 -22.01 3.94
CA ASP A 330 7.31 -22.82 2.77
C ASP A 330 7.12 -21.81 1.66
N MET A 331 7.65 -22.10 0.49
CA MET A 331 7.53 -21.15 -0.60
C MET A 331 7.65 -21.87 -1.93
N ALA A 332 6.76 -21.53 -2.86
CA ALA A 332 6.79 -22.14 -4.17
C ALA A 332 8.12 -21.79 -4.80
N CYS A 333 8.65 -22.67 -5.62
CA CYS A 333 9.91 -22.39 -6.30
C CYS A 333 9.91 -23.09 -7.64
N ARG A 334 10.79 -22.64 -8.52
CA ARG A 334 10.93 -23.26 -9.83
C ARG A 334 12.33 -23.80 -9.90
N ILE A 335 12.46 -25.03 -10.36
CA ILE A 335 13.75 -25.67 -10.47
C ILE A 335 14.29 -25.58 -11.88
N ILE A 336 15.60 -25.36 -11.98
CA ILE A 336 16.28 -25.29 -13.26
C ILE A 336 17.34 -26.36 -13.23
N LEU A 337 17.25 -27.34 -14.12
CA LEU A 337 18.23 -28.41 -14.16
C LEU A 337 19.57 -27.86 -14.63
N PRO A 338 20.66 -28.58 -14.33
CA PRO A 338 22.02 -28.20 -14.71
C PRO A 338 22.15 -28.16 -16.22
N PRO A 339 23.19 -27.48 -16.72
CA PRO A 339 23.37 -27.42 -18.17
C PRO A 339 23.52 -28.83 -18.73
N GLY A 340 22.78 -29.17 -19.78
CA GLY A 340 22.87 -30.50 -20.35
C GLY A 340 21.79 -31.39 -19.76
N LYS A 341 21.70 -31.41 -18.44
CA LYS A 341 20.70 -32.22 -17.75
C LYS A 341 19.31 -31.94 -18.30
N GLU A 342 18.61 -33.01 -18.65
CA GLU A 342 17.26 -32.90 -19.19
C GLU A 342 16.24 -33.54 -18.28
N LEU A 343 16.72 -34.35 -17.34
CA LEU A 343 15.83 -35.04 -16.42
C LEU A 343 16.46 -35.23 -15.04
N ALA A 344 15.67 -35.03 -14.01
CA ALA A 344 16.13 -35.23 -12.64
C ALA A 344 15.57 -36.57 -12.24
N MET A 345 16.43 -37.58 -12.13
CA MET A 345 16.01 -38.94 -11.80
C MET A 345 15.88 -39.22 -10.30
N PRO A 346 14.82 -39.94 -9.91
CA PRO A 346 14.66 -40.26 -8.48
C PRO A 346 15.89 -41.04 -8.03
N GLY A 347 16.36 -40.75 -6.81
CA GLY A 347 17.51 -41.44 -6.28
C GLY A 347 18.84 -40.80 -6.67
N GLU A 348 18.77 -39.75 -7.47
CA GLU A 348 19.94 -39.04 -7.94
C GLU A 348 20.16 -37.74 -7.16
N ASP A 349 21.41 -37.31 -7.00
CA ASP A 349 21.66 -36.04 -6.35
C ASP A 349 22.28 -35.17 -7.44
N LEU A 350 21.90 -33.90 -7.50
CA LEU A 350 22.45 -33.04 -8.53
C LEU A 350 22.42 -31.58 -8.10
N LYS A 351 23.19 -30.76 -8.81
CA LYS A 351 23.22 -29.36 -8.48
C LYS A 351 22.10 -28.70 -9.25
N LEU A 352 21.15 -28.12 -8.51
CA LEU A 352 20.02 -27.47 -9.12
C LEU A 352 20.06 -25.98 -8.83
N THR A 353 19.30 -25.23 -9.60
CA THR A 353 19.16 -23.81 -9.38
C THR A 353 17.69 -23.67 -9.07
N LEU A 354 17.36 -23.05 -7.95
CA LEU A 354 15.97 -22.86 -7.59
C LEU A 354 15.67 -21.40 -7.39
N ILE A 355 14.53 -20.97 -7.93
CA ILE A 355 14.10 -19.59 -7.79
C ILE A 355 12.80 -19.63 -7.01
N LEU A 356 12.74 -18.87 -5.92
CA LEU A 356 11.56 -18.81 -5.09
C LEU A 356 10.58 -17.76 -5.62
N ARG A 357 9.31 -17.94 -5.29
CA ARG A 357 8.29 -16.99 -5.73
C ARG A 357 8.59 -15.66 -5.02
N GLN A 358 9.10 -15.77 -3.80
CA GLN A 358 9.44 -14.60 -2.99
C GLN A 358 10.73 -14.84 -2.23
N PRO A 359 11.54 -13.80 -2.03
CA PRO A 359 12.78 -13.97 -1.29
C PRO A 359 12.47 -14.42 0.14
N MET A 360 13.32 -15.30 0.67
CA MET A 360 13.15 -15.83 2.02
C MET A 360 14.52 -15.98 2.63
N ILE A 361 14.60 -16.21 3.93
CA ILE A 361 15.90 -16.44 4.52
C ILE A 361 16.32 -17.81 4.03
N LEU A 362 17.35 -17.84 3.20
CA LEU A 362 17.82 -19.08 2.60
C LEU A 362 19.32 -18.85 2.38
N GLU A 363 20.06 -19.22 3.42
CA GLU A 363 21.51 -19.04 3.49
C GLU A 363 22.33 -20.17 2.95
N LYS A 364 23.59 -19.90 2.62
CA LYS A 364 24.46 -20.97 2.16
C LYS A 364 24.60 -21.91 3.34
N GLY A 365 24.54 -23.22 3.09
CA GLY A 365 24.67 -24.16 4.18
C GLY A 365 23.31 -24.54 4.76
N GLN A 366 22.28 -23.74 4.45
CA GLN A 366 20.94 -23.98 4.94
C GLN A 366 20.31 -25.17 4.18
N ARG A 367 19.57 -26.01 4.89
CA ARG A 367 18.95 -27.15 4.23
C ARG A 367 17.48 -26.90 3.96
N PHE A 368 16.92 -27.66 3.02
CA PHE A 368 15.53 -27.53 2.68
C PHE A 368 14.99 -28.80 2.08
N THR A 369 13.68 -28.87 1.94
CA THR A 369 13.08 -30.03 1.30
C THR A 369 12.19 -29.43 0.24
N LEU A 370 11.89 -30.25 -0.76
CA LEU A 370 11.04 -29.86 -1.85
C LEU A 370 9.89 -30.81 -1.78
N ARG A 371 8.68 -30.27 -1.77
CA ARG A 371 7.50 -31.11 -1.69
C ARG A 371 6.56 -30.80 -2.81
N ASP A 372 5.97 -31.85 -3.37
CA ASP A 372 5.03 -31.70 -4.45
C ASP A 372 3.74 -32.32 -3.93
N GLY A 373 2.87 -31.46 -3.44
CA GLY A 373 1.62 -31.93 -2.89
C GLY A 373 1.87 -32.38 -1.46
N ASN A 374 1.59 -33.64 -1.17
CA ASN A 374 1.78 -34.15 0.18
C ASN A 374 3.03 -35.00 0.36
N ARG A 375 3.92 -35.01 -0.63
CA ARG A 375 5.14 -35.78 -0.52
C ARG A 375 6.42 -35.02 -0.82
N THR A 376 7.46 -35.36 -0.07
CA THR A 376 8.77 -34.76 -0.23
C THR A 376 9.40 -35.45 -1.43
N ILE A 377 9.84 -34.67 -2.41
CA ILE A 377 10.44 -35.24 -3.60
C ILE A 377 11.93 -34.96 -3.66
N GLY A 378 12.40 -34.07 -2.78
CA GLY A 378 13.80 -33.75 -2.74
C GLY A 378 14.21 -33.09 -1.44
N THR A 379 15.48 -33.24 -1.11
CA THR A 379 16.04 -32.66 0.09
C THR A 379 17.35 -32.05 -0.39
N GLY A 380 17.60 -30.80 0.00
CA GLY A 380 18.80 -30.15 -0.48
C GLY A 380 19.57 -29.33 0.51
N LEU A 381 20.68 -28.80 0.00
CA LEU A 381 21.61 -27.97 0.75
C LEU A 381 21.95 -26.76 -0.12
N VAL A 382 21.77 -25.56 0.40
CA VAL A 382 22.10 -24.37 -0.39
C VAL A 382 23.62 -24.29 -0.47
N THR A 383 24.14 -24.14 -1.68
CA THR A 383 25.59 -24.06 -1.84
C THR A 383 26.01 -22.69 -2.33
N ASP A 384 25.08 -21.96 -2.96
CA ASP A 384 25.39 -20.60 -3.39
C ASP A 384 24.09 -19.82 -3.49
N THR A 385 24.20 -18.50 -3.46
CA THR A 385 23.03 -17.64 -3.51
C THR A 385 23.18 -16.59 -4.61
N PRO A 386 23.15 -17.04 -5.88
CA PRO A 386 23.28 -16.18 -7.06
C PRO A 386 22.23 -15.08 -7.11
N ALA A 387 22.64 -13.90 -7.56
CA ALA A 387 21.70 -12.79 -7.67
C ALA A 387 20.70 -13.12 -8.78
N MET A 388 19.48 -12.61 -8.61
CA MET A 388 18.40 -12.83 -9.55
C MET A 388 18.75 -12.20 -10.92
N THR A 389 18.44 -12.89 -12.01
CA THR A 389 18.71 -12.33 -13.34
C THR A 389 17.45 -11.63 -13.80
N GLU A 390 17.54 -10.89 -14.90
CA GLU A 390 16.38 -10.20 -15.41
C GLU A 390 15.24 -11.13 -15.77
N GLU A 391 15.54 -12.21 -16.46
CA GLU A 391 14.47 -13.13 -16.82
C GLU A 391 13.99 -13.87 -15.57
N ASP A 392 14.86 -14.03 -14.58
CA ASP A 392 14.44 -14.69 -13.34
C ASP A 392 13.32 -13.85 -12.74
N LYS A 393 13.56 -12.55 -12.60
CA LYS A 393 12.56 -11.66 -12.01
C LYS A 393 11.28 -11.68 -12.84
N ASN A 394 11.41 -11.97 -14.13
CA ASN A 394 10.27 -12.04 -15.00
C ASN A 394 9.64 -13.42 -15.00
N ILE A 395 9.48 -14.00 -13.81
CA ILE A 395 8.87 -15.31 -13.70
C ILE A 395 7.38 -15.17 -13.44
N LYS A 396 6.60 -16.02 -14.09
CA LYS A 396 5.16 -16.00 -13.91
C LYS A 396 4.67 -17.18 -13.08
N TRP A 397 4.03 -16.87 -11.96
CA TRP A 397 3.51 -17.90 -11.08
C TRP A 397 1.98 -17.86 -11.12
N LYS B 1 -6.35 24.46 -4.16
CA LYS B 1 -7.35 23.61 -3.46
C LYS B 1 -8.66 23.73 -4.21
N PRO B 2 -9.63 22.84 -3.91
CA PRO B 2 -10.92 22.93 -4.59
C PRO B 2 -11.51 24.31 -4.37
N HIS B 3 -12.18 24.85 -5.38
CA HIS B 3 -12.79 26.16 -5.25
C HIS B 3 -14.28 26.04 -5.00
N VAL B 4 -14.78 26.80 -4.04
CA VAL B 4 -16.20 26.76 -3.71
C VAL B 4 -16.78 28.17 -3.58
N ASN B 5 -17.92 28.38 -4.23
CA ASN B 5 -18.58 29.67 -4.16
C ASN B 5 -19.67 29.59 -3.10
N VAL B 6 -19.58 30.46 -2.12
CA VAL B 6 -20.56 30.49 -1.04
C VAL B 6 -21.00 31.92 -0.82
N GLY B 7 -21.98 32.09 0.06
CA GLY B 7 -22.45 33.43 0.33
C GLY B 7 -23.26 33.43 1.60
N THR B 8 -23.26 34.59 2.26
CA THR B 8 -24.03 34.75 3.47
C THR B 8 -25.42 35.21 3.06
N ILE B 9 -26.44 34.59 3.64
CA ILE B 9 -27.82 34.95 3.37
C ILE B 9 -28.46 35.12 4.75
N GLY B 10 -29.65 35.67 4.80
CA GLY B 10 -30.30 35.89 6.08
C GLY B 10 -30.83 37.32 6.13
N HIS B 11 -31.74 37.58 7.07
CA HIS B 11 -32.36 38.89 7.20
C HIS B 11 -31.38 40.01 7.53
N VAL B 12 -31.70 41.22 7.07
CA VAL B 12 -30.85 42.38 7.29
C VAL B 12 -30.50 42.62 8.74
N ASP B 13 -29.28 43.11 8.96
CA ASP B 13 -28.80 43.45 10.28
C ASP B 13 -28.48 42.24 11.16
N HIS B 14 -28.61 41.02 10.63
CA HIS B 14 -28.32 39.86 11.47
C HIS B 14 -26.85 39.52 11.64
N GLY B 15 -25.97 40.15 10.86
CA GLY B 15 -24.55 39.91 11.01
C GLY B 15 -23.82 39.28 9.84
N LYS B 16 -24.45 39.22 8.69
CA LYS B 16 -23.84 38.63 7.50
C LYS B 16 -22.49 39.26 7.15
N THR B 17 -22.43 40.58 7.17
CA THR B 17 -21.21 41.30 6.83
C THR B 17 -20.16 41.15 7.92
N THR B 18 -20.59 41.17 9.17
CA THR B 18 -19.67 41.03 10.28
C THR B 18 -19.06 39.63 10.21
N LEU B 19 -19.88 38.64 9.91
CA LEU B 19 -19.38 37.27 9.80
C LEU B 19 -18.35 37.18 8.68
N THR B 20 -18.74 37.70 7.52
CA THR B 20 -17.87 37.68 6.35
C THR B 20 -16.53 38.35 6.69
N ALA B 21 -16.59 39.52 7.30
CA ALA B 21 -15.38 40.26 7.66
C ALA B 21 -14.56 39.46 8.67
N ALA B 22 -15.23 38.90 9.67
CA ALA B 22 -14.56 38.11 10.69
C ALA B 22 -13.85 36.91 10.05
N ILE B 23 -14.50 36.31 9.06
CA ILE B 23 -13.92 35.17 8.37
C ILE B 23 -12.63 35.57 7.64
N THR B 24 -12.70 36.67 6.90
CA THR B 24 -11.52 37.14 6.15
C THR B 24 -10.39 37.53 7.09
N LYS B 25 -10.72 38.10 8.24
CA LYS B 25 -9.71 38.52 9.20
C LYS B 25 -9.05 37.30 9.87
N ILE B 26 -9.88 36.35 10.29
CA ILE B 26 -9.38 35.14 10.94
C ILE B 26 -8.52 34.28 10.02
N LEU B 27 -8.98 34.08 8.79
CA LEU B 27 -8.23 33.26 7.85
C LEU B 27 -7.01 33.97 7.27
N ALA B 28 -7.06 35.30 7.21
CA ALA B 28 -5.94 36.07 6.68
C ALA B 28 -4.96 36.41 7.80
N GLU B 29 -5.17 35.78 8.95
CA GLU B 29 -4.31 36.00 10.13
C GLU B 29 -3.00 35.22 10.05
N GLY B 30 -2.98 34.16 9.25
CA GLY B 30 -1.76 33.37 9.10
C GLY B 30 -0.75 34.13 8.27
N GLY B 31 -0.89 35.46 8.31
CA GLY B 31 -0.01 36.33 7.56
C GLY B 31 -0.73 36.99 6.40
N GLY B 32 -0.80 38.32 6.40
CA GLY B 32 -1.48 39.01 5.33
C GLY B 32 -1.41 40.52 5.44
N ALA B 33 -1.03 41.16 4.35
CA ALA B 33 -0.93 42.61 4.30
C ALA B 33 -2.28 43.26 3.98
N LYS B 34 -3.12 42.56 3.22
CA LYS B 34 -4.41 43.13 2.86
C LYS B 34 -5.55 42.11 2.81
N PHE B 35 -6.68 42.48 3.43
CA PHE B 35 -7.88 41.66 3.47
C PHE B 35 -9.03 42.65 3.72
N LYS B 36 -10.18 42.39 3.11
CA LYS B 36 -11.35 43.27 3.23
C LYS B 36 -11.91 43.39 4.65
N LYS B 37 -12.08 44.64 5.12
CA LYS B 37 -12.64 44.91 6.44
C LYS B 37 -14.14 45.11 6.31
N TYR B 38 -14.84 45.11 7.44
CA TYR B 38 -16.30 45.29 7.46
C TYR B 38 -16.71 46.41 6.52
N GLU B 39 -16.45 47.64 6.93
CA GLU B 39 -16.79 48.83 6.16
C GLU B 39 -16.56 48.65 4.67
N GLU B 40 -15.41 48.09 4.31
CA GLU B 40 -15.07 47.87 2.92
C GLU B 40 -15.97 46.86 2.22
N ILE B 41 -16.58 45.98 3.00
CA ILE B 41 -17.49 44.98 2.45
C ILE B 41 -18.94 45.45 2.60
N ASP B 42 -19.21 46.22 3.64
CA ASP B 42 -20.56 46.73 3.89
C ASP B 42 -20.97 47.65 2.75
N ASN B 43 -19.99 48.35 2.21
CA ASN B 43 -20.19 49.22 1.06
C ASN B 43 -19.53 48.54 -0.12
N ALA B 44 -20.22 47.56 -0.71
CA ALA B 44 -19.71 46.79 -1.84
C ALA B 44 -19.96 47.42 -3.21
N PRO B 45 -19.20 46.97 -4.22
CA PRO B 45 -19.33 47.48 -5.58
C PRO B 45 -20.75 47.32 -6.10
N GLU B 46 -21.04 47.97 -7.21
CA GLU B 46 -22.33 47.89 -7.86
C GLU B 46 -22.08 47.21 -9.19
N GLU B 47 -22.59 45.99 -9.34
CA GLU B 47 -22.39 45.26 -10.58
C GLU B 47 -23.63 45.27 -11.46
N ARG B 48 -23.49 45.96 -12.59
CA ARG B 48 -24.57 46.08 -13.58
C ARG B 48 -24.48 44.87 -14.51
N ALA B 49 -25.32 43.88 -14.27
CA ALA B 49 -25.32 42.69 -15.08
C ALA B 49 -26.58 42.61 -15.93
N ARG B 50 -26.46 42.96 -17.20
CA ARG B 50 -27.58 42.93 -18.13
C ARG B 50 -28.61 44.01 -17.81
N GLY B 51 -28.12 45.21 -17.46
CA GLY B 51 -29.03 46.30 -17.16
C GLY B 51 -29.52 46.40 -15.73
N ILE B 52 -29.43 45.29 -15.00
CA ILE B 52 -29.87 45.28 -13.61
C ILE B 52 -28.69 45.61 -12.71
N THR B 53 -28.91 46.52 -11.77
CA THR B 53 -27.86 46.91 -10.84
C THR B 53 -28.07 46.19 -9.52
N ILE B 54 -26.99 45.61 -9.01
CA ILE B 54 -27.02 44.88 -7.75
C ILE B 54 -25.75 45.13 -6.97
N ASN B 55 -25.90 45.62 -5.75
CA ASN B 55 -24.73 45.87 -4.91
C ASN B 55 -24.34 44.56 -4.26
N ALA B 56 -23.12 44.10 -4.57
CA ALA B 56 -22.64 42.84 -4.03
C ALA B 56 -21.14 42.87 -3.72
N ALA B 57 -20.79 42.33 -2.56
CA ALA B 57 -19.40 42.26 -2.13
C ALA B 57 -18.90 40.85 -2.41
N HIS B 58 -17.73 40.76 -3.05
CA HIS B 58 -17.14 39.46 -3.35
C HIS B 58 -15.77 39.38 -2.72
N VAL B 59 -15.66 38.59 -1.65
CA VAL B 59 -14.38 38.42 -0.98
C VAL B 59 -13.90 36.99 -1.15
N GLU B 60 -12.58 36.83 -1.12
CA GLU B 60 -11.98 35.51 -1.25
C GLU B 60 -11.16 35.21 -0.02
N TYR B 61 -11.26 33.97 0.43
CA TYR B 61 -10.52 33.52 1.59
C TYR B 61 -10.38 32.01 1.43
N SER B 62 -9.38 31.43 2.08
CA SER B 62 -9.16 30.00 1.97
C SER B 62 -9.01 29.34 3.32
N THR B 63 -9.54 28.13 3.44
CA THR B 63 -9.43 27.37 4.67
C THR B 63 -8.30 26.39 4.44
N ALA B 64 -8.08 25.50 5.40
CA ALA B 64 -7.03 24.50 5.30
C ALA B 64 -7.40 23.43 4.28
N ALA B 65 -8.54 23.61 3.60
CA ALA B 65 -8.97 22.62 2.62
C ALA B 65 -9.53 23.15 1.32
N ARG B 66 -10.11 24.35 1.35
CA ARG B 66 -10.72 24.88 0.13
C ARG B 66 -10.58 26.38 -0.07
N HIS B 67 -10.59 26.80 -1.34
CA HIS B 67 -10.52 28.22 -1.69
C HIS B 67 -11.96 28.65 -1.92
N TYR B 68 -12.37 29.72 -1.25
CA TYR B 68 -13.75 30.19 -1.37
C TYR B 68 -13.95 31.54 -2.04
N ALA B 69 -15.01 31.62 -2.85
CA ALA B 69 -15.40 32.85 -3.51
C ALA B 69 -16.65 33.14 -2.71
N HIS B 70 -16.63 34.19 -1.91
CA HIS B 70 -17.76 34.49 -1.06
C HIS B 70 -18.43 35.82 -1.39
N THR B 71 -19.74 35.79 -1.57
CA THR B 71 -20.46 37.00 -1.88
C THR B 71 -21.38 37.37 -0.73
N ASP B 72 -21.40 38.65 -0.40
CA ASP B 72 -22.24 39.17 0.66
C ASP B 72 -22.92 40.38 0.03
N CYS B 73 -24.21 40.55 0.30
CA CYS B 73 -24.93 41.67 -0.27
C CYS B 73 -25.48 42.58 0.82
N PRO B 74 -25.47 43.89 0.57
CA PRO B 74 -25.96 44.86 1.54
C PRO B 74 -27.44 44.66 1.90
N GLY B 75 -28.30 44.71 0.90
CA GLY B 75 -29.72 44.56 1.18
C GLY B 75 -30.45 43.39 0.57
N HIS B 76 -31.64 43.13 1.12
CA HIS B 76 -32.50 42.06 0.66
C HIS B 76 -32.76 42.11 -0.84
N ALA B 77 -32.92 43.33 -1.36
CA ALA B 77 -33.18 43.52 -2.78
C ALA B 77 -32.04 42.97 -3.62
N ASP B 78 -30.82 43.17 -3.13
CA ASP B 78 -29.64 42.70 -3.83
C ASP B 78 -29.67 41.18 -3.91
N TYR B 79 -30.07 40.53 -2.83
CA TYR B 79 -30.15 39.07 -2.80
C TYR B 79 -31.22 38.54 -3.75
N VAL B 80 -32.43 39.07 -3.63
CA VAL B 80 -33.53 38.65 -4.48
C VAL B 80 -33.13 38.74 -5.95
N LYS B 81 -32.68 39.92 -6.38
CA LYS B 81 -32.28 40.11 -7.76
C LYS B 81 -31.13 39.18 -8.14
N ASN B 82 -30.09 39.18 -7.31
CA ASN B 82 -28.92 38.37 -7.57
C ASN B 82 -29.24 36.89 -7.72
N MET B 83 -30.03 36.35 -6.81
CA MET B 83 -30.36 34.94 -6.89
C MET B 83 -31.29 34.59 -8.05
N ILE B 84 -32.17 35.51 -8.42
CA ILE B 84 -33.08 35.27 -9.54
C ILE B 84 -32.38 35.50 -10.87
N THR B 85 -31.50 36.49 -10.93
CA THR B 85 -30.77 36.81 -12.15
C THR B 85 -29.56 35.91 -12.36
N GLY B 86 -29.35 34.99 -11.43
CA GLY B 86 -28.24 34.06 -11.52
C GLY B 86 -26.90 34.66 -11.87
N THR B 87 -26.58 35.78 -11.24
CA THR B 87 -25.32 36.48 -11.48
C THR B 87 -24.13 35.87 -10.72
N ALA B 88 -24.38 35.40 -9.50
CA ALA B 88 -23.32 34.81 -8.70
C ALA B 88 -23.57 33.33 -8.41
N PRO B 89 -22.86 32.43 -9.12
CA PRO B 89 -23.00 30.99 -8.93
C PRO B 89 -22.92 30.66 -7.44
N LEU B 90 -23.56 29.59 -7.02
CA LEU B 90 -23.54 29.28 -5.59
C LEU B 90 -23.62 27.79 -5.30
N ASP B 91 -22.66 27.30 -4.52
CA ASP B 91 -22.60 25.90 -4.16
C ASP B 91 -23.18 25.63 -2.77
N GLY B 92 -23.25 26.67 -1.96
CA GLY B 92 -23.78 26.55 -0.62
C GLY B 92 -23.94 27.90 0.03
N CYS B 93 -24.81 27.98 1.04
CA CYS B 93 -25.03 29.24 1.71
C CYS B 93 -24.81 29.17 3.20
N ILE B 94 -24.37 30.29 3.75
CA ILE B 94 -24.16 30.41 5.17
C ILE B 94 -25.37 31.25 5.60
N LEU B 95 -26.32 30.61 6.27
CA LEU B 95 -27.51 31.31 6.73
C LEU B 95 -27.25 31.90 8.09
N VAL B 96 -27.19 33.22 8.16
CA VAL B 96 -26.94 33.90 9.41
C VAL B 96 -28.27 34.29 10.02
N VAL B 97 -28.47 33.91 11.27
CA VAL B 97 -29.70 34.25 11.97
C VAL B 97 -29.35 34.78 13.36
N ALA B 98 -29.62 36.06 13.58
CA ALA B 98 -29.33 36.69 14.87
C ALA B 98 -30.17 36.03 15.95
N ALA B 99 -29.49 35.46 16.95
CA ALA B 99 -30.14 34.77 18.06
C ALA B 99 -31.28 35.56 18.69
N ASN B 100 -31.05 36.84 18.95
CA ASN B 100 -32.06 37.70 19.58
C ASN B 100 -33.24 38.02 18.68
N ASP B 101 -33.08 37.83 17.38
CA ASP B 101 -34.16 38.12 16.43
C ASP B 101 -34.85 36.84 15.95
N GLY B 102 -34.08 35.77 15.79
CA GLY B 102 -34.64 34.53 15.30
C GLY B 102 -34.94 34.67 13.82
N PRO B 103 -35.38 33.61 13.14
CA PRO B 103 -35.66 33.72 11.71
C PRO B 103 -36.65 34.85 11.44
N MET B 104 -36.31 35.70 10.48
CA MET B 104 -37.15 36.83 10.09
C MET B 104 -37.67 36.57 8.68
N PRO B 105 -38.53 37.45 8.16
CA PRO B 105 -39.09 37.28 6.81
C PRO B 105 -38.06 37.04 5.71
N GLN B 106 -36.99 37.84 5.70
CA GLN B 106 -35.95 37.69 4.69
C GLN B 106 -35.20 36.37 4.84
N THR B 107 -35.14 35.87 6.07
CA THR B 107 -34.48 34.60 6.34
C THR B 107 -35.15 33.53 5.50
N ARG B 108 -36.49 33.55 5.53
CA ARG B 108 -37.29 32.58 4.80
C ARG B 108 -37.20 32.77 3.29
N GLU B 109 -37.20 34.02 2.84
CA GLU B 109 -37.13 34.31 1.41
C GLU B 109 -35.81 33.84 0.84
N HIS B 110 -34.73 34.10 1.56
CA HIS B 110 -33.41 33.68 1.08
C HIS B 110 -33.31 32.16 1.01
N LEU B 111 -33.89 31.48 2.00
CA LEU B 111 -33.87 30.02 2.01
C LEU B 111 -34.64 29.48 0.82
N LEU B 112 -35.78 30.08 0.54
CA LEU B 112 -36.60 29.66 -0.58
C LEU B 112 -35.80 29.85 -1.85
N LEU B 113 -35.29 31.07 -2.03
CA LEU B 113 -34.49 31.39 -3.20
C LEU B 113 -33.27 30.49 -3.33
N ALA B 114 -32.56 30.26 -2.24
CA ALA B 114 -31.38 29.39 -2.31
C ALA B 114 -31.84 28.00 -2.77
N ARG B 115 -32.98 27.55 -2.25
CA ARG B 115 -33.49 26.24 -2.62
C ARG B 115 -33.83 26.20 -4.11
N GLN B 116 -34.57 27.20 -4.55
CA GLN B 116 -35.00 27.30 -5.94
C GLN B 116 -33.88 27.44 -6.96
N ILE B 117 -32.76 28.04 -6.58
CA ILE B 117 -31.66 28.21 -7.50
C ILE B 117 -30.80 26.95 -7.60
N GLY B 118 -30.99 26.02 -6.66
CA GLY B 118 -30.24 24.79 -6.72
C GLY B 118 -29.35 24.50 -5.51
N VAL B 119 -29.35 25.37 -4.52
CA VAL B 119 -28.54 25.15 -3.34
C VAL B 119 -29.21 24.08 -2.49
N GLU B 120 -28.55 22.93 -2.33
CA GLU B 120 -29.10 21.85 -1.52
C GLU B 120 -28.46 21.76 -0.15
N HIS B 121 -27.41 22.55 0.05
CA HIS B 121 -26.72 22.55 1.33
C HIS B 121 -26.52 23.92 1.92
N VAL B 122 -26.90 24.05 3.19
CA VAL B 122 -26.77 25.30 3.90
C VAL B 122 -26.10 25.04 5.24
N VAL B 123 -25.37 26.04 5.70
CA VAL B 123 -24.71 25.97 7.00
C VAL B 123 -25.31 27.15 7.74
N VAL B 124 -25.75 26.92 8.96
CA VAL B 124 -26.37 27.96 9.74
C VAL B 124 -25.48 28.55 10.81
N TYR B 125 -25.36 29.87 10.80
CA TYR B 125 -24.58 30.54 11.82
C TYR B 125 -25.55 31.38 12.65
N VAL B 126 -25.78 30.95 13.89
CA VAL B 126 -26.66 31.68 14.80
C VAL B 126 -25.74 32.73 15.41
N ASN B 127 -25.83 33.94 14.86
CA ASN B 127 -25.00 35.05 15.27
C ASN B 127 -25.51 35.80 16.49
N LYS B 128 -24.71 36.75 16.96
CA LYS B 128 -25.06 37.58 18.11
C LYS B 128 -25.31 36.82 19.40
N ALA B 129 -24.60 35.72 19.62
CA ALA B 129 -24.77 34.94 20.84
C ALA B 129 -24.31 35.72 22.07
N ASP B 130 -23.62 36.83 21.84
CA ASP B 130 -23.12 37.68 22.91
C ASP B 130 -24.23 38.54 23.51
N ALA B 131 -25.18 38.93 22.66
CA ALA B 131 -26.29 39.77 23.09
C ALA B 131 -27.49 38.95 23.60
N VAL B 132 -27.26 37.69 23.94
CA VAL B 132 -28.35 36.85 24.42
C VAL B 132 -28.36 36.68 25.93
N GLN B 133 -29.47 37.05 26.56
CA GLN B 133 -29.62 36.93 28.01
C GLN B 133 -30.16 35.57 28.42
N ASP B 134 -30.49 34.72 27.45
CA ASP B 134 -31.02 33.40 27.75
C ASP B 134 -30.47 32.33 26.83
N SER B 135 -29.79 31.33 27.40
CA SER B 135 -29.25 30.24 26.58
C SER B 135 -30.46 29.47 26.06
N GLU B 136 -31.60 29.78 26.67
CA GLU B 136 -32.87 29.17 26.31
C GLU B 136 -33.22 29.76 24.94
N MET B 137 -32.84 31.02 24.75
CA MET B 137 -33.06 31.76 23.51
C MET B 137 -32.32 31.07 22.36
N VAL B 138 -31.18 30.47 22.68
CA VAL B 138 -30.37 29.78 21.66
C VAL B 138 -30.91 28.42 21.29
N GLU B 139 -31.11 27.55 22.28
CA GLU B 139 -31.63 26.22 22.03
C GLU B 139 -32.96 26.28 21.30
N LEU B 140 -33.77 27.27 21.64
CA LEU B 140 -35.07 27.43 21.00
C LEU B 140 -34.95 27.82 19.54
N VAL B 141 -34.05 28.77 19.24
CA VAL B 141 -33.87 29.22 17.87
C VAL B 141 -33.31 28.13 16.96
N GLU B 142 -32.41 27.29 17.48
CA GLU B 142 -31.86 26.22 16.65
C GLU B 142 -32.98 25.27 16.22
N LEU B 143 -33.87 24.96 17.16
CA LEU B 143 -34.99 24.07 16.86
C LEU B 143 -35.87 24.71 15.80
N GLU B 144 -36.16 25.99 15.97
CA GLU B 144 -36.97 26.74 15.02
C GLU B 144 -36.29 26.75 13.66
N ILE B 145 -34.98 26.87 13.66
CA ILE B 145 -34.22 26.89 12.41
C ILE B 145 -34.24 25.55 11.69
N ARG B 146 -34.05 24.46 12.43
CA ARG B 146 -34.05 23.16 11.79
C ARG B 146 -35.43 22.86 11.17
N GLU B 147 -36.49 23.30 11.83
CA GLU B 147 -37.84 23.11 11.32
C GLU B 147 -38.05 24.00 10.11
N LEU B 148 -37.44 25.19 10.15
CA LEU B 148 -37.54 26.13 9.03
C LEU B 148 -36.83 25.55 7.82
N LEU B 149 -35.65 24.99 8.06
CA LEU B 149 -34.86 24.38 6.99
C LEU B 149 -35.67 23.26 6.34
N THR B 150 -36.21 22.36 7.16
CA THR B 150 -37.00 21.25 6.63
C THR B 150 -38.21 21.80 5.89
N GLU B 151 -38.81 22.86 6.41
CA GLU B 151 -39.97 23.47 5.78
C GLU B 151 -39.61 23.94 4.37
N PHE B 152 -38.38 24.42 4.21
CA PHE B 152 -37.94 24.90 2.90
C PHE B 152 -37.14 23.92 2.05
N GLY B 153 -37.31 22.64 2.32
CA GLY B 153 -36.64 21.64 1.50
C GLY B 153 -35.25 21.20 1.92
N TYR B 154 -34.70 21.77 2.98
CA TYR B 154 -33.37 21.35 3.41
C TYR B 154 -33.50 20.32 4.52
N LYS B 155 -32.45 19.55 4.74
CA LYS B 155 -32.47 18.55 5.80
C LYS B 155 -32.11 19.21 7.11
N GLY B 156 -33.10 19.84 7.73
CA GLY B 156 -32.91 20.54 8.98
C GLY B 156 -32.19 19.78 10.06
N GLU B 157 -32.46 18.48 10.16
CA GLU B 157 -31.85 17.64 11.18
C GLU B 157 -30.37 17.37 10.92
N GLU B 158 -29.97 17.49 9.66
CA GLU B 158 -28.59 17.23 9.24
C GLU B 158 -27.77 18.50 9.06
N THR B 159 -28.45 19.63 8.99
CA THR B 159 -27.79 20.91 8.79
C THR B 159 -26.95 21.38 9.96
N PRO B 160 -25.65 21.65 9.71
CA PRO B 160 -24.76 22.12 10.76
C PRO B 160 -25.18 23.53 11.21
N ILE B 161 -25.36 23.70 12.51
CA ILE B 161 -25.73 25.00 13.04
C ILE B 161 -24.67 25.41 14.05
N ILE B 162 -24.00 26.51 13.76
CA ILE B 162 -22.96 27.01 14.64
C ILE B 162 -23.50 28.24 15.34
N VAL B 163 -23.25 28.32 16.65
CA VAL B 163 -23.71 29.45 17.45
C VAL B 163 -22.50 30.27 17.89
N GLY B 164 -22.56 31.59 17.71
CA GLY B 164 -21.45 32.43 18.10
C GLY B 164 -21.65 33.91 17.88
N SER B 165 -20.56 34.67 18.04
CA SER B 165 -20.60 36.10 17.85
C SER B 165 -19.61 36.55 16.79
N ALA B 166 -20.11 36.84 15.60
CA ALA B 166 -19.27 37.30 14.51
C ALA B 166 -18.55 38.57 14.93
N LEU B 167 -19.18 39.35 15.81
CA LEU B 167 -18.59 40.59 16.29
C LEU B 167 -17.38 40.31 17.18
N CYS B 168 -17.56 39.42 18.16
CA CYS B 168 -16.47 39.03 19.05
C CYS B 168 -15.32 38.49 18.22
N ALA B 169 -15.67 37.76 17.16
CA ALA B 169 -14.66 37.18 16.29
C ALA B 169 -13.94 38.26 15.48
N LEU B 170 -14.70 39.23 15.00
CA LEU B 170 -14.12 40.31 14.21
C LEU B 170 -13.21 41.20 15.05
N GLU B 171 -13.58 41.43 16.30
CA GLU B 171 -12.80 42.26 17.19
C GLU B 171 -11.88 41.41 18.08
N GLN B 172 -11.64 40.17 17.64
CA GLN B 172 -10.79 39.21 18.33
C GLN B 172 -10.98 39.22 19.84
N ARG B 173 -12.21 38.97 20.26
CA ARG B 173 -12.58 38.95 21.67
C ARG B 173 -13.30 37.65 22.00
N ASP B 174 -13.39 37.34 23.29
CA ASP B 174 -14.05 36.15 23.78
C ASP B 174 -14.02 35.05 22.72
N PRO B 175 -12.88 34.33 22.64
CA PRO B 175 -12.67 33.25 21.68
C PRO B 175 -13.75 32.17 21.64
N GLU B 176 -14.32 31.83 22.79
CA GLU B 176 -15.34 30.79 22.85
C GLU B 176 -16.59 31.18 22.06
N LEU B 177 -16.85 32.49 21.97
CA LEU B 177 -18.01 32.98 21.22
C LEU B 177 -17.63 33.40 19.81
N GLY B 178 -16.50 34.09 19.70
CA GLY B 178 -16.05 34.58 18.41
C GLY B 178 -15.22 33.60 17.61
N LEU B 179 -13.90 33.75 17.69
CA LEU B 179 -12.95 32.92 16.95
C LEU B 179 -13.35 31.45 16.83
N LYS B 180 -13.59 30.81 17.97
CA LYS B 180 -13.96 29.39 17.94
C LYS B 180 -15.20 29.09 17.10
N SER B 181 -16.25 29.88 17.26
CA SER B 181 -17.47 29.63 16.49
C SER B 181 -17.19 29.77 15.01
N VAL B 182 -16.37 30.75 14.63
CA VAL B 182 -16.06 30.94 13.23
C VAL B 182 -15.24 29.78 12.68
N GLN B 183 -14.36 29.22 13.50
CA GLN B 183 -13.56 28.07 13.07
C GLN B 183 -14.51 26.90 12.89
N LYS B 184 -15.41 26.72 13.85
CA LYS B 184 -16.38 25.65 13.78
C LYS B 184 -17.24 25.84 12.54
N LEU B 185 -17.55 27.09 12.22
CA LEU B 185 -18.34 27.41 11.03
C LEU B 185 -17.60 26.99 9.78
N LEU B 186 -16.38 27.48 9.62
CA LEU B 186 -15.56 27.17 8.46
C LEU B 186 -15.36 25.67 8.31
N ASP B 187 -15.27 24.95 9.44
CA ASP B 187 -15.10 23.52 9.39
C ASP B 187 -16.37 22.89 8.83
N ALA B 188 -17.52 23.37 9.29
CA ALA B 188 -18.82 22.89 8.83
C ALA B 188 -18.96 23.16 7.34
N VAL B 189 -18.50 24.34 6.91
CA VAL B 189 -18.57 24.69 5.50
C VAL B 189 -17.68 23.76 4.67
N ASP B 190 -16.48 23.47 5.16
CA ASP B 190 -15.57 22.58 4.42
C ASP B 190 -16.13 21.17 4.30
N THR B 191 -16.85 20.72 5.32
CA THR B 191 -17.39 19.37 5.32
C THR B 191 -18.83 19.22 4.83
N TYR B 192 -19.67 20.22 5.04
CA TYR B 192 -21.06 20.08 4.62
C TYR B 192 -21.39 20.60 3.23
N ILE B 193 -20.68 21.63 2.78
CA ILE B 193 -20.94 22.17 1.45
C ILE B 193 -20.10 21.43 0.42
N PRO B 194 -20.75 20.80 -0.56
CA PRO B 194 -20.07 20.04 -1.62
C PRO B 194 -19.25 20.93 -2.55
N VAL B 195 -18.15 20.39 -3.04
CA VAL B 195 -17.31 21.13 -3.97
C VAL B 195 -18.02 21.11 -5.33
N PRO B 196 -17.97 22.23 -6.06
CA PRO B 196 -18.63 22.31 -7.36
C PRO B 196 -18.16 21.18 -8.27
N THR B 197 -19.02 20.79 -9.19
CA THR B 197 -18.71 19.73 -10.13
C THR B 197 -19.25 20.17 -11.48
N ARG B 198 -18.64 19.72 -12.57
CA ARG B 198 -19.13 20.11 -13.89
C ARG B 198 -20.30 19.20 -14.26
N ASP B 199 -20.79 18.48 -13.26
CA ASP B 199 -21.91 17.57 -13.45
C ASP B 199 -21.72 16.66 -14.65
N LEU B 200 -20.55 16.02 -14.73
CA LEU B 200 -20.28 15.12 -15.84
C LEU B 200 -21.15 13.88 -15.72
N GLU B 201 -21.66 13.62 -14.52
CA GLU B 201 -22.47 12.42 -14.30
C GLU B 201 -23.93 12.54 -14.70
N LYS B 202 -24.39 13.76 -14.97
CA LYS B 202 -25.78 13.93 -15.35
C LYS B 202 -25.98 13.71 -16.86
N PRO B 203 -27.22 13.35 -17.27
CA PRO B 203 -27.49 13.12 -18.68
C PRO B 203 -27.03 14.32 -19.49
N PHE B 204 -26.26 14.10 -20.55
CA PHE B 204 -25.76 15.22 -21.32
C PHE B 204 -26.91 16.07 -21.81
N LEU B 205 -26.66 17.37 -21.90
CA LEU B 205 -27.66 18.32 -22.34
C LEU B 205 -26.95 19.39 -23.13
N LEU B 206 -27.31 19.49 -24.41
CA LEU B 206 -26.65 20.44 -25.29
C LEU B 206 -27.61 21.35 -26.02
N PRO B 207 -27.73 22.61 -25.56
CA PRO B 207 -28.62 23.57 -26.21
C PRO B 207 -28.00 23.91 -27.56
N VAL B 208 -28.74 23.64 -28.64
CA VAL B 208 -28.26 23.92 -29.98
C VAL B 208 -28.16 25.41 -30.23
N GLU B 209 -26.95 25.89 -30.48
CA GLU B 209 -26.68 27.30 -30.76
C GLU B 209 -26.95 27.55 -32.23
N SER B 210 -26.48 26.63 -33.07
CA SER B 210 -26.65 26.78 -34.49
C SER B 210 -26.58 25.43 -35.18
N VAL B 211 -26.83 25.45 -36.48
CA VAL B 211 -26.83 24.23 -37.26
C VAL B 211 -26.15 24.54 -38.58
N TYR B 212 -25.43 23.56 -39.10
CA TYR B 212 -24.79 23.73 -40.40
C TYR B 212 -24.61 22.36 -41.00
N SER B 213 -24.13 22.32 -42.23
CA SER B 213 -23.94 21.05 -42.86
C SER B 213 -22.62 21.01 -43.59
N ILE B 214 -22.08 19.81 -43.68
CA ILE B 214 -20.84 19.58 -44.39
C ILE B 214 -21.19 18.63 -45.50
N PRO B 215 -21.05 19.08 -46.77
CA PRO B 215 -21.37 18.20 -47.89
C PRO B 215 -20.59 16.90 -47.79
N GLY B 216 -21.29 15.78 -47.84
CA GLY B 216 -20.63 14.50 -47.77
C GLY B 216 -20.54 13.86 -46.40
N ARG B 217 -20.86 14.62 -45.35
CA ARG B 217 -20.79 14.07 -44.01
C ARG B 217 -22.10 14.15 -43.24
N GLY B 218 -22.81 15.26 -43.38
CA GLY B 218 -24.06 15.38 -42.67
C GLY B 218 -24.33 16.70 -41.97
N THR B 219 -25.35 16.68 -41.13
CA THR B 219 -25.77 17.84 -40.38
C THR B 219 -25.08 17.92 -39.02
N VAL B 220 -24.59 19.11 -38.70
CA VAL B 220 -23.90 19.34 -37.45
C VAL B 220 -24.58 20.44 -36.63
N VAL B 221 -24.79 20.17 -35.35
CA VAL B 221 -25.39 21.17 -34.48
C VAL B 221 -24.28 21.62 -33.55
N THR B 222 -24.14 22.92 -33.35
CA THR B 222 -23.11 23.43 -32.45
C THR B 222 -23.75 23.78 -31.10
N GLY B 223 -22.92 23.89 -30.08
CA GLY B 223 -23.46 24.23 -28.78
C GLY B 223 -22.46 23.90 -27.70
N THR B 224 -22.78 24.30 -26.48
CA THR B 224 -21.91 24.05 -25.35
C THR B 224 -22.61 23.05 -24.46
N LEU B 225 -21.94 21.95 -24.13
CA LEU B 225 -22.54 20.96 -23.25
C LEU B 225 -22.72 21.62 -21.90
N GLU B 226 -23.96 21.69 -21.44
CA GLU B 226 -24.22 22.30 -20.16
C GLU B 226 -23.97 21.33 -19.03
N ARG B 227 -24.04 20.03 -19.35
CA ARG B 227 -23.79 18.99 -18.37
C ARG B 227 -23.53 17.64 -19.04
N GLY B 228 -22.98 16.73 -18.26
CA GLY B 228 -22.71 15.40 -18.74
C GLY B 228 -21.54 15.22 -19.68
N ILE B 229 -21.54 14.07 -20.32
CA ILE B 229 -20.50 13.70 -21.25
C ILE B 229 -21.17 13.20 -22.51
N LEU B 230 -20.69 13.70 -23.65
CA LEU B 230 -21.23 13.30 -24.94
C LEU B 230 -20.17 12.42 -25.58
N LYS B 231 -20.55 11.22 -25.96
CA LYS B 231 -19.62 10.30 -26.58
C LYS B 231 -20.01 10.03 -28.03
N LYS B 232 -19.01 9.87 -28.88
CA LYS B 232 -19.25 9.58 -30.29
C LYS B 232 -20.05 8.29 -30.32
N GLY B 233 -21.13 8.28 -31.10
CA GLY B 233 -21.96 7.09 -31.18
C GLY B 233 -23.13 7.11 -30.22
N ASP B 234 -23.12 8.03 -29.25
CA ASP B 234 -24.21 8.11 -28.30
C ASP B 234 -25.55 8.43 -28.96
N GLU B 235 -26.62 7.82 -28.45
CA GLU B 235 -27.93 8.11 -28.97
C GLU B 235 -28.30 9.47 -28.40
N CYS B 236 -29.03 10.25 -29.19
CA CYS B 236 -29.43 11.57 -28.73
C CYS B 236 -30.89 11.80 -29.06
N GLU B 237 -31.44 12.85 -28.47
CA GLU B 237 -32.83 13.21 -28.68
C GLU B 237 -32.90 14.73 -28.68
N PHE B 238 -33.43 15.30 -29.75
CA PHE B 238 -33.58 16.75 -29.80
C PHE B 238 -34.99 17.03 -29.33
N LEU B 239 -35.12 18.02 -28.45
CA LEU B 239 -36.41 18.39 -27.88
C LEU B 239 -36.66 19.89 -27.99
N GLY B 240 -37.94 20.24 -28.14
CA GLY B 240 -38.30 21.64 -28.25
C GLY B 240 -39.12 21.89 -29.50
N HIS B 241 -39.74 23.06 -29.57
CA HIS B 241 -40.55 23.44 -30.72
C HIS B 241 -41.52 22.35 -31.16
N SER B 242 -42.21 21.77 -30.19
CA SER B 242 -43.21 20.73 -30.44
C SER B 242 -42.69 19.54 -31.24
N LYS B 243 -41.41 19.26 -31.14
CA LYS B 243 -40.85 18.13 -31.88
C LYS B 243 -39.87 17.29 -31.09
N ASN B 244 -39.82 16.01 -31.44
CA ASN B 244 -38.93 15.06 -30.78
C ASN B 244 -38.25 14.23 -31.84
N ILE B 245 -36.92 14.40 -31.94
CA ILE B 245 -36.14 13.68 -32.93
C ILE B 245 -35.07 12.83 -32.26
N ARG B 246 -35.14 11.53 -32.50
CA ARG B 246 -34.20 10.57 -31.93
C ARG B 246 -33.22 10.10 -33.00
N THR B 247 -31.94 10.23 -32.69
CA THR B 247 -30.90 9.80 -33.60
C THR B 247 -29.63 9.44 -32.82
N VAL B 248 -28.49 9.52 -33.50
CA VAL B 248 -27.22 9.19 -32.90
C VAL B 248 -26.15 10.20 -33.30
N VAL B 249 -25.28 10.54 -32.36
CA VAL B 249 -24.20 11.46 -32.64
C VAL B 249 -23.10 10.60 -33.26
N THR B 250 -22.85 10.82 -34.54
CA THR B 250 -21.84 10.05 -35.25
C THR B 250 -20.47 10.73 -35.24
N GLY B 251 -20.41 11.94 -34.71
CA GLY B 251 -19.14 12.63 -34.69
C GLY B 251 -19.13 13.88 -33.84
N ILE B 252 -18.00 14.12 -33.19
CA ILE B 252 -17.82 15.29 -32.34
C ILE B 252 -16.62 16.07 -32.87
N GLU B 253 -16.78 17.39 -32.99
CA GLU B 253 -15.70 18.21 -33.50
C GLU B 253 -15.40 19.43 -32.64
N MET B 254 -14.12 19.60 -32.32
CA MET B 254 -13.62 20.71 -31.54
C MET B 254 -12.22 21.04 -32.02
N PHE B 255 -11.94 22.33 -32.18
CA PHE B 255 -10.62 22.76 -32.62
C PHE B 255 -10.23 22.08 -33.93
N HIS B 256 -11.22 21.85 -34.78
CA HIS B 256 -11.02 21.22 -36.08
C HIS B 256 -10.50 19.79 -35.99
N LYS B 257 -10.78 19.13 -34.88
CA LYS B 257 -10.34 17.76 -34.68
C LYS B 257 -11.50 16.88 -34.29
N SER B 258 -11.57 15.71 -34.91
CA SER B 258 -12.62 14.76 -34.61
C SER B 258 -12.30 14.21 -33.23
N LEU B 259 -13.33 14.04 -32.40
CA LEU B 259 -13.11 13.53 -31.07
C LEU B 259 -14.07 12.40 -30.71
N ASP B 260 -13.67 11.60 -29.73
CA ASP B 260 -14.48 10.48 -29.29
C ASP B 260 -15.43 10.90 -28.17
N ARG B 261 -15.15 12.05 -27.57
CA ARG B 261 -15.99 12.54 -26.50
C ARG B 261 -15.82 14.03 -26.20
N ALA B 262 -16.85 14.59 -25.59
CA ALA B 262 -16.86 15.98 -25.20
C ALA B 262 -17.51 15.99 -23.82
N GLU B 263 -17.16 16.98 -23.01
CA GLU B 263 -17.71 17.05 -21.66
C GLU B 263 -18.32 18.41 -21.38
N ALA B 264 -19.14 18.47 -20.34
CA ALA B 264 -19.78 19.71 -19.94
C ALA B 264 -18.79 20.86 -20.02
N GLY B 265 -19.21 21.94 -20.67
CA GLY B 265 -18.35 23.09 -20.80
C GLY B 265 -17.70 23.17 -22.17
N ASP B 266 -17.69 22.08 -22.91
CA ASP B 266 -17.09 22.10 -24.24
C ASP B 266 -18.02 22.71 -25.28
N ASN B 267 -17.47 23.61 -26.09
CA ASN B 267 -18.20 24.25 -27.18
C ASN B 267 -17.87 23.31 -28.32
N LEU B 268 -18.85 22.57 -28.82
CA LEU B 268 -18.57 21.60 -29.87
C LEU B 268 -19.59 21.55 -31.00
N GLY B 269 -19.23 20.79 -32.03
CA GLY B 269 -20.09 20.57 -33.18
C GLY B 269 -20.38 19.09 -33.16
N ALA B 270 -21.66 18.74 -33.04
CA ALA B 270 -22.07 17.34 -33.00
C ALA B 270 -22.67 16.92 -34.34
N LEU B 271 -21.99 16.00 -35.01
CA LEU B 271 -22.47 15.47 -36.30
C LEU B 271 -23.55 14.44 -35.98
N VAL B 272 -24.75 14.67 -36.48
CA VAL B 272 -25.85 13.75 -36.21
C VAL B 272 -26.25 12.94 -37.43
N ARG B 273 -26.61 11.68 -37.19
CA ARG B 273 -26.98 10.77 -38.27
C ARG B 273 -28.37 10.95 -38.90
N GLY B 274 -28.41 10.89 -40.23
CA GLY B 274 -29.65 10.99 -40.98
C GLY B 274 -30.34 12.33 -41.12
N LEU B 275 -30.43 13.09 -40.02
CA LEU B 275 -31.11 14.37 -40.06
C LEU B 275 -30.50 15.35 -41.05
N LYS B 276 -31.34 16.22 -41.61
CA LYS B 276 -30.88 17.23 -42.55
C LYS B 276 -31.04 18.61 -41.90
N ARG B 277 -30.35 19.61 -42.45
CA ARG B 277 -30.38 20.95 -41.88
C ARG B 277 -31.74 21.53 -41.54
N GLU B 278 -32.73 21.31 -42.42
CA GLU B 278 -34.06 21.83 -42.16
C GLU B 278 -34.76 21.09 -41.02
N ASP B 279 -34.21 19.95 -40.62
CA ASP B 279 -34.79 19.17 -39.53
C ASP B 279 -34.48 19.75 -38.15
N LEU B 280 -33.40 20.53 -38.07
CA LEU B 280 -32.99 21.09 -36.79
C LEU B 280 -32.87 22.60 -36.82
N ARG B 281 -32.79 23.20 -35.63
CA ARG B 281 -32.66 24.64 -35.53
C ARG B 281 -32.18 25.07 -34.15
N ARG B 282 -31.65 26.28 -34.09
CA ARG B 282 -31.19 26.85 -32.83
C ARG B 282 -32.40 26.78 -31.91
N GLY B 283 -32.19 26.52 -30.62
CA GLY B 283 -33.32 26.47 -29.71
C GLY B 283 -33.61 25.07 -29.27
N LEU B 284 -33.46 24.10 -30.16
CA LEU B 284 -33.68 22.72 -29.76
C LEU B 284 -32.60 22.40 -28.75
N VAL B 285 -32.80 21.32 -28.02
CA VAL B 285 -31.82 20.87 -27.04
C VAL B 285 -31.60 19.38 -27.30
N MET B 286 -30.34 19.02 -27.48
CA MET B 286 -29.99 17.64 -27.71
C MET B 286 -29.62 17.07 -26.36
N ALA B 287 -30.27 15.97 -25.97
CA ALA B 287 -30.02 15.36 -24.68
C ALA B 287 -30.02 13.85 -24.78
N LYS B 288 -29.63 13.21 -23.70
CA LYS B 288 -29.63 11.76 -23.64
C LYS B 288 -31.09 11.37 -23.71
N PRO B 289 -31.45 10.43 -24.59
CA PRO B 289 -32.83 9.99 -24.73
C PRO B 289 -33.56 9.66 -23.43
N GLY B 290 -34.74 10.25 -23.26
CA GLY B 290 -35.55 10.02 -22.08
C GLY B 290 -35.15 10.77 -20.81
N SER B 291 -33.98 11.41 -20.82
CA SER B 291 -33.50 12.12 -19.63
C SER B 291 -34.30 13.36 -19.25
N ILE B 292 -34.84 14.04 -20.25
CA ILE B 292 -35.63 15.24 -20.00
C ILE B 292 -36.77 15.31 -21.00
N GLN B 293 -37.79 16.09 -20.66
CA GLN B 293 -38.90 16.27 -21.55
C GLN B 293 -39.28 17.73 -21.51
N PRO B 294 -39.72 18.27 -22.65
CA PRO B 294 -40.11 19.68 -22.71
C PRO B 294 -41.25 19.97 -21.75
N HIS B 295 -41.32 21.22 -21.33
CA HIS B 295 -42.35 21.69 -20.42
C HIS B 295 -42.96 22.91 -21.08
N GLN B 296 -44.28 23.03 -20.98
CA GLN B 296 -44.98 24.14 -21.58
C GLN B 296 -45.53 25.07 -20.49
N LYS B 297 -45.73 24.51 -19.31
CA LYS B 297 -46.23 25.28 -18.17
C LYS B 297 -45.23 25.25 -17.03
N VAL B 298 -44.98 26.42 -16.45
CA VAL B 298 -44.03 26.52 -15.36
C VAL B 298 -44.36 27.60 -14.36
N GLU B 299 -43.89 27.43 -13.13
CA GLU B 299 -44.06 28.44 -12.10
C GLU B 299 -42.66 28.97 -11.96
N ALA B 300 -42.52 30.29 -11.92
CA ALA B 300 -41.20 30.86 -11.81
C ALA B 300 -41.16 32.09 -10.93
N GLN B 301 -40.03 32.30 -10.28
CA GLN B 301 -39.85 33.46 -9.45
C GLN B 301 -39.33 34.44 -10.50
N VAL B 302 -39.98 35.58 -10.64
CA VAL B 302 -39.58 36.53 -11.66
C VAL B 302 -39.40 37.95 -11.13
N TYR B 303 -38.27 38.54 -11.49
CA TYR B 303 -38.00 39.90 -11.11
C TYR B 303 -38.41 40.74 -12.29
N ILE B 304 -39.28 41.71 -12.05
CA ILE B 304 -39.75 42.59 -13.10
C ILE B 304 -38.86 43.82 -13.05
N LEU B 305 -38.13 44.08 -14.13
CA LEU B 305 -37.24 45.25 -14.14
C LEU B 305 -38.02 46.54 -14.01
N THR B 306 -37.33 47.54 -13.49
CA THR B 306 -37.91 48.86 -13.32
C THR B 306 -37.63 49.59 -14.62
N LYS B 307 -38.21 50.78 -14.78
CA LYS B 307 -37.96 51.55 -15.99
C LYS B 307 -36.50 51.96 -16.02
N GLU B 308 -35.93 52.23 -14.86
CA GLU B 308 -34.52 52.64 -14.78
C GLU B 308 -33.61 51.55 -15.36
N GLU B 309 -33.96 50.30 -15.08
CA GLU B 309 -33.18 49.18 -15.55
C GLU B 309 -33.50 48.86 -17.00
N GLY B 310 -34.35 49.68 -17.60
CA GLY B 310 -34.70 49.49 -19.00
C GLY B 310 -35.93 48.64 -19.23
N GLY B 311 -36.68 48.37 -18.16
CA GLY B 311 -37.87 47.55 -18.28
C GLY B 311 -39.13 48.38 -18.49
N ARG B 312 -40.28 47.81 -18.15
CA ARG B 312 -41.56 48.49 -18.31
C ARG B 312 -41.74 49.69 -17.41
N HIS B 313 -42.46 50.67 -17.92
CA HIS B 313 -42.76 51.89 -17.18
C HIS B 313 -44.05 51.65 -16.40
N LYS B 314 -44.90 50.77 -16.91
CA LYS B 314 -46.15 50.44 -16.24
C LYS B 314 -46.30 48.96 -15.99
N PRO B 315 -47.20 48.60 -15.06
CA PRO B 315 -47.50 47.21 -14.68
C PRO B 315 -48.20 46.47 -15.81
N PHE B 316 -48.34 45.17 -15.64
CA PHE B 316 -49.04 44.36 -16.62
C PHE B 316 -49.92 43.38 -15.87
N VAL B 317 -51.01 42.98 -16.50
CA VAL B 317 -51.95 42.06 -15.88
C VAL B 317 -51.80 40.66 -16.44
N SER B 318 -52.52 39.71 -15.84
CA SER B 318 -52.49 38.32 -16.28
C SER B 318 -52.73 38.23 -17.78
N HIS B 319 -52.23 37.14 -18.35
CA HIS B 319 -52.34 36.89 -19.78
C HIS B 319 -51.41 37.79 -20.59
N PHE B 320 -50.56 38.55 -19.90
CA PHE B 320 -49.58 39.39 -20.60
C PHE B 320 -48.75 38.35 -21.36
N MET B 321 -48.42 38.63 -22.61
CA MET B 321 -47.70 37.66 -23.43
C MET B 321 -46.34 38.09 -23.99
N PRO B 322 -45.32 38.16 -23.14
CA PRO B 322 -43.98 38.55 -23.58
C PRO B 322 -43.34 37.30 -24.21
N VAL B 323 -42.12 37.45 -24.71
CA VAL B 323 -41.40 36.32 -25.30
C VAL B 323 -40.32 35.88 -24.31
N MET B 324 -40.26 34.58 -24.04
CA MET B 324 -39.27 34.07 -23.10
C MET B 324 -37.99 33.57 -23.79
N PHE B 325 -36.85 34.04 -23.30
CA PHE B 325 -35.55 33.61 -23.83
C PHE B 325 -34.89 32.78 -22.74
N SER B 326 -34.60 31.52 -23.07
CA SER B 326 -33.96 30.63 -22.11
C SER B 326 -33.05 29.73 -22.95
N LEU B 327 -31.92 29.34 -22.37
CA LEU B 327 -30.96 28.52 -23.10
C LEU B 327 -30.73 29.21 -24.45
N THR B 328 -30.83 28.47 -25.55
CA THR B 328 -30.61 29.06 -26.87
C THR B 328 -31.91 29.35 -27.61
N TRP B 329 -33.03 29.08 -26.97
CA TRP B 329 -34.33 29.32 -27.61
C TRP B 329 -35.08 30.55 -27.15
N ASP B 330 -36.17 30.84 -27.87
CA ASP B 330 -37.06 31.96 -27.59
C ASP B 330 -38.45 31.44 -27.90
N MET B 331 -39.40 31.70 -27.00
CA MET B 331 -40.76 31.24 -27.22
C MET B 331 -41.76 32.19 -26.58
N ALA B 332 -42.85 32.45 -27.28
CA ALA B 332 -43.89 33.32 -26.77
C ALA B 332 -44.53 32.58 -25.61
N CYS B 333 -44.95 33.32 -24.60
CA CYS B 333 -45.59 32.69 -23.45
C CYS B 333 -46.64 33.62 -22.88
N ARG B 334 -47.48 33.10 -22.00
CA ARG B 334 -48.47 33.92 -21.37
C ARG B 334 -48.26 33.88 -19.87
N ILE B 335 -48.17 35.07 -19.27
CA ILE B 335 -47.95 35.19 -17.84
C ILE B 335 -49.27 35.18 -17.08
N ILE B 336 -49.29 34.43 -15.98
CA ILE B 336 -50.48 34.34 -15.16
C ILE B 336 -50.15 34.75 -13.73
N LEU B 337 -50.69 35.90 -13.32
CA LEU B 337 -50.42 36.39 -11.98
C LEU B 337 -51.03 35.49 -10.91
N PRO B 338 -50.48 35.54 -9.71
CA PRO B 338 -50.99 34.72 -8.60
C PRO B 338 -52.38 35.22 -8.20
N PRO B 339 -53.17 34.37 -7.53
CA PRO B 339 -54.52 34.79 -7.11
C PRO B 339 -54.41 36.06 -6.25
N GLY B 340 -55.27 37.03 -6.53
CA GLY B 340 -55.23 38.29 -5.80
C GLY B 340 -54.56 39.32 -6.67
N LYS B 341 -53.26 39.15 -6.88
CA LYS B 341 -52.46 40.05 -7.71
C LYS B 341 -53.17 40.41 -9.02
N GLU B 342 -53.54 41.69 -9.15
CA GLU B 342 -54.21 42.16 -10.35
C GLU B 342 -53.19 42.78 -11.28
N LEU B 343 -52.14 43.33 -10.69
CA LEU B 343 -51.09 43.98 -11.44
C LEU B 343 -49.72 43.48 -11.04
N ALA B 344 -48.79 43.49 -12.00
CA ALA B 344 -47.41 43.09 -11.76
C ALA B 344 -46.65 44.39 -11.91
N MET B 345 -46.20 44.94 -10.79
CA MET B 345 -45.49 46.20 -10.77
C MET B 345 -44.00 46.07 -11.11
N PRO B 346 -43.46 47.06 -11.84
CA PRO B 346 -42.04 47.04 -12.22
C PRO B 346 -41.23 47.10 -10.92
N GLY B 347 -40.06 46.48 -10.93
CA GLY B 347 -39.21 46.47 -9.76
C GLY B 347 -39.62 45.42 -8.75
N GLU B 348 -40.78 44.82 -8.99
CA GLU B 348 -41.33 43.80 -8.11
C GLU B 348 -40.93 42.40 -8.56
N ASP B 349 -40.80 41.49 -7.60
CA ASP B 349 -40.48 40.11 -7.91
C ASP B 349 -41.64 39.28 -7.38
N LEU B 350 -42.11 38.33 -8.17
CA LEU B 350 -43.23 37.51 -7.72
C LEU B 350 -43.18 36.14 -8.36
N LYS B 351 -43.99 35.24 -7.81
CA LYS B 351 -44.08 33.88 -8.33
C LYS B 351 -45.14 33.93 -9.41
N LEU B 352 -44.71 33.83 -10.65
CA LEU B 352 -45.62 33.87 -11.79
C LEU B 352 -45.81 32.49 -12.39
N THR B 353 -46.87 32.34 -13.15
CA THR B 353 -47.14 31.09 -13.83
C THR B 353 -46.93 31.46 -15.29
N LEU B 354 -46.14 30.66 -16.00
CA LEU B 354 -45.85 30.94 -17.40
C LEU B 354 -46.24 29.77 -18.27
N ILE B 355 -46.91 30.07 -19.37
CA ILE B 355 -47.34 29.05 -20.30
C ILE B 355 -46.77 29.39 -21.66
N LEU B 356 -45.93 28.50 -22.18
CA LEU B 356 -45.30 28.72 -23.47
C LEU B 356 -46.23 28.28 -24.58
N ARG B 357 -46.07 28.89 -25.74
CA ARG B 357 -46.89 28.55 -26.89
C ARG B 357 -46.62 27.08 -27.22
N GLN B 358 -45.34 26.71 -27.19
CA GLN B 358 -44.93 25.34 -27.47
C GLN B 358 -44.02 24.83 -26.35
N PRO B 359 -44.11 23.53 -26.04
CA PRO B 359 -43.28 22.95 -24.98
C PRO B 359 -41.81 23.10 -25.34
N MET B 360 -41.01 23.59 -24.38
CA MET B 360 -39.58 23.77 -24.62
C MET B 360 -38.83 23.19 -23.43
N ILE B 361 -37.53 23.03 -23.57
CA ILE B 361 -36.75 22.53 -22.46
C ILE B 361 -36.70 23.68 -21.48
N LEU B 362 -37.42 23.50 -20.38
CA LEU B 362 -37.53 24.48 -19.32
C LEU B 362 -37.50 23.73 -18.01
N GLU B 363 -36.29 23.41 -17.56
CA GLU B 363 -36.09 22.66 -16.33
C GLU B 363 -36.24 23.52 -15.09
N LYS B 364 -36.59 22.90 -13.97
CA LYS B 364 -36.70 23.63 -12.73
C LYS B 364 -35.29 24.16 -12.45
N GLY B 365 -35.21 25.41 -11.99
CA GLY B 365 -33.92 26.00 -11.70
C GLY B 365 -33.34 26.73 -12.90
N GLN B 366 -33.89 26.45 -14.08
CA GLN B 366 -33.44 27.06 -15.32
C GLN B 366 -33.82 28.53 -15.32
N ARG B 367 -32.91 29.38 -15.78
CA ARG B 367 -33.17 30.81 -15.81
C ARG B 367 -33.68 31.24 -17.17
N PHE B 368 -34.34 32.39 -17.21
CA PHE B 368 -34.87 32.90 -18.45
C PHE B 368 -35.10 34.38 -18.31
N THR B 369 -35.26 35.06 -19.43
CA THR B 369 -35.55 36.47 -19.40
C THR B 369 -36.83 36.61 -20.20
N LEU B 370 -37.60 37.65 -19.90
CA LEU B 370 -38.84 37.90 -20.61
C LEU B 370 -38.63 39.18 -21.39
N ARG B 371 -38.94 39.13 -22.68
CA ARG B 371 -38.78 40.31 -23.50
C ARG B 371 -40.08 40.66 -24.22
N ASP B 372 -40.39 41.94 -24.22
CA ASP B 372 -41.56 42.44 -24.92
C ASP B 372 -40.98 43.58 -25.73
N GLY B 373 -41.15 43.48 -27.05
CA GLY B 373 -40.58 44.49 -27.91
C GLY B 373 -39.10 44.15 -28.00
N ASN B 374 -38.25 45.15 -27.83
CA ASN B 374 -36.82 44.92 -27.90
C ASN B 374 -36.17 45.18 -26.55
N ARG B 375 -36.94 45.05 -25.47
CA ARG B 375 -36.38 45.28 -24.14
C ARG B 375 -36.70 44.13 -23.20
N THR B 376 -35.84 43.94 -22.20
CA THR B 376 -36.05 42.89 -21.23
C THR B 376 -36.95 43.48 -20.15
N ILE B 377 -38.09 42.83 -19.92
CA ILE B 377 -39.03 43.32 -18.92
C ILE B 377 -38.99 42.51 -17.64
N GLY B 378 -38.33 41.36 -17.70
CA GLY B 378 -38.23 40.51 -16.52
C GLY B 378 -37.19 39.42 -16.65
N THR B 379 -36.73 38.91 -15.51
CA THR B 379 -35.75 37.84 -15.48
C THR B 379 -36.27 36.86 -14.45
N GLY B 380 -36.21 35.57 -14.75
CA GLY B 380 -36.76 34.62 -13.81
C GLY B 380 -36.02 33.31 -13.66
N LEU B 381 -36.56 32.53 -12.74
CA LEU B 381 -36.05 31.22 -12.37
C LEU B 381 -37.22 30.24 -12.31
N VAL B 382 -37.12 29.15 -13.04
CA VAL B 382 -38.17 28.14 -13.03
C VAL B 382 -38.13 27.47 -11.66
N THR B 383 -39.27 27.44 -10.99
CA THR B 383 -39.35 26.85 -9.66
C THR B 383 -40.14 25.54 -9.63
N ASP B 384 -41.04 25.37 -10.60
CA ASP B 384 -41.86 24.17 -10.71
C ASP B 384 -42.38 24.06 -12.13
N THR B 385 -42.67 22.82 -12.55
CA THR B 385 -43.18 22.56 -13.89
C THR B 385 -44.52 21.86 -13.67
N PRO B 386 -45.51 22.58 -13.14
CA PRO B 386 -46.84 22.05 -12.87
C PRO B 386 -47.49 21.38 -14.06
N ALA B 387 -48.48 20.54 -13.78
CA ALA B 387 -49.19 19.82 -14.81
C ALA B 387 -50.12 20.76 -15.59
N MET B 388 -50.00 20.74 -16.91
CA MET B 388 -50.84 21.55 -17.77
C MET B 388 -52.32 21.23 -17.52
N THR B 389 -53.07 22.22 -17.07
CA THR B 389 -54.49 22.04 -16.80
C THR B 389 -55.30 22.00 -18.09
N GLU B 390 -56.43 21.30 -18.04
CA GLU B 390 -57.30 21.15 -19.19
C GLU B 390 -57.59 22.52 -19.81
N GLU B 391 -57.80 23.53 -18.97
CA GLU B 391 -58.06 24.88 -19.47
C GLU B 391 -56.81 25.50 -20.10
N ASP B 392 -55.64 25.12 -19.61
CA ASP B 392 -54.40 25.67 -20.14
C ASP B 392 -54.21 25.29 -21.61
N LYS B 393 -54.39 24.00 -21.93
CA LYS B 393 -54.25 23.54 -23.30
C LYS B 393 -55.37 24.05 -24.19
N ASN B 394 -56.41 24.60 -23.56
CA ASN B 394 -57.54 25.16 -24.30
C ASN B 394 -57.34 26.68 -24.37
N ILE B 395 -56.10 27.10 -24.16
CA ILE B 395 -55.73 28.51 -24.21
C ILE B 395 -55.69 28.96 -25.66
N LYS B 396 -55.87 30.25 -25.88
CA LYS B 396 -55.83 30.78 -27.23
C LYS B 396 -54.44 31.33 -27.53
N TRP B 397 -54.15 31.48 -28.82
CA TRP B 397 -52.87 32.02 -29.27
C TRP B 397 -53.02 32.77 -30.59
N LYS C 1 -27.18 3.91 18.14
CA LYS C 1 -26.66 4.89 17.14
C LYS C 1 -27.35 4.74 15.80
N PRO C 2 -27.08 5.67 14.87
CA PRO C 2 -27.70 5.63 13.55
C PRO C 2 -27.66 4.28 12.85
N HIS C 3 -28.79 3.88 12.30
CA HIS C 3 -28.89 2.61 11.58
C HIS C 3 -28.85 2.88 10.09
N VAL C 4 -28.07 2.08 9.37
CA VAL C 4 -27.95 2.25 7.94
C VAL C 4 -27.99 0.91 7.21
N ASN C 5 -28.74 0.87 6.13
CA ASN C 5 -28.87 -0.36 5.36
C ASN C 5 -27.93 -0.32 4.18
N VAL C 6 -27.04 -1.30 4.10
CA VAL C 6 -26.09 -1.36 3.02
C VAL C 6 -26.03 -2.76 2.46
N GLY C 7 -25.29 -2.92 1.37
CA GLY C 7 -25.17 -4.22 0.77
C GLY C 7 -24.04 -4.22 -0.22
N THR C 8 -23.47 -5.40 -0.43
CA THR C 8 -22.39 -5.54 -1.38
C THR C 8 -23.00 -5.86 -2.74
N ILE C 9 -22.46 -5.23 -3.77
CA ILE C 9 -22.94 -5.47 -5.13
C ILE C 9 -21.70 -5.65 -5.98
N GLY C 10 -21.89 -6.12 -7.21
CA GLY C 10 -20.75 -6.34 -8.06
C GLY C 10 -20.82 -7.71 -8.71
N HIS C 11 -19.95 -7.93 -9.69
CA HIS C 11 -19.91 -9.17 -10.45
C HIS C 11 -19.55 -10.40 -9.63
N VAL C 12 -20.14 -11.53 -10.00
CA VAL C 12 -19.90 -12.79 -9.30
C VAL C 12 -18.41 -13.08 -9.19
N ASP C 13 -18.01 -13.58 -8.02
CA ASP C 13 -16.62 -13.93 -7.75
C ASP C 13 -15.65 -12.77 -7.57
N HIS C 14 -16.14 -11.54 -7.53
CA HIS C 14 -15.22 -10.45 -7.34
C HIS C 14 -14.83 -10.25 -5.89
N GLY C 15 -15.53 -10.95 -4.97
CA GLY C 15 -15.17 -10.85 -3.56
C GLY C 15 -16.20 -10.31 -2.59
N LYS C 16 -17.45 -10.13 -3.04
CA LYS C 16 -18.50 -9.61 -2.19
C LYS C 16 -18.68 -10.32 -0.85
N THR C 17 -18.78 -11.64 -0.90
CA THR C 17 -18.98 -12.40 0.32
C THR C 17 -17.74 -12.46 1.19
N THR C 18 -16.57 -12.48 0.55
CA THR C 18 -15.32 -12.52 1.29
C THR C 18 -15.18 -11.19 2.05
N LEU C 19 -15.54 -10.10 1.39
CA LEU C 19 -15.49 -8.78 2.02
C LEU C 19 -16.47 -8.72 3.17
N THR C 20 -17.68 -9.20 2.92
CA THR C 20 -18.71 -9.19 3.96
C THR C 20 -18.23 -9.97 5.17
N ALA C 21 -17.68 -11.15 4.93
CA ALA C 21 -17.16 -12.00 6.00
C ALA C 21 -16.01 -11.29 6.71
N ALA C 22 -15.13 -10.66 5.94
CA ALA C 22 -13.99 -9.95 6.50
C ALA C 22 -14.48 -8.85 7.45
N ILE C 23 -15.48 -8.10 7.00
CA ILE C 23 -16.03 -7.02 7.82
C ILE C 23 -16.57 -7.55 9.15
N THR C 24 -17.43 -8.56 9.08
CA THR C 24 -18.01 -9.11 10.31
C THR C 24 -16.92 -9.61 11.25
N LYS C 25 -15.98 -10.37 10.71
CA LYS C 25 -14.89 -10.91 11.51
C LYS C 25 -14.13 -9.78 12.19
N ILE C 26 -13.67 -8.81 11.39
CA ILE C 26 -12.92 -7.67 11.90
C ILE C 26 -13.68 -6.88 12.95
N LEU C 27 -14.93 -6.54 12.68
CA LEU C 27 -15.70 -5.78 13.65
C LEU C 27 -16.13 -6.64 14.84
N ALA C 28 -15.89 -7.94 14.74
CA ALA C 28 -16.24 -8.86 15.81
C ALA C 28 -15.15 -8.88 16.90
N GLU C 29 -13.97 -8.37 16.56
CA GLU C 29 -12.84 -8.33 17.50
C GLU C 29 -13.19 -7.70 18.86
N GLY C 30 -13.70 -8.50 19.79
CA GLY C 30 -14.02 -7.96 21.11
C GLY C 30 -15.43 -7.45 21.35
N GLY C 31 -15.85 -7.54 22.62
CA GLY C 31 -17.18 -7.11 23.07
C GLY C 31 -18.14 -8.29 23.10
N GLY C 32 -19.40 -8.05 22.74
CA GLY C 32 -20.38 -9.15 22.70
C GLY C 32 -20.46 -9.53 21.23
N ALA C 33 -19.41 -10.20 20.74
CA ALA C 33 -19.32 -10.57 19.33
C ALA C 33 -19.53 -12.03 18.96
N LYS C 34 -20.41 -12.23 17.99
CA LYS C 34 -20.76 -13.52 17.41
C LYS C 34 -20.94 -13.17 15.94
N PHE C 35 -19.95 -13.50 15.12
CA PHE C 35 -20.04 -13.15 13.72
C PHE C 35 -20.27 -14.35 12.81
N LYS C 36 -20.76 -14.06 11.61
CA LYS C 36 -21.01 -15.08 10.62
C LYS C 36 -19.80 -15.28 9.71
N LYS C 37 -19.48 -16.54 9.44
CA LYS C 37 -18.34 -16.88 8.60
C LYS C 37 -18.68 -16.93 7.12
N TYR C 38 -17.64 -16.92 6.28
CA TYR C 38 -17.79 -16.95 4.84
C TYR C 38 -18.84 -17.98 4.39
N GLU C 39 -18.63 -19.24 4.75
CA GLU C 39 -19.56 -20.30 4.38
C GLU C 39 -21.01 -19.93 4.74
N GLU C 40 -21.19 -19.49 5.98
CA GLU C 40 -22.51 -19.10 6.46
C GLU C 40 -23.14 -18.04 5.55
N ILE C 41 -22.35 -17.03 5.21
CA ILE C 41 -22.82 -15.95 4.36
C ILE C 41 -22.98 -16.38 2.90
N ASP C 42 -22.01 -17.13 2.40
CA ASP C 42 -22.03 -17.60 1.03
C ASP C 42 -23.25 -18.49 0.77
N ASN C 43 -23.55 -19.36 1.74
CA ASN C 43 -24.68 -20.26 1.62
C ASN C 43 -25.92 -19.51 2.11
N ALA C 44 -26.18 -18.37 1.45
CA ALA C 44 -27.30 -17.51 1.77
C ALA C 44 -28.64 -18.22 1.69
N PRO C 45 -29.47 -18.09 2.74
CA PRO C 45 -30.79 -18.71 2.80
C PRO C 45 -31.72 -18.04 1.80
N GLU C 46 -32.72 -18.77 1.34
CA GLU C 46 -33.68 -18.21 0.40
C GLU C 46 -34.81 -17.55 1.17
N GLU C 47 -35.42 -16.54 0.55
CA GLU C 47 -36.53 -15.80 1.15
C GLU C 47 -37.58 -15.51 0.07
N ARG C 48 -38.86 -15.68 0.41
CA ARG C 48 -39.92 -15.42 -0.54
C ARG C 48 -40.63 -14.10 -0.27
N ALA C 49 -40.69 -13.25 -1.29
CA ALA C 49 -41.35 -11.96 -1.17
C ALA C 49 -42.35 -11.81 -2.30
N ARG C 50 -43.63 -11.99 -1.98
CA ARG C 50 -44.70 -11.86 -2.96
C ARG C 50 -44.57 -12.91 -4.07
N GLY C 51 -44.30 -14.15 -3.69
CA GLY C 51 -44.17 -15.22 -4.67
C GLY C 51 -42.81 -15.35 -5.32
N ILE C 52 -41.92 -14.39 -5.07
CA ILE C 52 -40.59 -14.43 -5.65
C ILE C 52 -39.54 -14.84 -4.62
N THR C 53 -38.83 -15.92 -4.93
CA THR C 53 -37.79 -16.41 -4.04
C THR C 53 -36.44 -15.80 -4.37
N ILE C 54 -35.67 -15.52 -3.33
CA ILE C 54 -34.35 -14.93 -3.47
C ILE C 54 -33.40 -15.44 -2.40
N ASN C 55 -32.18 -15.77 -2.81
CA ASN C 55 -31.16 -16.22 -1.87
C ASN C 55 -30.42 -14.96 -1.43
N ALA C 56 -30.60 -14.60 -0.17
CA ALA C 56 -29.96 -13.41 0.37
C ALA C 56 -29.44 -13.63 1.78
N ALA C 57 -28.24 -13.13 2.04
CA ALA C 57 -27.64 -13.25 3.35
C ALA C 57 -27.73 -11.88 4.00
N HIS C 58 -28.04 -11.87 5.29
CA HIS C 58 -28.17 -10.62 6.02
C HIS C 58 -27.31 -10.68 7.27
N VAL C 59 -26.42 -9.71 7.42
CA VAL C 59 -25.55 -9.68 8.59
C VAL C 59 -25.65 -8.31 9.21
N GLU C 60 -25.26 -8.23 10.47
CA GLU C 60 -25.27 -6.95 11.18
C GLU C 60 -23.90 -6.72 11.78
N TYR C 61 -23.50 -5.46 11.81
CA TYR C 61 -22.22 -5.09 12.39
C TYR C 61 -22.32 -3.62 12.63
N SER C 62 -21.54 -3.14 13.59
CA SER C 62 -21.54 -1.74 13.94
C SER C 62 -20.13 -1.21 13.95
N THR C 63 -19.96 -0.01 13.42
CA THR C 63 -18.66 0.62 13.47
C THR C 63 -18.83 1.43 14.74
N ALA C 64 -17.85 2.27 15.06
CA ALA C 64 -17.94 3.09 16.26
C ALA C 64 -19.04 4.11 16.08
N ALA C 65 -19.35 4.45 14.83
CA ALA C 65 -20.37 5.45 14.58
C ALA C 65 -21.77 4.96 14.24
N ARG C 66 -21.88 3.83 13.56
CA ARG C 66 -23.21 3.36 13.18
C ARG C 66 -23.46 1.87 13.25
N HIS C 67 -24.72 1.51 13.12
CA HIS C 67 -25.10 0.11 13.10
C HIS C 67 -25.48 -0.15 11.65
N TYR C 68 -25.09 -1.30 11.13
CA TYR C 68 -25.37 -1.63 9.75
C TYR C 68 -26.09 -2.94 9.55
N ALA C 69 -27.06 -2.91 8.65
CA ALA C 69 -27.80 -4.10 8.25
C ALA C 69 -27.15 -4.27 6.88
N HIS C 70 -26.57 -5.44 6.63
CA HIS C 70 -25.86 -5.66 5.39
C HIS C 70 -26.37 -6.85 4.61
N THR C 71 -26.67 -6.61 3.34
CA THR C 71 -27.18 -7.68 2.47
C THR C 71 -26.13 -8.11 1.44
N ASP C 72 -25.96 -9.42 1.34
CA ASP C 72 -25.03 -10.00 0.40
C ASP C 72 -25.76 -11.18 -0.27
N CYS C 73 -25.75 -11.21 -1.60
CA CYS C 73 -26.44 -12.25 -2.34
C CYS C 73 -25.51 -13.09 -3.19
N PRO C 74 -25.75 -14.42 -3.24
CA PRO C 74 -24.94 -15.34 -4.01
C PRO C 74 -24.84 -15.02 -5.49
N GLY C 75 -25.98 -15.04 -6.18
CA GLY C 75 -25.96 -14.80 -7.60
C GLY C 75 -26.53 -13.49 -8.11
N HIS C 76 -26.15 -13.17 -9.34
CA HIS C 76 -26.61 -11.96 -10.02
C HIS C 76 -28.13 -11.88 -10.02
N ALA C 77 -28.78 -12.98 -10.38
CA ALA C 77 -30.24 -13.02 -10.43
C ALA C 77 -30.82 -12.59 -9.07
N ASP C 78 -30.11 -12.92 -7.99
CA ASP C 78 -30.58 -12.54 -6.66
C ASP C 78 -30.65 -11.03 -6.52
N TYR C 79 -29.60 -10.34 -6.95
CA TYR C 79 -29.59 -8.88 -6.86
C TYR C 79 -30.63 -8.25 -7.78
N VAL C 80 -30.68 -8.72 -9.02
CA VAL C 80 -31.64 -8.20 -9.98
C VAL C 80 -33.06 -8.23 -9.44
N LYS C 81 -33.48 -9.40 -8.97
CA LYS C 81 -34.82 -9.56 -8.44
C LYS C 81 -35.01 -8.79 -7.14
N ASN C 82 -34.03 -8.88 -6.25
CA ASN C 82 -34.10 -8.20 -4.98
C ASN C 82 -34.16 -6.68 -5.12
N MET C 83 -33.31 -6.11 -5.98
CA MET C 83 -33.30 -4.67 -6.15
C MET C 83 -34.49 -4.11 -6.93
N ILE C 84 -35.10 -4.92 -7.79
CA ILE C 84 -36.26 -4.46 -8.55
C ILE C 84 -37.52 -4.60 -7.70
N THR C 85 -37.57 -5.64 -6.86
CA THR C 85 -38.72 -5.89 -6.00
C THR C 85 -38.87 -4.89 -4.84
N GLY C 86 -37.77 -4.23 -4.48
CA GLY C 86 -37.81 -3.25 -3.40
C GLY C 86 -38.13 -3.87 -2.06
N THR C 87 -37.73 -5.11 -1.87
CA THR C 87 -37.97 -5.83 -0.62
C THR C 87 -37.54 -5.03 0.60
N ALA C 88 -36.28 -4.63 0.65
CA ALA C 88 -35.77 -3.87 1.78
C ALA C 88 -35.11 -2.56 1.40
N PRO C 89 -34.95 -1.66 2.37
CA PRO C 89 -34.32 -0.36 2.14
C PRO C 89 -32.82 -0.50 1.85
N LEU C 90 -32.31 0.41 1.03
CA LEU C 90 -30.89 0.43 0.70
C LEU C 90 -30.44 1.88 0.69
N ASP C 91 -29.66 2.26 1.69
CA ASP C 91 -29.17 3.63 1.80
C ASP C 91 -27.88 3.81 1.01
N GLY C 92 -27.11 2.73 0.91
CA GLY C 92 -25.87 2.80 0.19
C GLY C 92 -25.39 1.42 -0.22
N CYS C 93 -24.54 1.39 -1.23
CA CYS C 93 -24.00 0.14 -1.71
C CYS C 93 -22.50 0.13 -1.67
N ILE C 94 -21.97 -1.06 -1.46
CA ILE C 94 -20.54 -1.26 -1.47
C ILE C 94 -20.30 -2.05 -2.74
N LEU C 95 -19.80 -1.36 -3.75
CA LEU C 95 -19.52 -1.98 -5.04
C LEU C 95 -18.16 -2.68 -4.99
N VAL C 96 -18.17 -3.99 -5.12
CA VAL C 96 -16.93 -4.73 -5.08
C VAL C 96 -16.47 -5.03 -6.50
N VAL C 97 -15.27 -4.58 -6.84
CA VAL C 97 -14.71 -4.83 -8.16
C VAL C 97 -13.35 -5.48 -7.99
N ALA C 98 -13.17 -6.66 -8.57
CA ALA C 98 -11.90 -7.36 -8.51
C ALA C 98 -10.91 -6.59 -9.37
N ALA C 99 -9.73 -6.30 -8.81
CA ALA C 99 -8.70 -5.56 -9.52
C ALA C 99 -8.19 -6.21 -10.81
N ASN C 100 -8.01 -7.52 -10.81
CA ASN C 100 -7.53 -8.21 -11.99
C ASN C 100 -8.55 -8.28 -13.13
N ASP C 101 -9.82 -8.39 -12.78
CA ASP C 101 -10.90 -8.47 -13.75
C ASP C 101 -11.41 -7.11 -14.21
N GLY C 102 -11.40 -6.13 -13.30
CA GLY C 102 -11.90 -4.82 -13.66
C GLY C 102 -13.41 -4.89 -13.70
N PRO C 103 -14.09 -3.78 -14.01
CA PRO C 103 -15.56 -3.78 -14.06
C PRO C 103 -16.06 -4.82 -15.06
N MET C 104 -17.07 -5.58 -14.66
CA MET C 104 -17.66 -6.60 -15.52
C MET C 104 -19.14 -6.30 -15.72
N PRO C 105 -19.82 -7.07 -16.60
CA PRO C 105 -21.24 -6.88 -16.89
C PRO C 105 -22.15 -6.66 -15.68
N GLN C 106 -22.00 -7.48 -14.66
CA GLN C 106 -22.85 -7.35 -13.49
C GLN C 106 -22.45 -6.13 -12.66
N THR C 107 -21.19 -5.72 -12.80
CA THR C 107 -20.71 -4.55 -12.08
C THR C 107 -21.56 -3.39 -12.60
N ARG C 108 -21.71 -3.33 -13.92
CA ARG C 108 -22.50 -2.28 -14.56
C ARG C 108 -23.98 -2.36 -14.17
N GLU C 109 -24.58 -3.53 -14.37
CA GLU C 109 -25.99 -3.71 -14.05
C GLU C 109 -26.35 -3.37 -12.61
N HIS C 110 -25.51 -3.73 -11.65
CA HIS C 110 -25.79 -3.43 -10.25
C HIS C 110 -25.70 -1.93 -9.98
N LEU C 111 -24.72 -1.27 -10.57
CA LEU C 111 -24.56 0.17 -10.42
C LEU C 111 -25.81 0.88 -10.93
N LEU C 112 -26.22 0.50 -12.13
CA LEU C 112 -27.39 1.08 -12.77
C LEU C 112 -28.64 0.81 -11.93
N LEU C 113 -28.78 -0.44 -11.51
CA LEU C 113 -29.92 -0.83 -10.72
C LEU C 113 -29.92 -0.06 -9.41
N ALA C 114 -28.75 0.03 -8.78
CA ALA C 114 -28.62 0.76 -7.52
C ALA C 114 -29.04 2.22 -7.72
N ARG C 115 -28.56 2.83 -8.80
CA ARG C 115 -28.89 4.22 -9.06
C ARG C 115 -30.39 4.36 -9.32
N GLN C 116 -30.95 3.44 -10.11
CA GLN C 116 -32.36 3.48 -10.43
C GLN C 116 -33.25 3.31 -9.22
N ILE C 117 -32.87 2.44 -8.29
CA ILE C 117 -33.69 2.24 -7.09
C ILE C 117 -33.54 3.39 -6.10
N GLY C 118 -32.71 4.36 -6.43
CA GLY C 118 -32.56 5.50 -5.54
C GLY C 118 -31.30 5.61 -4.70
N VAL C 119 -30.39 4.66 -4.82
CA VAL C 119 -29.15 4.73 -4.05
C VAL C 119 -28.33 5.88 -4.60
N GLU C 120 -28.14 6.91 -3.78
CA GLU C 120 -27.40 8.09 -4.21
C GLU C 120 -25.90 8.00 -3.97
N HIS C 121 -25.50 7.13 -3.05
CA HIS C 121 -24.08 6.98 -2.79
C HIS C 121 -23.61 5.55 -2.66
N VAL C 122 -22.48 5.30 -3.29
CA VAL C 122 -21.87 3.99 -3.25
C VAL C 122 -20.41 4.19 -2.84
N VAL C 123 -19.81 3.17 -2.27
CA VAL C 123 -18.41 3.22 -1.90
C VAL C 123 -17.84 2.04 -2.69
N VAL C 124 -16.67 2.21 -3.29
CA VAL C 124 -16.11 1.13 -4.07
C VAL C 124 -14.96 0.44 -3.37
N TYR C 125 -14.97 -0.88 -3.42
CA TYR C 125 -13.90 -1.65 -2.83
C TYR C 125 -13.25 -2.40 -3.98
N VAL C 126 -12.06 -1.97 -4.37
CA VAL C 126 -11.32 -2.65 -5.43
C VAL C 126 -10.63 -3.80 -4.71
N ASN C 127 -11.18 -4.98 -4.93
CA ASN C 127 -10.69 -6.19 -4.27
C ASN C 127 -9.59 -6.96 -5.00
N LYS C 128 -9.02 -7.95 -4.32
CA LYS C 128 -7.98 -8.80 -4.87
C LYS C 128 -6.72 -8.05 -5.28
N ALA C 129 -6.39 -7.00 -4.54
CA ALA C 129 -5.19 -6.23 -4.84
C ALA C 129 -3.97 -7.14 -4.69
N ASP C 130 -4.10 -8.16 -3.85
CA ASP C 130 -3.03 -9.11 -3.61
C ASP C 130 -2.69 -9.91 -4.85
N ALA C 131 -3.68 -10.06 -5.73
CA ALA C 131 -3.51 -10.83 -6.95
C ALA C 131 -2.98 -9.99 -8.12
N VAL C 132 -2.46 -8.80 -7.82
CA VAL C 132 -1.90 -7.91 -8.83
C VAL C 132 -0.48 -7.49 -8.48
N GLN C 133 0.36 -7.39 -9.50
CA GLN C 133 1.75 -6.99 -9.30
C GLN C 133 1.95 -5.57 -9.77
N ASP C 134 1.23 -5.20 -10.83
CA ASP C 134 1.34 -3.86 -11.40
C ASP C 134 0.29 -2.95 -10.79
N SER C 135 0.76 -2.05 -9.95
CA SER C 135 -0.12 -1.08 -9.31
C SER C 135 -0.65 -0.24 -10.46
N GLU C 136 0.01 -0.40 -11.61
CA GLU C 136 -0.37 0.29 -12.82
C GLU C 136 -1.78 -0.16 -13.21
N MET C 137 -2.05 -1.44 -12.96
CA MET C 137 -3.35 -2.08 -13.22
C MET C 137 -4.40 -1.49 -12.29
N VAL C 138 -4.08 -1.43 -11.01
CA VAL C 138 -4.98 -0.90 -10.01
C VAL C 138 -5.32 0.55 -10.33
N GLU C 139 -4.31 1.36 -10.64
CA GLU C 139 -4.55 2.77 -10.93
C GLU C 139 -5.51 2.89 -12.12
N LEU C 140 -5.29 2.08 -13.16
CA LEU C 140 -6.17 2.12 -14.31
C LEU C 140 -7.60 1.71 -13.94
N VAL C 141 -7.73 0.64 -13.16
CA VAL C 141 -9.05 0.18 -12.76
C VAL C 141 -9.79 1.23 -11.93
N GLU C 142 -9.06 1.94 -11.06
CA GLU C 142 -9.71 2.97 -10.26
C GLU C 142 -10.25 4.04 -11.19
N LEU C 143 -9.40 4.50 -12.12
CA LEU C 143 -9.80 5.51 -13.09
C LEU C 143 -11.00 4.98 -13.87
N GLU C 144 -10.92 3.73 -14.28
CA GLU C 144 -12.01 3.13 -15.03
C GLU C 144 -13.29 3.11 -14.20
N ILE C 145 -13.19 2.81 -12.91
CA ILE C 145 -14.37 2.79 -12.06
C ILE C 145 -14.95 4.17 -11.87
N ARG C 146 -14.10 5.18 -11.75
CA ARG C 146 -14.59 6.54 -11.59
C ARG C 146 -15.37 6.96 -12.85
N GLU C 147 -14.90 6.59 -14.04
CA GLU C 147 -15.63 6.93 -15.25
C GLU C 147 -16.93 6.14 -15.28
N LEU C 148 -16.88 4.90 -14.82
CA LEU C 148 -18.06 4.05 -14.77
C LEU C 148 -19.11 4.67 -13.84
N LEU C 149 -18.67 5.15 -12.69
CA LEU C 149 -19.56 5.77 -11.72
C LEU C 149 -20.24 6.97 -12.34
N THR C 150 -19.44 7.84 -12.95
CA THR C 150 -19.92 9.04 -13.61
C THR C 150 -20.88 8.64 -14.72
N GLU C 151 -20.54 7.58 -15.44
CA GLU C 151 -21.37 7.10 -16.54
C GLU C 151 -22.77 6.74 -16.04
N PHE C 152 -22.86 6.20 -14.82
CA PHE C 152 -24.15 5.81 -14.28
C PHE C 152 -24.80 6.78 -13.29
N GLY C 153 -24.40 8.04 -13.34
CA GLY C 153 -25.02 9.03 -12.48
C GLY C 153 -24.39 9.31 -11.13
N TYR C 154 -23.39 8.54 -10.74
CA TYR C 154 -22.73 8.78 -9.46
C TYR C 154 -21.57 9.74 -9.67
N LYS C 155 -21.20 10.46 -8.62
CA LYS C 155 -20.07 11.39 -8.72
C LYS C 155 -18.80 10.57 -8.62
N GLY C 156 -18.29 10.17 -9.79
CA GLY C 156 -17.10 9.35 -9.85
C GLY C 156 -15.89 9.90 -9.14
N GLU C 157 -15.63 11.19 -9.29
CA GLU C 157 -14.47 11.79 -8.66
C GLU C 157 -14.61 11.90 -7.15
N GLU C 158 -15.85 11.94 -6.68
CA GLU C 158 -16.13 12.07 -5.25
C GLU C 158 -16.26 10.74 -4.52
N THR C 159 -16.66 9.71 -5.25
CA THR C 159 -16.87 8.39 -4.66
C THR C 159 -15.63 7.77 -4.04
N PRO C 160 -15.74 7.36 -2.76
CA PRO C 160 -14.58 6.73 -2.11
C PRO C 160 -14.27 5.40 -2.77
N ILE C 161 -13.01 5.20 -3.14
CA ILE C 161 -12.60 3.96 -3.75
C ILE C 161 -11.47 3.41 -2.91
N ILE C 162 -11.71 2.26 -2.31
CA ILE C 162 -10.72 1.62 -1.45
C ILE C 162 -10.15 0.41 -2.16
N VAL C 163 -8.83 0.31 -2.18
CA VAL C 163 -8.18 -0.82 -2.81
C VAL C 163 -7.65 -1.74 -1.72
N GLY C 164 -7.92 -3.04 -1.88
CA GLY C 164 -7.43 -3.96 -0.88
C GLY C 164 -7.70 -5.40 -1.25
N SER C 165 -7.51 -6.27 -0.28
CA SER C 165 -7.73 -7.69 -0.43
C SER C 165 -8.63 -8.13 0.71
N ALA C 166 -9.87 -8.43 0.39
CA ALA C 166 -10.83 -8.90 1.37
C ALA C 166 -10.34 -10.23 1.92
N LEU C 167 -9.63 -10.99 1.08
CA LEU C 167 -9.12 -12.30 1.50
C LEU C 167 -8.05 -12.14 2.57
N CYS C 168 -7.09 -11.25 2.35
CA CYS C 168 -6.05 -11.02 3.33
C CYS C 168 -6.67 -10.52 4.62
N ALA C 169 -7.68 -9.67 4.48
CA ALA C 169 -8.38 -9.13 5.63
C ALA C 169 -9.06 -10.28 6.37
N LEU C 170 -9.77 -11.13 5.64
CA LEU C 170 -10.47 -12.26 6.24
C LEU C 170 -9.48 -13.23 6.90
N GLU C 171 -8.37 -13.50 6.23
CA GLU C 171 -7.39 -14.43 6.78
C GLU C 171 -6.37 -13.77 7.69
N GLN C 172 -6.65 -12.55 8.11
CA GLN C 172 -5.80 -11.80 9.02
C GLN C 172 -4.32 -11.80 8.66
N ARG C 173 -4.01 -11.31 7.46
CA ARG C 173 -2.62 -11.22 7.01
C ARG C 173 -2.45 -10.00 6.11
N ASP C 174 -1.21 -9.65 5.81
CA ASP C 174 -0.89 -8.50 4.95
C ASP C 174 -1.89 -7.37 5.21
N PRO C 175 -1.87 -6.79 6.42
CA PRO C 175 -2.72 -5.71 6.90
C PRO C 175 -2.86 -4.49 5.99
N GLU C 176 -1.79 -4.13 5.28
CA GLU C 176 -1.88 -2.98 4.39
C GLU C 176 -2.94 -3.23 3.33
N LEU C 177 -3.02 -4.48 2.87
CA LEU C 177 -4.01 -4.85 1.85
C LEU C 177 -5.30 -5.33 2.52
N GLY C 178 -5.14 -6.00 3.66
CA GLY C 178 -6.29 -6.54 4.36
C GLY C 178 -6.99 -5.62 5.34
N LEU C 179 -6.72 -5.84 6.62
CA LEU C 179 -7.33 -5.06 7.69
C LEU C 179 -7.45 -3.57 7.39
N LYS C 180 -6.34 -2.92 7.06
CA LYS C 180 -6.38 -1.49 6.79
C LYS C 180 -7.33 -1.07 5.68
N SER C 181 -7.47 -1.88 4.64
CA SER C 181 -8.39 -1.50 3.56
C SER C 181 -9.82 -1.60 4.07
N VAL C 182 -10.10 -2.64 4.85
CA VAL C 182 -11.43 -2.82 5.40
C VAL C 182 -11.74 -1.66 6.35
N GLN C 183 -10.74 -1.22 7.11
CA GLN C 183 -10.97 -0.10 8.01
C GLN C 183 -11.23 1.17 7.20
N LYS C 184 -10.50 1.35 6.10
CA LYS C 184 -10.72 2.52 5.27
C LYS C 184 -12.09 2.42 4.61
N LEU C 185 -12.48 1.20 4.26
CA LEU C 185 -13.77 0.98 3.63
C LEU C 185 -14.90 1.38 4.57
N LEU C 186 -14.86 0.85 5.79
CA LEU C 186 -15.87 1.15 6.78
C LEU C 186 -15.91 2.63 7.09
N ASP C 187 -14.75 3.28 7.12
CA ASP C 187 -14.73 4.71 7.41
C ASP C 187 -15.52 5.40 6.31
N ALA C 188 -15.17 5.08 5.07
CA ALA C 188 -15.83 5.65 3.90
C ALA C 188 -17.33 5.39 3.95
N VAL C 189 -17.73 4.20 4.36
CA VAL C 189 -19.14 3.89 4.46
C VAL C 189 -19.78 4.81 5.49
N ASP C 190 -19.16 4.90 6.66
CA ASP C 190 -19.65 5.76 7.74
C ASP C 190 -19.81 7.22 7.32
N THR C 191 -18.89 7.71 6.50
CA THR C 191 -18.90 9.11 6.09
C THR C 191 -19.55 9.47 4.76
N TYR C 192 -19.52 8.55 3.80
CA TYR C 192 -20.07 8.86 2.50
C TYR C 192 -21.51 8.42 2.32
N ILE C 193 -21.90 7.33 2.98
CA ILE C 193 -23.26 6.84 2.87
C ILE C 193 -24.16 7.53 3.88
N PRO C 194 -25.15 8.30 3.40
CA PRO C 194 -26.11 9.03 4.23
C PRO C 194 -27.01 8.13 5.08
N VAL C 195 -27.40 8.62 6.24
CA VAL C 195 -28.29 7.87 7.13
C VAL C 195 -29.67 8.00 6.50
N PRO C 196 -30.54 6.99 6.68
CA PRO C 196 -31.87 7.11 6.09
C PRO C 196 -32.60 8.28 6.74
N THR C 197 -33.65 8.76 6.08
CA THR C 197 -34.45 9.87 6.62
C THR C 197 -35.89 9.62 6.21
N ARG C 198 -36.83 10.29 6.86
CA ARG C 198 -38.23 10.12 6.52
C ARG C 198 -38.61 11.18 5.50
N ASP C 199 -37.59 11.86 4.98
CA ASP C 199 -37.77 12.89 3.96
C ASP C 199 -38.86 13.89 4.33
N LEU C 200 -38.84 14.37 5.56
CA LEU C 200 -39.86 15.31 5.99
C LEU C 200 -39.75 16.65 5.29
N GLU C 201 -38.61 16.92 4.64
CA GLU C 201 -38.43 18.20 3.96
C GLU C 201 -38.91 18.17 2.51
N LYS C 202 -39.31 17.00 2.03
CA LYS C 202 -39.81 16.88 0.66
C LYS C 202 -41.29 17.27 0.59
N PRO C 203 -41.77 17.62 -0.61
CA PRO C 203 -43.18 18.00 -0.77
C PRO C 203 -44.06 16.85 -0.29
N PHE C 204 -45.08 17.14 0.51
CA PHE C 204 -45.92 16.06 1.02
C PHE C 204 -46.59 15.31 -0.11
N LEU C 205 -46.75 14.01 0.07
CA LEU C 205 -47.34 13.16 -0.94
C LEU C 205 -48.14 12.06 -0.23
N LEU C 206 -49.44 12.01 -0.51
CA LEU C 206 -50.33 11.06 0.13
C LEU C 206 -51.16 10.24 -0.86
N PRO C 207 -50.73 8.99 -1.12
CA PRO C 207 -51.48 8.14 -2.05
C PRO C 207 -52.83 7.87 -1.40
N VAL C 208 -53.91 8.19 -2.09
CA VAL C 208 -55.24 7.98 -1.54
C VAL C 208 -55.68 6.51 -1.52
N GLU C 209 -55.90 5.99 -0.32
CA GLU C 209 -56.33 4.61 -0.12
C GLU C 209 -57.83 4.49 -0.30
N SER C 210 -58.55 5.47 0.23
CA SER C 210 -60.00 5.45 0.16
C SER C 210 -60.60 6.83 0.35
N VAL C 211 -61.90 6.91 0.14
CA VAL C 211 -62.61 8.17 0.29
C VAL C 211 -63.95 7.91 0.96
N TYR C 212 -64.34 8.83 1.83
CA TYR C 212 -65.63 8.71 2.50
C TYR C 212 -66.13 10.09 2.78
N SER C 213 -67.35 10.17 3.29
CA SER C 213 -67.95 11.46 3.59
C SER C 213 -68.55 11.49 4.98
N ILE C 214 -68.47 12.65 5.61
CA ILE C 214 -69.04 12.87 6.93
C ILE C 214 -70.06 13.98 6.71
N PRO C 215 -71.36 13.65 6.80
CA PRO C 215 -72.39 14.68 6.60
C PRO C 215 -72.15 15.91 7.48
N GLY C 216 -72.26 17.08 6.89
CA GLY C 216 -72.07 18.29 7.66
C GLY C 216 -70.62 18.70 7.85
N ARG C 217 -69.69 17.83 7.47
CA ARG C 217 -68.28 18.18 7.61
C ARG C 217 -67.58 18.21 6.26
N GLY C 218 -67.80 17.18 5.45
CA GLY C 218 -67.18 17.14 4.14
C GLY C 218 -66.62 15.80 3.72
N THR C 219 -65.79 15.84 2.68
CA THR C 219 -65.17 14.62 2.15
C THR C 219 -63.80 14.36 2.76
N VAL C 220 -63.52 13.10 3.04
CA VAL C 220 -62.24 12.72 3.63
C VAL C 220 -61.51 11.68 2.80
N VAL C 221 -60.22 11.88 2.62
CA VAL C 221 -59.38 10.94 1.88
C VAL C 221 -58.47 10.30 2.92
N THR C 222 -58.30 8.99 2.83
CA THR C 222 -57.44 8.30 3.78
C THR C 222 -56.18 7.83 3.08
N GLY C 223 -55.11 7.70 3.85
CA GLY C 223 -53.87 7.25 3.27
C GLY C 223 -52.71 7.53 4.20
N THR C 224 -51.56 7.03 3.81
CA THR C 224 -50.34 7.20 4.57
C THR C 224 -49.44 8.18 3.85
N LEU C 225 -49.01 9.19 4.58
CA LEU C 225 -48.14 10.22 4.04
C LEU C 225 -46.80 9.54 3.72
N GLU C 226 -46.43 9.54 2.44
CA GLU C 226 -45.20 8.92 2.00
C GLU C 226 -43.96 9.76 2.26
N ARG C 227 -44.14 11.07 2.35
CA ARG C 227 -43.01 11.94 2.60
C ARG C 227 -43.51 13.29 3.00
N GLY C 228 -42.59 14.13 3.46
CA GLY C 228 -42.93 15.47 3.86
C GLY C 228 -43.85 15.57 5.07
N ILE C 229 -44.40 16.77 5.24
CA ILE C 229 -45.28 17.06 6.35
C ILE C 229 -46.53 17.75 5.82
N LEU C 230 -47.68 17.39 6.37
CA LEU C 230 -48.94 17.98 5.97
C LEU C 230 -49.47 18.79 7.15
N LYS C 231 -49.88 20.02 6.91
CA LYS C 231 -50.42 20.84 7.98
C LYS C 231 -51.87 21.20 7.69
N LYS C 232 -52.66 21.33 8.74
CA LYS C 232 -54.07 21.72 8.60
C LYS C 232 -54.07 23.08 7.87
N GLY C 233 -54.89 23.20 6.83
CA GLY C 233 -54.93 24.45 6.09
C GLY C 233 -54.00 24.48 4.89
N ASP C 234 -53.23 23.42 4.71
CA ASP C 234 -52.30 23.34 3.58
C ASP C 234 -53.08 23.21 2.28
N GLU C 235 -52.60 23.90 1.24
CA GLU C 235 -53.23 23.79 -0.07
C GLU C 235 -52.78 22.41 -0.54
N CYS C 236 -53.64 21.70 -1.26
CA CYS C 236 -53.28 20.40 -1.76
C CYS C 236 -53.79 20.25 -3.17
N GLU C 237 -53.31 19.22 -3.85
CA GLU C 237 -53.67 18.96 -5.22
C GLU C 237 -53.77 17.45 -5.40
N PHE C 238 -54.86 16.99 -6.01
CA PHE C 238 -55.00 15.58 -6.25
C PHE C 238 -54.59 15.35 -7.70
N LEU C 239 -53.80 14.31 -7.92
CA LEU C 239 -53.31 14.00 -9.25
C LEU C 239 -53.59 12.56 -9.62
N GLY C 240 -53.92 12.33 -10.88
CA GLY C 240 -54.21 10.99 -11.34
C GLY C 240 -55.53 10.93 -12.08
N HIS C 241 -55.72 9.87 -12.86
CA HIS C 241 -56.93 9.67 -13.64
C HIS C 241 -57.32 10.92 -14.42
N SER C 242 -56.34 11.51 -15.09
CA SER C 242 -56.55 12.71 -15.90
C SER C 242 -57.31 13.81 -15.18
N LYS C 243 -57.04 13.96 -13.89
CA LYS C 243 -57.69 14.99 -13.11
C LYS C 243 -56.69 15.80 -12.30
N ASN C 244 -56.96 17.09 -12.18
CA ASN C 244 -56.10 17.96 -11.39
C ASN C 244 -57.03 18.79 -10.53
N ILE C 245 -57.27 18.31 -9.33
CA ILE C 245 -58.16 18.98 -8.40
C ILE C 245 -57.34 19.67 -7.32
N ARG C 246 -57.51 20.97 -7.21
CA ARG C 246 -56.76 21.73 -6.22
C ARG C 246 -57.70 22.30 -5.16
N THR C 247 -57.36 22.03 -3.90
CA THR C 247 -58.18 22.49 -2.79
C THR C 247 -57.32 22.67 -1.54
N VAL C 248 -57.93 22.52 -0.37
CA VAL C 248 -57.22 22.69 0.88
C VAL C 248 -57.58 21.62 1.90
N VAL C 249 -56.63 21.25 2.74
CA VAL C 249 -56.90 20.27 3.78
C VAL C 249 -57.34 21.09 4.96
N THR C 250 -58.63 21.00 5.29
CA THR C 250 -59.19 21.75 6.40
C THR C 250 -59.17 20.96 7.69
N GLY C 251 -58.89 19.66 7.58
CA GLY C 251 -58.85 18.83 8.76
C GLY C 251 -58.03 17.59 8.55
N ILE C 252 -57.22 17.26 9.57
CA ILE C 252 -56.39 16.08 9.54
C ILE C 252 -56.80 15.28 10.76
N GLU C 253 -57.09 14.00 10.58
CA GLU C 253 -57.50 13.21 11.71
C GLU C 253 -56.79 11.86 11.80
N MET C 254 -56.44 11.50 13.03
CA MET C 254 -55.79 10.24 13.34
C MET C 254 -56.26 9.86 14.73
N PHE C 255 -56.57 8.59 14.93
CA PHE C 255 -57.02 8.13 16.24
C PHE C 255 -58.28 8.85 16.69
N HIS C 256 -59.12 9.22 15.74
CA HIS C 256 -60.37 9.90 16.03
C HIS C 256 -60.12 11.25 16.67
N LYS C 257 -58.92 11.80 16.44
CA LYS C 257 -58.57 13.09 17.00
C LYS C 257 -58.10 14.01 15.89
N SER C 258 -58.49 15.28 15.96
CA SER C 258 -58.08 16.25 14.96
C SER C 258 -56.64 16.66 15.24
N LEU C 259 -55.89 16.90 14.18
CA LEU C 259 -54.49 17.27 14.33
C LEU C 259 -54.19 18.50 13.48
N ASP C 260 -53.15 19.24 13.86
CA ASP C 260 -52.76 20.42 13.09
C ASP C 260 -51.72 20.04 12.04
N ARG C 261 -51.14 18.86 12.20
CA ARG C 261 -50.15 18.37 11.25
C ARG C 261 -49.92 16.87 11.37
N ALA C 262 -49.36 16.31 10.30
CA ALA C 262 -49.04 14.90 10.23
C ALA C 262 -47.81 14.84 9.36
N GLU C 263 -47.03 13.78 9.50
CA GLU C 263 -45.83 13.68 8.70
C GLU C 263 -45.66 12.31 8.08
N ALA C 264 -44.65 12.18 7.23
CA ALA C 264 -44.36 10.91 6.56
C ALA C 264 -44.53 9.75 7.52
N GLY C 265 -45.26 8.74 7.06
CA GLY C 265 -45.49 7.56 7.88
C GLY C 265 -46.83 7.54 8.59
N ASP C 266 -47.48 8.70 8.71
CA ASP C 266 -48.77 8.71 9.38
C ASP C 266 -49.88 8.27 8.46
N ASN C 267 -50.73 7.38 8.97
CA ASN C 267 -51.89 6.88 8.24
C ASN C 267 -52.99 7.81 8.77
N LEU C 268 -53.54 8.65 7.89
CA LEU C 268 -54.53 9.60 8.35
C LEU C 268 -55.70 9.86 7.42
N GLY C 269 -56.71 10.51 7.98
CA GLY C 269 -57.87 10.90 7.22
C GLY C 269 -57.70 12.39 7.04
N ALA C 270 -57.74 12.85 5.80
CA ALA C 270 -57.60 14.27 5.52
C ALA C 270 -58.91 14.81 4.98
N LEU C 271 -59.53 15.70 5.75
CA LEU C 271 -60.79 16.33 5.36
C LEU C 271 -60.43 17.42 4.36
N VAL C 272 -61.11 17.44 3.22
CA VAL C 272 -60.84 18.44 2.19
C VAL C 272 -62.04 19.32 1.89
N ARG C 273 -61.76 20.60 1.69
CA ARG C 273 -62.77 21.61 1.41
C ARG C 273 -63.41 21.52 0.03
N GLY C 274 -64.71 21.82 -0.02
CA GLY C 274 -65.46 21.84 -1.27
C GLY C 274 -65.78 20.53 -1.96
N LEU C 275 -64.73 19.80 -2.33
CA LEU C 275 -64.87 18.54 -3.04
C LEU C 275 -65.92 17.60 -2.44
N LYS C 276 -66.50 16.77 -3.30
CA LYS C 276 -67.51 15.80 -2.88
C LYS C 276 -66.89 14.41 -3.03
N ARG C 277 -67.52 13.40 -2.42
CA ARG C 277 -66.99 12.05 -2.46
C ARG C 277 -66.82 11.44 -3.86
N GLU C 278 -67.63 11.90 -4.82
CA GLU C 278 -67.54 11.41 -6.19
C GLU C 278 -66.39 12.07 -6.94
N ASP C 279 -65.97 13.23 -6.44
CA ASP C 279 -64.88 13.98 -7.04
C ASP C 279 -63.53 13.28 -6.84
N LEU C 280 -63.47 12.35 -5.90
CA LEU C 280 -62.21 11.67 -5.59
C LEU C 280 -62.30 10.15 -5.64
N ARG C 281 -61.14 9.49 -5.62
CA ARG C 281 -61.13 8.04 -5.64
C ARG C 281 -59.79 7.44 -5.24
N ARG C 282 -59.83 6.18 -4.83
CA ARG C 282 -58.63 5.46 -4.45
C ARG C 282 -57.71 5.45 -5.68
N GLY C 283 -56.44 5.76 -5.48
CA GLY C 283 -55.52 5.77 -6.61
C GLY C 283 -54.98 7.16 -6.89
N LEU C 284 -55.77 8.18 -6.58
CA LEU C 284 -55.30 9.54 -6.77
C LEU C 284 -54.22 9.76 -5.72
N VAL C 285 -53.42 10.80 -5.93
CA VAL C 285 -52.36 11.13 -4.99
C VAL C 285 -52.54 12.59 -4.59
N MET C 286 -52.59 12.84 -3.28
CA MET C 286 -52.73 14.20 -2.77
C MET C 286 -51.33 14.67 -2.46
N ALA C 287 -50.92 15.76 -3.08
CA ALA C 287 -49.59 16.28 -2.89
C ALA C 287 -49.58 17.79 -2.82
N LYS C 288 -48.44 18.35 -2.41
CA LYS C 288 -48.28 19.80 -2.34
C LYS C 288 -48.45 20.28 -3.77
N PRO C 289 -49.26 21.33 -3.98
CA PRO C 289 -49.50 21.86 -5.33
C PRO C 289 -48.25 22.15 -6.16
N GLY C 290 -48.25 21.64 -7.39
CA GLY C 290 -47.14 21.84 -8.31
C GLY C 290 -45.85 21.11 -7.99
N SER C 291 -45.85 20.30 -6.93
CA SER C 291 -44.64 19.57 -6.54
C SER C 291 -44.30 18.41 -7.48
N ILE C 292 -45.34 17.71 -7.93
CA ILE C 292 -45.14 16.58 -8.83
C ILE C 292 -46.16 16.64 -9.97
N GLN C 293 -45.85 15.96 -11.07
CA GLN C 293 -46.73 15.92 -12.22
C GLN C 293 -46.98 14.48 -12.62
N PRO C 294 -48.23 14.14 -12.96
CA PRO C 294 -48.58 12.78 -13.36
C PRO C 294 -47.88 12.48 -14.68
N HIS C 295 -47.54 11.21 -14.91
CA HIS C 295 -46.89 10.81 -16.15
C HIS C 295 -47.68 9.71 -16.82
N GLN C 296 -47.60 9.66 -18.14
CA GLN C 296 -48.32 8.66 -18.91
C GLN C 296 -47.35 7.72 -19.63
N LYS C 297 -46.12 8.17 -19.80
CA LYS C 297 -45.11 7.36 -20.46
C LYS C 297 -43.92 7.22 -19.53
N VAL C 298 -43.45 5.99 -19.36
CA VAL C 298 -42.33 5.79 -18.48
C VAL C 298 -41.45 4.64 -18.97
N GLU C 299 -40.18 4.70 -18.62
CA GLU C 299 -39.25 3.63 -18.96
C GLU C 299 -39.03 2.98 -17.59
N ALA C 300 -38.90 1.67 -17.58
CA ALA C 300 -38.72 0.99 -16.31
C ALA C 300 -37.96 -0.30 -16.45
N GLN C 301 -37.33 -0.70 -15.37
CA GLN C 301 -36.59 -1.95 -15.35
C GLN C 301 -37.64 -2.88 -14.77
N VAL C 302 -38.00 -3.89 -15.54
CA VAL C 302 -39.03 -4.80 -15.11
C VAL C 302 -38.59 -6.24 -15.05
N TYR C 303 -38.90 -6.89 -13.94
CA TYR C 303 -38.57 -8.29 -13.79
C TYR C 303 -39.79 -9.11 -14.18
N ILE C 304 -39.62 -9.93 -15.21
CA ILE C 304 -40.69 -10.78 -15.71
C ILE C 304 -40.68 -12.06 -14.90
N LEU C 305 -41.70 -12.24 -14.08
CA LEU C 305 -41.77 -13.42 -13.24
C LEU C 305 -41.75 -14.74 -13.99
N THR C 306 -41.20 -15.74 -13.31
CA THR C 306 -41.09 -17.08 -13.85
C THR C 306 -42.47 -17.75 -13.80
N LYS C 307 -42.65 -18.82 -14.58
CA LYS C 307 -43.90 -19.54 -14.59
C LYS C 307 -44.16 -20.10 -13.20
N GLU C 308 -43.07 -20.51 -12.55
CA GLU C 308 -43.15 -21.11 -11.22
C GLU C 308 -43.24 -20.03 -10.14
N GLU C 309 -42.99 -18.78 -10.51
CA GLU C 309 -43.09 -17.64 -9.61
C GLU C 309 -44.51 -17.09 -9.68
N GLY C 310 -45.33 -17.74 -10.49
CA GLY C 310 -46.71 -17.30 -10.64
C GLY C 310 -46.82 -16.39 -11.84
N GLY C 311 -45.70 -16.19 -12.52
CA GLY C 311 -45.65 -15.33 -13.69
C GLY C 311 -46.49 -15.85 -14.84
N ARG C 312 -46.38 -15.20 -16.00
CA ARG C 312 -47.13 -15.61 -17.17
C ARG C 312 -46.52 -16.88 -17.72
N HIS C 313 -47.35 -17.63 -18.44
CA HIS C 313 -46.93 -18.89 -19.06
C HIS C 313 -46.36 -18.69 -20.45
N LYS C 314 -46.91 -17.73 -21.18
CA LYS C 314 -46.43 -17.40 -22.52
C LYS C 314 -45.79 -16.02 -22.49
N PRO C 315 -44.51 -15.93 -22.90
CA PRO C 315 -43.85 -14.62 -22.88
C PRO C 315 -44.68 -13.65 -23.70
N PHE C 316 -44.84 -12.42 -23.21
CA PHE C 316 -45.63 -11.44 -23.94
C PHE C 316 -44.73 -10.67 -24.90
N VAL C 317 -45.33 -10.09 -25.91
CA VAL C 317 -44.59 -9.32 -26.90
C VAL C 317 -44.92 -7.85 -26.77
N SER C 318 -44.17 -7.01 -27.48
CA SER C 318 -44.39 -5.58 -27.45
C SER C 318 -45.85 -5.32 -27.75
N HIS C 319 -46.41 -4.30 -27.13
CA HIS C 319 -47.81 -3.91 -27.28
C HIS C 319 -48.78 -4.73 -26.45
N PHE C 320 -48.24 -5.53 -25.54
CA PHE C 320 -49.09 -6.30 -24.64
C PHE C 320 -49.69 -5.23 -23.72
N MET C 321 -50.92 -5.44 -23.26
CA MET C 321 -51.58 -4.44 -22.41
C MET C 321 -52.03 -4.93 -21.04
N PRO C 322 -51.07 -5.08 -20.10
CA PRO C 322 -51.39 -5.55 -18.75
C PRO C 322 -51.96 -4.37 -17.97
N VAL C 323 -52.24 -4.59 -16.69
CA VAL C 323 -52.74 -3.52 -15.83
C VAL C 323 -51.62 -3.23 -14.83
N MET C 324 -51.25 -1.95 -14.73
CA MET C 324 -50.19 -1.56 -13.81
C MET C 324 -50.74 -1.14 -12.46
N PHE C 325 -50.14 -1.67 -11.40
CA PHE C 325 -50.51 -1.33 -10.04
C PHE C 325 -49.29 -0.68 -9.40
N SER C 326 -49.49 0.51 -8.86
CA SER C 326 -48.42 1.24 -8.20
C SER C 326 -49.14 2.09 -7.18
N LEU C 327 -48.45 2.40 -6.07
CA LEU C 327 -49.08 3.18 -5.01
C LEU C 327 -50.43 2.54 -4.74
N THR C 328 -51.49 3.33 -4.73
CA THR C 328 -52.81 2.76 -4.48
C THR C 328 -53.66 2.71 -5.73
N TRP C 329 -53.05 3.04 -6.87
CA TRP C 329 -53.78 3.03 -8.13
C TRP C 329 -53.48 1.85 -9.04
N ASP C 330 -54.33 1.69 -10.04
CA ASP C 330 -54.19 0.63 -11.02
C ASP C 330 -54.59 1.29 -12.33
N MET C 331 -53.86 0.99 -13.40
CA MET C 331 -54.14 1.60 -14.69
C MET C 331 -53.63 0.74 -15.84
N ALA C 332 -54.44 0.66 -16.90
CA ALA C 332 -54.05 -0.09 -18.07
C ALA C 332 -52.87 0.60 -18.71
N CYS C 333 -51.97 -0.18 -19.29
CA CYS C 333 -50.81 0.39 -19.94
C CYS C 333 -50.44 -0.48 -21.13
N ARG C 334 -49.60 0.06 -22.01
CA ARG C 334 -49.16 -0.69 -23.17
C ARG C 334 -47.65 -0.78 -23.07
N ILE C 335 -47.15 -1.99 -23.23
CA ILE C 335 -45.72 -2.23 -23.12
C ILE C 335 -45.02 -2.21 -24.47
N ILE C 336 -43.83 -1.61 -24.49
CA ILE C 336 -43.02 -1.54 -25.70
C ILE C 336 -41.68 -2.15 -25.31
N LEU C 337 -41.34 -3.27 -25.92
CA LEU C 337 -40.09 -3.96 -25.62
C LEU C 337 -38.88 -3.11 -26.02
N PRO C 338 -37.71 -3.43 -25.47
CA PRO C 338 -36.46 -2.72 -25.76
C PRO C 338 -36.03 -2.96 -27.19
N PRO C 339 -35.32 -1.99 -27.80
CA PRO C 339 -34.84 -2.16 -29.18
C PRO C 339 -33.83 -3.30 -29.18
N GLY C 340 -34.24 -4.47 -29.65
CA GLY C 340 -33.34 -5.61 -29.68
C GLY C 340 -33.90 -6.83 -29.00
N LYS C 341 -35.12 -6.71 -28.47
CA LYS C 341 -35.79 -7.82 -27.82
C LYS C 341 -37.20 -7.94 -28.36
N GLU C 342 -37.48 -9.07 -29.00
CA GLU C 342 -38.79 -9.32 -29.62
C GLU C 342 -39.75 -9.95 -28.62
N LEU C 343 -39.22 -10.47 -27.52
CA LEU C 343 -40.05 -11.10 -26.51
C LEU C 343 -39.55 -10.79 -25.11
N ALA C 344 -40.46 -10.83 -24.14
CA ALA C 344 -40.11 -10.56 -22.74
C ALA C 344 -39.74 -11.87 -22.07
N MET C 345 -38.44 -12.17 -22.03
CA MET C 345 -37.95 -13.40 -21.43
C MET C 345 -38.40 -13.61 -19.98
N PRO C 346 -39.06 -14.74 -19.71
CA PRO C 346 -39.55 -15.06 -18.36
C PRO C 346 -38.37 -15.23 -17.39
N GLY C 347 -38.54 -14.76 -16.17
CA GLY C 347 -37.46 -14.88 -15.20
C GLY C 347 -36.31 -13.97 -15.55
N GLU C 348 -36.56 -13.06 -16.48
CA GLU C 348 -35.55 -12.12 -16.92
C GLU C 348 -36.04 -10.68 -16.73
N ASP C 349 -35.11 -9.76 -16.51
CA ASP C 349 -35.46 -8.36 -16.32
C ASP C 349 -35.05 -7.62 -17.57
N LEU C 350 -35.81 -6.59 -17.92
CA LEU C 350 -35.47 -5.79 -19.09
C LEU C 350 -35.97 -4.37 -18.91
N LYS C 351 -35.49 -3.49 -19.79
CA LYS C 351 -35.87 -2.09 -19.76
C LYS C 351 -37.06 -1.91 -20.69
N LEU C 352 -38.24 -1.79 -20.11
CA LEU C 352 -39.45 -1.61 -20.89
C LEU C 352 -39.89 -0.17 -20.93
N THR C 353 -40.66 0.16 -21.94
CA THR C 353 -41.23 1.48 -22.07
C THR C 353 -42.71 1.20 -21.88
N LEU C 354 -43.32 1.84 -20.90
CA LEU C 354 -44.73 1.63 -20.67
C LEU C 354 -45.49 2.92 -20.83
N ILE C 355 -46.66 2.82 -21.43
CA ILE C 355 -47.51 3.97 -21.64
C ILE C 355 -48.82 3.67 -20.96
N LEU C 356 -49.21 4.55 -20.04
CA LEU C 356 -50.46 4.39 -19.31
C LEU C 356 -51.62 4.99 -20.08
N ARG C 357 -52.79 4.39 -19.92
CA ARG C 357 -53.99 4.86 -20.59
C ARG C 357 -54.28 6.29 -20.10
N GLN C 358 -53.92 6.54 -18.84
CA GLN C 358 -54.09 7.85 -18.24
C GLN C 358 -52.88 8.23 -17.38
N PRO C 359 -52.55 9.52 -17.33
CA PRO C 359 -51.41 9.97 -16.54
C PRO C 359 -51.66 9.67 -15.06
N MET C 360 -50.66 9.08 -14.40
CA MET C 360 -50.78 8.75 -12.99
C MET C 360 -49.47 9.15 -12.34
N ILE C 361 -49.47 9.28 -11.02
CA ILE C 361 -48.22 9.61 -10.36
C ILE C 361 -47.31 8.42 -10.56
N LEU C 362 -46.20 8.65 -11.27
CA LEU C 362 -45.20 7.63 -11.54
C LEU C 362 -43.85 8.29 -11.50
N GLU C 363 -43.30 8.39 -10.30
CA GLU C 363 -41.99 9.01 -10.09
C GLU C 363 -40.87 8.03 -10.39
N LYS C 364 -39.70 8.54 -10.73
CA LYS C 364 -38.57 7.66 -10.98
C LYS C 364 -38.30 7.01 -9.64
N GLY C 365 -37.99 5.72 -9.67
CA GLY C 365 -37.74 5.00 -8.45
C GLY C 365 -39.00 4.36 -7.90
N GLN C 366 -40.15 4.77 -8.42
CA GLN C 366 -41.43 4.23 -7.96
C GLN C 366 -41.56 2.79 -8.45
N ARG C 367 -42.06 1.92 -7.59
CA ARG C 367 -42.23 0.52 -7.98
C ARG C 367 -43.65 0.25 -8.40
N PHE C 368 -43.82 -0.82 -9.17
CA PHE C 368 -45.13 -1.19 -9.64
C PHE C 368 -45.08 -2.64 -10.05
N THR C 369 -46.26 -3.23 -10.23
CA THR C 369 -46.38 -4.60 -10.67
C THR C 369 -47.28 -4.52 -11.89
N LEU C 370 -47.17 -5.53 -12.75
CA LEU C 370 -47.98 -5.60 -13.95
C LEU C 370 -48.79 -6.87 -13.83
N ARG C 371 -50.10 -6.74 -13.90
CA ARG C 371 -50.97 -7.91 -13.78
C ARG C 371 -51.72 -8.19 -15.07
N ASP C 372 -51.75 -9.47 -15.44
CA ASP C 372 -52.47 -9.93 -16.61
C ASP C 372 -53.59 -10.74 -15.98
N GLY C 373 -54.80 -10.20 -16.02
CA GLY C 373 -55.90 -10.88 -15.37
C GLY C 373 -55.61 -10.64 -13.90
N ASN C 374 -55.68 -11.69 -13.08
CA ASN C 374 -55.41 -11.56 -11.66
C ASN C 374 -53.98 -11.88 -11.27
N ARG C 375 -53.19 -12.39 -12.21
CA ARG C 375 -51.83 -12.75 -11.88
C ARG C 375 -50.78 -11.71 -12.26
N THR C 376 -49.79 -11.59 -11.39
CA THR C 376 -48.69 -10.65 -11.59
C THR C 376 -47.66 -11.30 -12.50
N ILE C 377 -47.39 -10.66 -13.63
CA ILE C 377 -46.44 -11.21 -14.59
C ILE C 377 -45.12 -10.44 -14.57
N GLY C 378 -45.12 -9.31 -13.88
CA GLY C 378 -43.93 -8.50 -13.80
C GLY C 378 -43.97 -7.47 -12.69
N THR C 379 -42.80 -7.17 -12.14
CA THR C 379 -42.69 -6.19 -11.07
C THR C 379 -41.56 -5.27 -11.52
N GLY C 380 -41.82 -3.97 -11.54
CA GLY C 380 -40.79 -3.05 -12.00
C GLY C 380 -40.53 -1.81 -11.19
N LEU C 381 -39.62 -1.01 -11.72
CA LEU C 381 -39.16 0.22 -11.12
C LEU C 381 -39.07 1.31 -12.19
N VAL C 382 -39.70 2.45 -11.94
CA VAL C 382 -39.66 3.55 -12.88
C VAL C 382 -38.22 4.08 -12.96
N THR C 383 -37.67 4.14 -14.18
CA THR C 383 -36.30 4.61 -14.37
C THR C 383 -36.20 5.93 -15.13
N ASP C 384 -37.27 6.30 -15.82
CA ASP C 384 -37.33 7.54 -16.58
C ASP C 384 -38.74 7.81 -17.02
N THR C 385 -39.06 9.08 -17.24
CA THR C 385 -40.38 9.47 -17.69
C THR C 385 -40.16 10.28 -18.96
N PRO C 386 -39.84 9.58 -20.07
CA PRO C 386 -39.58 10.17 -21.37
C PRO C 386 -40.74 11.01 -21.89
N ALA C 387 -40.44 11.88 -22.85
CA ALA C 387 -41.46 12.73 -23.45
C ALA C 387 -42.44 11.89 -24.26
N MET C 388 -43.72 12.09 -24.01
CA MET C 388 -44.79 11.39 -24.71
C MET C 388 -44.76 11.90 -26.16
N THR C 389 -44.39 11.03 -27.10
CA THR C 389 -44.31 11.44 -28.50
C THR C 389 -45.69 11.45 -29.16
N GLU C 390 -45.83 12.21 -30.25
CA GLU C 390 -47.11 12.30 -30.95
C GLU C 390 -47.63 10.93 -31.33
N GLU C 391 -46.72 10.00 -31.64
CA GLU C 391 -47.12 8.65 -31.98
C GLU C 391 -47.70 7.97 -30.75
N ASP C 392 -47.01 8.12 -29.61
CA ASP C 392 -47.48 7.49 -28.38
C ASP C 392 -48.95 7.84 -28.10
N LYS C 393 -49.40 8.95 -28.68
CA LYS C 393 -50.80 9.35 -28.50
C LYS C 393 -51.69 8.50 -29.38
N ASN C 394 -51.42 8.53 -30.68
CA ASN C 394 -52.18 7.81 -31.69
C ASN C 394 -52.48 6.36 -31.30
N ILE C 395 -51.81 5.84 -30.28
CA ILE C 395 -52.04 4.45 -29.89
C ILE C 395 -53.36 4.33 -29.11
N LYS C 396 -54.20 3.38 -29.52
CA LYS C 396 -55.47 3.16 -28.84
C LYS C 396 -55.48 1.84 -28.09
N TRP C 397 -56.66 1.37 -27.71
CA TRP C 397 -56.78 0.15 -26.93
C TRP C 397 -57.89 -0.80 -27.43
N LYS D 1 60.11 -11.57 7.32
CA LYS D 1 59.04 -12.01 8.25
C LYS D 1 57.69 -11.60 7.68
N PRO D 2 56.64 -12.38 7.95
CA PRO D 2 55.31 -12.04 7.44
C PRO D 2 54.94 -10.66 7.98
N HIS D 3 54.18 -9.91 7.19
CA HIS D 3 53.77 -8.59 7.62
C HIS D 3 52.29 -8.58 8.00
N VAL D 4 51.97 -8.01 9.16
CA VAL D 4 50.60 -7.94 9.62
C VAL D 4 50.28 -6.52 10.08
N ASN D 5 49.30 -5.91 9.44
CA ASN D 5 48.89 -4.54 9.77
C ASN D 5 48.06 -4.57 11.05
N VAL D 6 48.41 -3.71 12.00
CA VAL D 6 47.73 -3.65 13.28
C VAL D 6 47.65 -2.22 13.82
N GLY D 7 46.76 -2.04 14.79
CA GLY D 7 46.58 -0.74 15.40
C GLY D 7 45.83 -0.90 16.70
N THR D 8 45.98 0.07 17.59
CA THR D 8 45.29 0.03 18.87
C THR D 8 43.97 0.75 18.76
N ILE D 9 42.98 0.27 19.50
CA ILE D 9 41.67 0.89 19.52
C ILE D 9 41.27 0.90 20.98
N GLY D 10 40.33 1.75 21.33
CA GLY D 10 39.91 1.82 22.72
C GLY D 10 39.58 3.24 23.14
N HIS D 11 38.92 3.36 24.27
CA HIS D 11 38.50 4.65 24.77
C HIS D 11 39.69 5.55 25.12
N VAL D 12 39.50 6.84 24.97
CA VAL D 12 40.57 7.80 25.24
C VAL D 12 41.11 7.69 26.66
N ASP D 13 42.43 7.78 26.77
CA ASP D 13 43.14 7.71 28.03
C ASP D 13 43.15 6.34 28.70
N HIS D 14 42.90 5.28 27.95
CA HIS D 14 42.93 3.95 28.53
C HIS D 14 44.32 3.35 28.42
N GLY D 15 45.20 4.09 27.77
CA GLY D 15 46.59 3.66 27.64
C GLY D 15 47.02 3.11 26.29
N LYS D 16 46.36 3.54 25.22
CA LYS D 16 46.72 3.04 23.90
C LYS D 16 48.13 3.47 23.52
N THR D 17 48.40 4.76 23.66
CA THR D 17 49.71 5.30 23.32
C THR D 17 50.79 4.75 24.24
N THR D 18 50.50 4.68 25.53
CA THR D 18 51.45 4.14 26.50
C THR D 18 51.80 2.70 26.12
N LEU D 19 50.79 1.93 25.76
CA LEU D 19 50.99 0.55 25.36
C LEU D 19 51.82 0.49 24.08
N THR D 20 51.58 1.44 23.19
CA THR D 20 52.30 1.49 21.92
C THR D 20 53.79 1.72 22.24
N ALA D 21 54.07 2.77 23.01
CA ALA D 21 55.44 3.09 23.39
C ALA D 21 56.10 1.94 24.14
N ALA D 22 55.35 1.37 25.09
CA ALA D 22 55.85 0.24 25.87
C ALA D 22 56.21 -0.91 24.94
N ILE D 23 55.56 -0.94 23.78
CA ILE D 23 55.81 -2.00 22.80
C ILE D 23 57.10 -1.72 22.03
N THR D 24 57.30 -0.47 21.64
CA THR D 24 58.48 -0.10 20.87
C THR D 24 59.76 -0.26 21.68
N LYS D 25 59.64 -0.31 23.00
CA LYS D 25 60.82 -0.47 23.84
C LYS D 25 61.20 -1.94 23.97
N ILE D 26 60.32 -2.73 24.57
CA ILE D 26 60.59 -4.14 24.79
C ILE D 26 61.13 -4.88 23.56
N LEU D 27 60.80 -4.39 22.36
CA LEU D 27 61.27 -5.02 21.13
C LEU D 27 62.48 -4.30 20.53
N ALA D 28 62.67 -3.04 20.91
CA ALA D 28 63.79 -2.25 20.42
C ALA D 28 65.00 -2.53 21.30
N GLU D 29 64.75 -3.07 22.49
CA GLU D 29 65.80 -3.41 23.43
C GLU D 29 66.46 -4.69 22.91
N GLY D 30 65.66 -5.75 22.80
CA GLY D 30 66.16 -7.01 22.31
C GLY D 30 66.76 -6.83 20.92
N GLY D 31 65.93 -6.42 19.98
CA GLY D 31 66.37 -6.22 18.61
C GLY D 31 66.44 -4.77 18.17
N GLY D 32 66.08 -4.52 16.91
CA GLY D 32 66.10 -3.17 16.38
C GLY D 32 64.76 -2.63 15.93
N ALA D 33 63.74 -2.72 16.80
CA ALA D 33 62.43 -2.17 16.47
C ALA D 33 62.42 -0.72 16.94
N LYS D 34 63.63 -0.15 16.97
CA LYS D 34 63.88 1.23 17.41
C LYS D 34 62.67 1.93 18.02
N PHE D 35 62.62 1.93 19.35
CA PHE D 35 61.50 2.53 20.06
C PHE D 35 61.33 4.01 19.77
N LYS D 36 60.09 4.47 19.86
CA LYS D 36 59.76 5.86 19.68
C LYS D 36 59.06 6.15 21.00
N LYS D 37 59.46 7.23 21.67
CA LYS D 37 58.88 7.55 22.95
C LYS D 37 57.43 8.02 22.96
N TYR D 38 56.77 7.78 24.08
CA TYR D 38 55.37 8.14 24.32
C TYR D 38 55.01 9.49 23.71
N GLU D 39 55.77 10.53 24.02
CA GLU D 39 55.50 11.87 23.51
C GLU D 39 55.54 11.92 21.98
N GLU D 40 56.47 11.17 21.39
CA GLU D 40 56.60 11.14 19.94
C GLU D 40 55.27 10.58 19.43
N ILE D 41 54.98 9.35 19.87
CA ILE D 41 53.75 8.66 19.50
C ILE D 41 52.53 9.49 19.89
N ASP D 42 52.48 9.90 21.15
CA ASP D 42 51.37 10.69 21.67
C ASP D 42 51.08 11.92 20.82
N ASN D 43 52.10 12.40 20.11
CA ASN D 43 51.94 13.54 19.21
C ASN D 43 52.19 13.10 17.77
N ALA D 44 51.39 12.13 17.35
CA ALA D 44 51.43 11.51 16.04
C ALA D 44 51.60 12.41 14.82
N PRO D 45 52.34 11.90 13.81
CA PRO D 45 52.62 12.60 12.55
C PRO D 45 51.32 12.72 11.75
N GLU D 46 50.69 13.88 11.85
CA GLU D 46 49.43 14.15 11.17
C GLU D 46 49.49 13.76 9.68
N GLU D 47 48.60 12.85 9.26
CA GLU D 47 48.56 12.42 7.86
C GLU D 47 47.27 12.83 7.15
N ARG D 48 47.33 12.88 5.82
CA ARG D 48 46.19 13.29 5.01
C ARG D 48 45.84 12.22 3.98
N ALA D 49 44.61 11.75 4.01
CA ALA D 49 44.13 10.73 3.08
C ALA D 49 43.04 11.34 2.23
N ARG D 50 43.46 12.10 1.22
CA ARG D 50 42.56 12.78 0.31
C ARG D 50 41.91 13.97 1.02
N GLY D 51 42.74 14.94 1.40
CA GLY D 51 42.25 16.12 2.09
C GLY D 51 41.87 15.83 3.52
N ILE D 52 41.26 14.68 3.77
CA ILE D 52 40.85 14.28 5.11
C ILE D 52 42.05 14.23 6.06
N THR D 53 42.01 15.09 7.08
CA THR D 53 43.07 15.15 8.08
C THR D 53 42.96 14.04 9.11
N ILE D 54 44.09 13.40 9.41
CA ILE D 54 44.09 12.30 10.37
C ILE D 54 45.38 12.22 11.18
N ASN D 55 45.31 12.64 12.44
CA ASN D 55 46.48 12.57 13.30
C ASN D 55 46.66 11.10 13.65
N ALA D 56 47.58 10.44 12.96
CA ALA D 56 47.85 9.02 13.21
C ALA D 56 49.33 8.76 13.43
N ALA D 57 49.64 7.99 14.47
CA ALA D 57 51.01 7.67 14.79
C ALA D 57 51.33 6.28 14.28
N HIS D 58 52.28 6.20 13.35
CA HIS D 58 52.68 4.92 12.78
C HIS D 58 54.00 4.48 13.39
N VAL D 59 54.10 3.19 13.67
CA VAL D 59 55.31 2.63 14.24
C VAL D 59 55.47 1.20 13.76
N GLU D 60 56.71 0.79 13.53
CA GLU D 60 56.98 -0.56 13.08
C GLU D 60 57.82 -1.23 14.15
N TYR D 61 57.56 -2.51 14.34
CA TYR D 61 58.29 -3.29 15.32
C TYR D 61 58.13 -4.73 14.89
N SER D 62 59.10 -5.56 15.23
CA SER D 62 59.03 -6.95 14.81
C SER D 62 59.15 -7.94 15.94
N THR D 63 58.45 -9.05 15.78
CA THR D 63 58.48 -10.14 16.73
C THR D 63 59.22 -11.22 15.97
N ALA D 64 59.92 -12.09 16.67
CA ALA D 64 60.67 -13.16 16.04
C ALA D 64 59.85 -13.84 14.93
N ALA D 65 58.54 -13.75 15.01
CA ALA D 65 57.67 -14.39 14.03
C ALA D 65 57.04 -13.48 12.98
N ARG D 66 57.01 -12.17 13.24
CA ARG D 66 56.41 -11.24 12.27
C ARG D 66 56.86 -9.78 12.38
N HIS D 67 56.59 -9.04 11.30
CA HIS D 67 56.88 -7.62 11.25
C HIS D 67 55.51 -6.98 11.36
N TYR D 68 55.41 -5.86 12.07
CA TYR D 68 54.12 -5.21 12.25
C TYR D 68 54.08 -3.72 11.92
N ALA D 69 53.01 -3.32 11.25
CA ALA D 69 52.79 -1.91 10.92
C ALA D 69 51.70 -1.48 11.89
N HIS D 70 52.14 -0.97 13.04
CA HIS D 70 51.25 -0.56 14.11
C HIS D 70 50.89 0.93 14.05
N THR D 71 49.61 1.22 14.21
CA THR D 71 49.12 2.58 14.19
C THR D 71 48.35 2.93 15.45
N ASP D 72 48.58 4.14 15.96
CA ASP D 72 47.92 4.64 17.17
C ASP D 72 47.44 6.05 16.89
N CYS D 73 46.19 6.35 17.25
CA CYS D 73 45.64 7.68 17.02
C CYS D 73 45.25 8.35 18.33
N PRO D 74 45.53 9.66 18.44
CA PRO D 74 45.24 10.46 19.63
C PRO D 74 43.77 10.46 20.07
N GLY D 75 42.93 11.17 19.32
CA GLY D 75 41.53 11.27 19.66
C GLY D 75 40.57 10.32 18.96
N HIS D 76 39.41 10.17 19.57
CA HIS D 76 38.35 9.30 19.05
C HIS D 76 38.08 9.62 17.58
N ALA D 77 38.02 10.91 17.27
CA ALA D 77 37.75 11.39 15.91
C ALA D 77 38.72 10.82 14.88
N ASP D 78 39.98 10.64 15.28
CA ASP D 78 40.99 10.11 14.37
C ASP D 78 40.65 8.69 13.97
N TYR D 79 40.33 7.86 14.96
CA TYR D 79 39.98 6.47 14.69
C TYR D 79 38.74 6.37 13.82
N VAL D 80 37.71 7.14 14.17
CA VAL D 80 36.48 7.11 13.40
C VAL D 80 36.77 7.42 11.94
N LYS D 81 37.42 8.55 11.69
CA LYS D 81 37.74 8.93 10.31
C LYS D 81 38.68 7.95 9.64
N ASN D 82 39.71 7.51 10.36
CA ASN D 82 40.66 6.56 9.80
C ASN D 82 40.01 5.25 9.39
N MET D 83 39.21 4.68 10.28
CA MET D 83 38.55 3.41 9.97
C MET D 83 37.50 3.56 8.89
N ILE D 84 36.75 4.66 8.91
CA ILE D 84 35.73 4.89 7.89
C ILE D 84 36.36 5.05 6.50
N THR D 85 37.49 5.74 6.42
CA THR D 85 38.16 5.96 5.13
C THR D 85 39.07 4.79 4.76
N GLY D 86 39.39 3.96 5.75
CA GLY D 86 40.26 2.83 5.48
C GLY D 86 41.65 3.28 5.07
N THR D 87 42.04 4.46 5.55
CA THR D 87 43.35 5.02 5.24
C THR D 87 44.47 4.07 5.65
N ALA D 88 44.27 3.36 6.75
CA ALA D 88 45.26 2.42 7.26
C ALA D 88 44.63 1.03 7.43
N PRO D 89 44.85 0.12 6.45
CA PRO D 89 44.31 -1.25 6.49
C PRO D 89 44.66 -1.98 7.80
N LEU D 90 43.72 -2.75 8.32
CA LEU D 90 43.93 -3.46 9.57
C LEU D 90 43.60 -4.94 9.42
N ASP D 91 44.56 -5.78 9.77
CA ASP D 91 44.36 -7.21 9.69
C ASP D 91 43.94 -7.68 11.07
N GLY D 92 44.20 -6.82 12.05
CA GLY D 92 43.87 -7.12 13.42
C GLY D 92 43.89 -5.85 14.25
N CYS D 93 43.32 -5.94 15.45
CA CYS D 93 43.28 -4.79 16.34
C CYS D 93 43.67 -5.17 17.74
N ILE D 94 44.23 -4.20 18.45
CA ILE D 94 44.63 -4.39 19.82
C ILE D 94 43.71 -3.47 20.59
N LEU D 95 42.69 -4.04 21.20
CA LEU D 95 41.74 -3.26 21.95
C LEU D 95 42.28 -3.00 23.34
N VAL D 96 42.48 -1.74 23.68
CA VAL D 96 42.97 -1.37 24.99
C VAL D 96 41.79 -1.00 25.88
N VAL D 97 41.72 -1.60 27.07
CA VAL D 97 40.63 -1.29 27.99
C VAL D 97 41.17 -1.08 29.41
N ALA D 98 41.03 0.13 29.93
CA ALA D 98 41.50 0.44 31.27
C ALA D 98 40.71 -0.44 32.24
N ALA D 99 41.42 -1.28 33.00
CA ALA D 99 40.80 -2.20 33.95
C ALA D 99 40.03 -1.51 35.09
N ASN D 100 40.31 -0.23 35.30
CA ASN D 100 39.64 0.51 36.36
C ASN D 100 38.41 1.24 35.81
N ASP D 101 38.43 1.48 34.51
CA ASP D 101 37.35 2.16 33.82
C ASP D 101 36.41 1.15 33.15
N GLY D 102 36.98 0.03 32.70
CA GLY D 102 36.20 -1.00 32.03
C GLY D 102 35.76 -0.50 30.68
N PRO D 103 35.00 -1.30 29.90
CA PRO D 103 34.58 -0.83 28.58
C PRO D 103 33.81 0.49 28.66
N MET D 104 34.20 1.45 27.82
CA MET D 104 33.55 2.75 27.79
C MET D 104 32.98 2.96 26.39
N PRO D 105 32.21 4.04 26.18
CA PRO D 105 31.60 4.34 24.88
C PRO D 105 32.47 4.13 23.64
N GLN D 106 33.67 4.68 23.65
CA GLN D 106 34.57 4.54 22.51
C GLN D 106 35.02 3.09 22.33
N THR D 107 35.11 2.35 23.44
CA THR D 107 35.50 0.96 23.38
C THR D 107 34.51 0.23 22.48
N ARG D 108 33.23 0.52 22.68
CA ARG D 108 32.16 -0.10 21.90
C ARG D 108 32.13 0.43 20.48
N GLU D 109 32.32 1.74 20.34
CA GLU D 109 32.27 2.34 19.03
C GLU D 109 33.41 1.85 18.14
N HIS D 110 34.58 1.62 18.72
CA HIS D 110 35.71 1.13 17.93
C HIS D 110 35.50 -0.32 17.52
N LEU D 111 34.94 -1.13 18.42
CA LEU D 111 34.70 -2.52 18.08
C LEU D 111 33.71 -2.61 16.93
N LEU D 112 32.71 -1.73 16.93
CA LEU D 112 31.72 -1.73 15.87
C LEU D 112 32.34 -1.33 14.54
N LEU D 113 33.12 -0.26 14.54
CA LEU D 113 33.78 0.20 13.32
C LEU D 113 34.69 -0.92 12.83
N ALA D 114 35.45 -1.50 13.74
CA ALA D 114 36.34 -2.60 13.40
C ALA D 114 35.56 -3.70 12.69
N ARG D 115 34.40 -4.05 13.24
CA ARG D 115 33.60 -5.10 12.62
C ARG D 115 33.10 -4.62 11.26
N GLN D 116 32.71 -3.36 11.19
CA GLN D 116 32.19 -2.79 9.95
C GLN D 116 33.23 -2.70 8.83
N ILE D 117 34.51 -2.68 9.19
CA ILE D 117 35.55 -2.61 8.17
C ILE D 117 36.16 -3.97 7.85
N GLY D 118 35.59 -5.03 8.42
CA GLY D 118 36.10 -6.36 8.13
C GLY D 118 37.08 -6.98 9.10
N VAL D 119 37.47 -6.25 10.15
CA VAL D 119 38.40 -6.82 11.13
C VAL D 119 37.70 -7.99 11.79
N GLU D 120 38.30 -9.16 11.67
CA GLU D 120 37.72 -10.38 12.23
C GLU D 120 38.45 -10.85 13.47
N HIS D 121 39.57 -10.20 13.77
CA HIS D 121 40.38 -10.60 14.91
C HIS D 121 40.87 -9.43 15.75
N VAL D 122 40.64 -9.54 17.05
CA VAL D 122 41.07 -8.52 17.98
C VAL D 122 41.75 -9.18 19.16
N VAL D 123 42.72 -8.47 19.73
CA VAL D 123 43.41 -8.95 20.92
C VAL D 123 43.14 -7.85 21.92
N VAL D 124 42.85 -8.24 23.15
CA VAL D 124 42.54 -7.26 24.17
C VAL D 124 43.65 -7.11 25.21
N TYR D 125 43.95 -5.87 25.54
CA TYR D 125 44.94 -5.62 26.57
C TYR D 125 44.23 -4.86 27.68
N VAL D 126 43.98 -5.53 28.79
CA VAL D 126 43.33 -4.85 29.90
C VAL D 126 44.49 -4.11 30.56
N ASN D 127 44.43 -2.78 30.49
CA ASN D 127 45.48 -1.93 31.02
C ASN D 127 45.23 -1.40 32.44
N LYS D 128 46.23 -0.73 32.98
CA LYS D 128 46.17 -0.13 34.31
C LYS D 128 45.79 -1.13 35.40
N ALA D 129 46.35 -2.33 35.34
CA ALA D 129 46.06 -3.36 36.34
C ALA D 129 46.74 -2.94 37.64
N ASP D 130 47.62 -1.95 37.53
CA ASP D 130 48.34 -1.42 38.67
C ASP D 130 47.48 -0.42 39.46
N ALA D 131 46.52 0.19 38.77
CA ALA D 131 45.63 1.15 39.40
C ALA D 131 44.45 0.45 40.07
N VAL D 132 44.30 -0.83 39.77
CA VAL D 132 43.22 -1.63 40.33
C VAL D 132 43.75 -2.44 41.50
N GLN D 133 43.02 -2.41 42.62
CA GLN D 133 43.45 -3.16 43.79
C GLN D 133 42.93 -4.59 43.75
N ASP D 134 41.61 -4.72 43.77
CA ASP D 134 40.94 -6.02 43.77
C ASP D 134 41.07 -6.77 42.45
N SER D 135 41.27 -8.09 42.54
CA SER D 135 41.41 -8.93 41.35
C SER D 135 40.04 -9.23 40.77
N GLU D 136 39.00 -9.01 41.57
CA GLU D 136 37.63 -9.23 41.14
C GLU D 136 37.28 -8.17 40.10
N MET D 137 37.69 -6.93 40.37
CA MET D 137 37.45 -5.82 39.45
C MET D 137 37.95 -6.27 38.09
N VAL D 138 39.18 -6.79 38.06
CA VAL D 138 39.80 -7.27 36.83
C VAL D 138 39.02 -8.40 36.16
N GLU D 139 38.86 -9.53 36.85
CA GLU D 139 38.13 -10.67 36.28
C GLU D 139 36.75 -10.23 35.77
N LEU D 140 36.11 -9.31 36.50
CA LEU D 140 34.81 -8.80 36.10
C LEU D 140 34.94 -7.99 34.81
N VAL D 141 36.03 -7.23 34.66
CA VAL D 141 36.24 -6.44 33.45
C VAL D 141 36.47 -7.36 32.26
N GLU D 142 37.20 -8.45 32.49
CA GLU D 142 37.47 -9.42 31.43
C GLU D 142 36.18 -10.09 30.97
N LEU D 143 35.31 -10.42 31.93
CA LEU D 143 34.05 -11.06 31.59
C LEU D 143 33.21 -10.09 30.79
N GLU D 144 33.20 -8.83 31.23
CA GLU D 144 32.45 -7.79 30.55
C GLU D 144 32.99 -7.61 29.14
N ILE D 145 34.30 -7.73 29.01
CA ILE D 145 34.92 -7.56 27.72
C ILE D 145 34.59 -8.73 26.80
N ARG D 146 34.59 -9.94 27.34
CA ARG D 146 34.27 -11.11 26.51
C ARG D 146 32.82 -11.04 26.06
N GLU D 147 31.96 -10.45 26.88
CA GLU D 147 30.55 -10.30 26.54
C GLU D 147 30.45 -9.25 25.43
N LEU D 148 31.26 -8.21 25.59
CA LEU D 148 31.31 -7.11 24.63
C LEU D 148 31.77 -7.61 23.27
N LEU D 149 32.85 -8.40 23.27
CA LEU D 149 33.36 -8.95 22.02
C LEU D 149 32.28 -9.77 21.31
N THR D 150 31.65 -10.66 22.06
CA THR D 150 30.59 -11.49 21.51
C THR D 150 29.44 -10.63 20.98
N GLU D 151 29.13 -9.57 21.73
CA GLU D 151 28.06 -8.67 21.34
C GLU D 151 28.34 -8.11 19.94
N PHE D 152 29.61 -7.82 19.67
CA PHE D 152 29.96 -7.27 18.36
C PHE D 152 30.40 -8.28 17.31
N GLY D 153 30.07 -9.55 17.51
CA GLY D 153 30.40 -10.54 16.51
C GLY D 153 31.71 -11.29 16.66
N TYR D 154 32.55 -10.86 17.61
CA TYR D 154 33.82 -11.52 17.85
C TYR D 154 33.63 -12.68 18.81
N LYS D 155 34.51 -13.67 18.75
CA LYS D 155 34.38 -14.81 19.65
C LYS D 155 35.03 -14.44 20.98
N GLY D 156 34.21 -13.82 21.83
CA GLY D 156 34.65 -13.35 23.14
C GLY D 156 35.32 -14.39 24.00
N GLU D 157 34.97 -15.66 23.77
CA GLU D 157 35.54 -16.74 24.56
C GLU D 157 36.93 -17.15 24.11
N GLU D 158 37.28 -16.89 22.86
CA GLU D 158 38.61 -17.26 22.37
C GLU D 158 39.52 -16.07 22.15
N THR D 159 39.00 -14.86 22.28
CA THR D 159 39.83 -13.68 22.09
C THR D 159 40.81 -13.53 23.24
N PRO D 160 42.11 -13.39 22.93
CA PRO D 160 43.15 -13.24 23.94
C PRO D 160 42.99 -11.95 24.73
N ILE D 161 42.91 -12.07 26.05
CA ILE D 161 42.79 -10.91 26.91
C ILE D 161 43.99 -10.87 27.84
N ILE D 162 44.84 -9.86 27.66
CA ILE D 162 46.03 -9.74 28.49
C ILE D 162 45.88 -8.58 29.48
N VAL D 163 46.12 -8.88 30.75
CA VAL D 163 46.04 -7.88 31.81
C VAL D 163 47.41 -7.40 32.23
N GLY D 164 47.55 -6.09 32.45
CA GLY D 164 48.83 -5.57 32.84
C GLY D 164 48.86 -4.06 32.95
N SER D 165 50.08 -3.52 33.05
CA SER D 165 50.30 -2.10 33.16
C SER D 165 51.28 -1.64 32.08
N ALA D 166 50.74 -0.98 31.05
CA ALA D 166 51.57 -0.49 29.96
C ALA D 166 52.57 0.53 30.49
N LEU D 167 52.22 1.18 31.59
CA LEU D 167 53.08 2.19 32.19
C LEU D 167 54.27 1.52 32.86
N CYS D 168 54.03 0.37 33.48
CA CYS D 168 55.08 -0.38 34.15
C CYS D 168 56.04 -0.97 33.13
N ALA D 169 55.51 -1.54 32.06
CA ALA D 169 56.35 -2.12 31.02
C ALA D 169 57.20 -1.01 30.43
N LEU D 170 56.54 0.10 30.09
CA LEU D 170 57.21 1.27 29.52
C LEU D 170 58.34 1.73 30.44
N GLU D 171 57.99 2.02 31.69
CA GLU D 171 58.96 2.47 32.70
C GLU D 171 59.76 1.31 33.27
N GLN D 172 59.71 0.17 32.58
CA GLN D 172 60.42 -1.05 32.99
C GLN D 172 60.39 -1.37 34.48
N ARG D 173 59.21 -1.58 35.04
CA ARG D 173 59.10 -1.92 36.45
C ARG D 173 57.96 -2.90 36.65
N ASP D 174 58.07 -3.73 37.68
CA ASP D 174 57.05 -4.73 37.97
C ASP D 174 56.83 -5.55 36.70
N PRO D 175 57.77 -6.44 36.37
CA PRO D 175 57.71 -7.29 35.18
C PRO D 175 56.39 -8.02 34.98
N GLU D 176 55.77 -8.46 36.07
CA GLU D 176 54.50 -9.16 35.97
C GLU D 176 53.44 -8.28 35.28
N LEU D 177 53.27 -7.06 35.78
CA LEU D 177 52.30 -6.13 35.21
C LEU D 177 52.79 -5.45 33.93
N GLY D 178 54.06 -5.08 33.92
CA GLY D 178 54.62 -4.41 32.76
C GLY D 178 55.14 -5.33 31.68
N LEU D 179 56.46 -5.54 31.68
CA LEU D 179 57.13 -6.39 30.71
C LEU D 179 56.42 -7.68 30.34
N LYS D 180 56.22 -8.56 31.33
CA LYS D 180 55.57 -9.85 31.07
C LYS D 180 54.16 -9.80 30.47
N SER D 181 53.46 -8.68 30.66
CA SER D 181 52.12 -8.56 30.08
C SER D 181 52.26 -8.25 28.59
N VAL D 182 53.10 -7.26 28.30
CA VAL D 182 53.33 -6.87 26.91
C VAL D 182 53.93 -8.02 26.11
N GLN D 183 54.63 -8.92 26.80
CA GLN D 183 55.23 -10.08 26.13
C GLN D 183 54.09 -11.04 25.78
N LYS D 184 53.15 -11.17 26.70
CA LYS D 184 51.99 -12.05 26.47
C LYS D 184 51.13 -11.46 25.36
N LEU D 185 51.04 -10.13 25.34
CA LEU D 185 50.25 -9.45 24.33
C LEU D 185 50.78 -9.76 22.94
N LEU D 186 52.05 -9.45 22.71
CA LEU D 186 52.67 -9.69 21.40
C LEU D 186 52.54 -11.16 20.97
N ASP D 187 52.72 -12.08 21.90
CA ASP D 187 52.62 -13.51 21.58
C ASP D 187 51.21 -13.84 21.10
N ALA D 188 50.22 -13.23 21.73
CA ALA D 188 48.82 -13.45 21.37
C ALA D 188 48.61 -12.84 19.99
N VAL D 189 49.15 -11.64 19.81
CA VAL D 189 49.05 -10.92 18.54
C VAL D 189 49.61 -11.75 17.39
N ASP D 190 50.76 -12.38 17.61
CA ASP D 190 51.39 -13.21 16.58
C ASP D 190 50.55 -14.44 16.33
N THR D 191 49.95 -14.96 17.40
CA THR D 191 49.14 -16.16 17.32
C THR D 191 47.70 -15.96 16.85
N TYR D 192 46.97 -15.07 17.50
CA TYR D 192 45.55 -14.85 17.18
C TYR D 192 45.25 -14.11 15.88
N ILE D 193 46.05 -13.11 15.54
CA ILE D 193 45.82 -12.34 14.33
C ILE D 193 46.44 -12.97 13.09
N PRO D 194 45.61 -13.60 12.25
CA PRO D 194 46.02 -14.26 11.01
C PRO D 194 46.65 -13.32 9.99
N VAL D 195 47.22 -13.91 8.94
CA VAL D 195 47.85 -13.16 7.86
C VAL D 195 46.84 -12.95 6.74
N PRO D 196 46.82 -11.73 6.19
CA PRO D 196 45.87 -11.41 5.12
C PRO D 196 46.07 -12.28 3.88
N THR D 197 45.13 -12.19 2.95
CA THR D 197 45.21 -12.95 1.70
C THR D 197 44.43 -12.17 0.63
N ARG D 198 44.97 -12.09 -0.59
CA ARG D 198 44.27 -11.36 -1.66
C ARG D 198 42.86 -11.93 -1.86
N ASP D 199 42.67 -13.18 -1.44
CA ASP D 199 41.39 -13.87 -1.57
C ASP D 199 41.14 -14.22 -3.04
N LEU D 200 41.81 -15.26 -3.51
CA LEU D 200 41.68 -15.69 -4.91
C LEU D 200 40.52 -16.64 -5.10
N GLU D 201 39.78 -16.90 -4.02
CA GLU D 201 38.67 -17.82 -4.10
C GLU D 201 37.28 -17.22 -4.27
N LYS D 202 37.14 -15.91 -4.07
CA LYS D 202 35.82 -15.29 -4.26
C LYS D 202 35.55 -15.04 -5.74
N PRO D 203 34.28 -14.73 -6.09
CA PRO D 203 33.90 -14.48 -7.48
C PRO D 203 34.70 -13.28 -8.01
N PHE D 204 35.31 -13.43 -9.19
CA PHE D 204 36.11 -12.34 -9.75
C PHE D 204 35.26 -11.09 -9.86
N LEU D 205 35.87 -9.96 -9.55
CA LEU D 205 35.17 -8.69 -9.58
C LEU D 205 36.14 -7.67 -10.22
N LEU D 206 35.73 -7.10 -11.34
CA LEU D 206 36.55 -6.14 -12.07
C LEU D 206 35.83 -4.81 -12.33
N PRO D 207 36.12 -3.80 -11.52
CA PRO D 207 35.49 -2.49 -11.71
C PRO D 207 36.05 -1.95 -13.03
N VAL D 208 35.18 -1.62 -13.98
CA VAL D 208 35.63 -1.14 -15.29
C VAL D 208 36.20 0.28 -15.24
N GLU D 209 37.48 0.41 -15.61
CA GLU D 209 38.14 1.71 -15.61
C GLU D 209 37.87 2.47 -16.91
N SER D 210 37.84 1.71 -18.01
CA SER D 210 37.65 2.30 -19.31
C SER D 210 37.26 1.21 -20.29
N VAL D 211 36.88 1.62 -21.49
CA VAL D 211 36.48 0.70 -22.54
C VAL D 211 37.15 1.12 -23.84
N TYR D 212 37.53 0.15 -24.66
CA TYR D 212 38.10 0.47 -25.96
C TYR D 212 37.78 -0.65 -26.91
N SER D 213 38.08 -0.44 -28.17
CA SER D 213 37.80 -1.44 -29.19
C SER D 213 39.05 -1.81 -29.94
N ILE D 214 39.08 -3.07 -30.38
CA ILE D 214 40.13 -3.60 -31.19
C ILE D 214 39.36 -4.03 -32.44
N PRO D 215 39.44 -3.23 -33.51
CA PRO D 215 38.72 -3.56 -34.75
C PRO D 215 39.00 -4.98 -35.20
N GLY D 216 37.93 -5.70 -35.53
CA GLY D 216 38.07 -7.07 -35.97
C GLY D 216 38.22 -8.06 -34.85
N ARG D 217 38.33 -7.57 -33.62
CA ARG D 217 38.50 -8.46 -32.48
C ARG D 217 37.43 -8.28 -31.40
N GLY D 218 37.00 -7.05 -31.15
CA GLY D 218 35.96 -6.83 -30.16
C GLY D 218 36.18 -5.70 -29.15
N THR D 219 35.25 -5.59 -28.22
CA THR D 219 35.32 -4.58 -27.17
C THR D 219 36.14 -5.06 -26.00
N VAL D 220 36.89 -4.13 -25.42
CA VAL D 220 37.75 -4.45 -24.30
C VAL D 220 37.51 -3.51 -23.14
N VAL D 221 37.38 -4.07 -21.95
CA VAL D 221 37.20 -3.25 -20.77
C VAL D 221 38.49 -3.42 -20.02
N THR D 222 38.92 -2.37 -19.34
CA THR D 222 40.15 -2.48 -18.58
C THR D 222 39.81 -2.27 -17.13
N GLY D 223 40.65 -2.79 -16.26
CA GLY D 223 40.42 -2.62 -14.85
C GLY D 223 41.34 -3.53 -14.09
N THR D 224 41.37 -3.36 -12.78
CA THR D 224 42.19 -4.20 -11.95
C THR D 224 41.24 -5.18 -11.29
N LEU D 225 41.58 -6.46 -11.37
CA LEU D 225 40.75 -7.50 -10.76
C LEU D 225 40.86 -7.32 -9.25
N GLU D 226 39.79 -6.85 -8.61
CA GLU D 226 39.81 -6.64 -7.16
C GLU D 226 39.83 -7.91 -6.32
N ARG D 227 39.46 -9.03 -6.94
CA ARG D 227 39.44 -10.31 -6.23
C ARG D 227 39.15 -11.43 -7.20
N GLY D 228 39.42 -12.65 -6.76
CA GLY D 228 39.16 -13.81 -7.58
C GLY D 228 40.13 -14.04 -8.72
N ILE D 229 39.71 -14.91 -9.64
CA ILE D 229 40.51 -15.25 -10.79
C ILE D 229 39.65 -15.21 -12.03
N LEU D 230 40.17 -14.57 -13.07
CA LEU D 230 39.45 -14.46 -14.33
C LEU D 230 40.19 -15.33 -15.33
N LYS D 231 39.47 -16.19 -16.03
CA LYS D 231 40.09 -17.05 -17.01
C LYS D 231 39.42 -16.84 -18.36
N LYS D 232 40.20 -16.98 -19.43
CA LYS D 232 39.67 -16.80 -20.77
C LYS D 232 38.55 -17.81 -20.99
N GLY D 233 37.40 -17.32 -21.48
CA GLY D 233 36.29 -18.20 -21.72
C GLY D 233 35.24 -18.06 -20.62
N ASP D 234 35.66 -17.58 -19.45
CA ASP D 234 34.70 -17.43 -18.36
C ASP D 234 33.57 -16.50 -18.74
N GLU D 235 32.38 -16.83 -18.27
CA GLU D 235 31.22 -16.00 -18.53
C GLU D 235 31.37 -14.82 -17.59
N CYS D 236 30.75 -13.69 -17.95
CA CYS D 236 30.86 -12.51 -17.11
C CYS D 236 29.59 -11.70 -17.18
N GLU D 237 29.44 -10.79 -16.23
CA GLU D 237 28.26 -9.95 -16.17
C GLU D 237 28.65 -8.51 -15.83
N PHE D 238 28.10 -7.55 -16.56
CA PHE D 238 28.39 -6.15 -16.26
C PHE D 238 27.25 -5.60 -15.45
N LEU D 239 27.59 -5.10 -14.26
CA LEU D 239 26.58 -4.57 -13.35
C LEU D 239 26.75 -3.09 -13.11
N GLY D 240 25.63 -2.38 -13.03
CA GLY D 240 25.67 -0.96 -12.79
C GLY D 240 24.85 -0.23 -13.84
N HIS D 241 24.45 0.99 -13.52
CA HIS D 241 23.64 1.79 -14.43
C HIS D 241 22.49 0.94 -14.95
N SER D 242 21.92 0.13 -14.06
CA SER D 242 20.80 -0.75 -14.37
C SER D 242 20.90 -1.51 -15.69
N LYS D 243 22.12 -1.69 -16.19
CA LYS D 243 22.31 -2.41 -17.44
C LYS D 243 22.91 -3.79 -17.17
N ASN D 244 22.07 -4.79 -16.97
CA ASN D 244 22.62 -6.12 -16.74
C ASN D 244 22.91 -6.79 -18.08
N ILE D 245 24.19 -6.87 -18.40
CA ILE D 245 24.66 -7.48 -19.64
C ILE D 245 25.49 -8.69 -19.28
N ARG D 246 25.23 -9.80 -19.95
CA ARG D 246 26.00 -11.00 -19.69
C ARG D 246 26.72 -11.38 -20.97
N THR D 247 27.88 -11.99 -20.84
CA THR D 247 28.64 -12.40 -22.00
C THR D 247 29.79 -13.30 -21.59
N VAL D 248 30.82 -13.36 -22.43
CA VAL D 248 31.98 -14.21 -22.15
C VAL D 248 33.30 -13.49 -22.43
N VAL D 249 34.26 -13.68 -21.53
CA VAL D 249 35.58 -13.08 -21.70
C VAL D 249 36.32 -13.93 -22.73
N THR D 250 36.40 -13.43 -23.96
CA THR D 250 37.06 -14.16 -25.02
C THR D 250 38.56 -13.89 -25.08
N GLY D 251 39.04 -13.00 -24.23
CA GLY D 251 40.45 -12.71 -24.22
C GLY D 251 40.89 -11.88 -23.02
N ILE D 252 42.13 -12.11 -22.61
CA ILE D 252 42.73 -11.40 -21.49
C ILE D 252 44.07 -10.86 -21.95
N GLU D 253 44.29 -9.57 -21.75
CA GLU D 253 45.55 -8.97 -22.16
C GLU D 253 46.23 -8.20 -21.04
N MET D 254 47.48 -8.56 -20.81
CA MET D 254 48.34 -7.91 -19.83
C MET D 254 49.73 -7.92 -20.44
N PHE D 255 50.44 -6.81 -20.27
CA PHE D 255 51.79 -6.68 -20.79
C PHE D 255 51.87 -7.00 -22.26
N HIS D 256 50.82 -6.67 -22.99
CA HIS D 256 50.78 -6.88 -24.44
C HIS D 256 50.82 -8.34 -24.86
N LYS D 257 50.40 -9.24 -23.98
CA LYS D 257 50.37 -10.66 -24.31
C LYS D 257 49.02 -11.25 -23.96
N SER D 258 48.54 -12.16 -24.81
CA SER D 258 47.25 -12.82 -24.61
C SER D 258 47.40 -13.93 -23.58
N LEU D 259 46.71 -13.78 -22.44
CA LEU D 259 46.79 -14.77 -21.36
C LEU D 259 45.52 -15.58 -21.22
N ASP D 260 45.61 -16.68 -20.48
CA ASP D 260 44.47 -17.56 -20.23
C ASP D 260 43.78 -17.22 -18.93
N ARG D 261 44.53 -16.66 -17.99
CA ARG D 261 43.96 -16.28 -16.71
C ARG D 261 44.59 -15.03 -16.15
N ALA D 262 43.92 -14.45 -15.17
CA ALA D 262 44.37 -13.24 -14.49
C ALA D 262 43.80 -13.37 -13.07
N GLU D 263 44.49 -12.80 -12.10
CA GLU D 263 44.05 -12.89 -10.72
C GLU D 263 44.02 -11.56 -10.00
N ALA D 264 43.43 -11.56 -8.80
CA ALA D 264 43.31 -10.37 -7.97
C ALA D 264 44.57 -9.53 -8.02
N GLY D 265 44.40 -8.21 -8.17
CA GLY D 265 45.54 -7.32 -8.22
C GLY D 265 46.08 -7.05 -9.61
N ASP D 266 45.65 -7.84 -10.59
CA ASP D 266 46.12 -7.66 -11.96
C ASP D 266 45.33 -6.58 -12.72
N ASN D 267 46.07 -5.63 -13.29
CA ASN D 267 45.47 -4.56 -14.07
C ASN D 267 45.42 -5.16 -15.47
N LEU D 268 44.24 -5.37 -16.00
CA LEU D 268 44.16 -6.02 -17.30
C LEU D 268 43.12 -5.50 -18.29
N GLY D 269 43.17 -6.09 -19.48
CA GLY D 269 42.24 -5.76 -20.52
C GLY D 269 41.46 -7.04 -20.80
N ALA D 270 40.13 -6.97 -20.62
CA ALA D 270 39.26 -8.12 -20.85
C ALA D 270 38.45 -7.95 -22.13
N LEU D 271 38.72 -8.80 -23.11
CA LEU D 271 38.01 -8.76 -24.38
C LEU D 271 36.71 -9.54 -24.17
N VAL D 272 35.57 -8.91 -24.45
CA VAL D 272 34.27 -9.56 -24.28
C VAL D 272 33.58 -9.73 -25.64
N ARG D 273 32.92 -10.86 -25.81
CA ARG D 273 32.24 -11.19 -27.07
C ARG D 273 31.01 -10.34 -27.37
N GLY D 274 30.79 -10.10 -28.66
CA GLY D 274 29.64 -9.36 -29.14
C GLY D 274 29.33 -7.94 -28.74
N LEU D 275 29.62 -7.55 -27.51
CA LEU D 275 29.31 -6.19 -27.07
C LEU D 275 30.05 -5.11 -27.83
N LYS D 276 29.38 -4.00 -28.06
CA LYS D 276 29.96 -2.86 -28.75
C LYS D 276 30.37 -1.83 -27.70
N ARG D 277 31.32 -0.96 -28.03
CA ARG D 277 31.81 0.05 -27.10
C ARG D 277 30.68 0.85 -26.45
N GLU D 278 29.65 1.20 -27.22
CA GLU D 278 28.53 1.96 -26.68
C GLU D 278 27.81 1.20 -25.58
N ASP D 279 27.88 -0.13 -25.63
CA ASP D 279 27.23 -0.99 -24.66
C ASP D 279 27.87 -0.95 -23.28
N LEU D 280 29.15 -0.56 -23.23
CA LEU D 280 29.86 -0.50 -21.96
C LEU D 280 30.37 0.89 -21.59
N ARG D 281 30.74 1.06 -20.33
CA ARG D 281 31.24 2.33 -19.85
C ARG D 281 31.98 2.16 -18.53
N ARG D 282 32.82 3.14 -18.22
CA ARG D 282 33.56 3.14 -16.98
C ARG D 282 32.52 3.16 -15.86
N GLY D 283 32.80 2.49 -14.76
CA GLY D 283 31.85 2.50 -13.66
C GLY D 283 31.11 1.20 -13.51
N LEU D 284 30.91 0.51 -14.62
CA LEU D 284 30.26 -0.78 -14.58
C LEU D 284 31.25 -1.69 -13.89
N VAL D 285 30.76 -2.81 -13.37
CA VAL D 285 31.62 -3.77 -12.71
C VAL D 285 31.44 -5.08 -13.45
N MET D 286 32.53 -5.69 -13.87
CA MET D 286 32.45 -6.97 -14.55
C MET D 286 32.67 -8.00 -13.45
N ALA D 287 31.72 -8.93 -13.30
CA ALA D 287 31.81 -9.95 -12.26
C ALA D 287 31.28 -11.30 -12.73
N LYS D 288 31.57 -12.36 -11.97
CA LYS D 288 31.04 -13.67 -12.33
C LYS D 288 29.52 -13.51 -12.26
N PRO D 289 28.79 -14.10 -13.20
CA PRO D 289 27.33 -13.97 -13.19
C PRO D 289 26.68 -14.30 -11.84
N GLY D 290 25.74 -13.46 -11.42
CA GLY D 290 25.05 -13.67 -10.15
C GLY D 290 25.90 -13.56 -8.90
N SER D 291 27.21 -13.43 -9.06
CA SER D 291 28.13 -13.33 -7.93
C SER D 291 27.90 -12.13 -7.03
N ILE D 292 27.21 -11.12 -7.54
CA ILE D 292 26.96 -9.93 -6.74
C ILE D 292 25.71 -9.22 -7.20
N GLN D 293 25.08 -8.47 -6.30
CA GLN D 293 23.88 -7.75 -6.68
C GLN D 293 23.95 -6.26 -6.42
N PRO D 294 23.56 -5.46 -7.42
CA PRO D 294 23.56 -4.01 -7.34
C PRO D 294 22.66 -3.55 -6.20
N HIS D 295 23.00 -2.42 -5.60
CA HIS D 295 22.24 -1.87 -4.49
C HIS D 295 21.95 -0.41 -4.74
N GLN D 296 20.70 -0.01 -4.51
CA GLN D 296 20.30 1.36 -4.74
C GLN D 296 20.06 2.10 -3.43
N LYS D 297 19.92 1.33 -2.35
CA LYS D 297 19.70 1.91 -1.03
C LYS D 297 20.78 1.38 -0.09
N VAL D 298 21.25 2.21 0.82
CA VAL D 298 22.29 1.75 1.69
C VAL D 298 22.39 2.61 2.95
N GLU D 299 22.83 1.99 4.05
CA GLU D 299 23.03 2.72 5.28
C GLU D 299 24.54 2.78 5.38
N ALA D 300 25.10 3.86 5.89
CA ALA D 300 26.55 3.92 5.96
C ALA D 300 27.02 4.89 7.02
N GLN D 301 28.18 4.59 7.60
CA GLN D 301 28.75 5.46 8.59
C GLN D 301 29.52 6.47 7.77
N VAL D 302 29.02 7.70 7.73
CA VAL D 302 29.64 8.75 6.94
C VAL D 302 30.22 9.87 7.75
N TYR D 303 31.44 10.23 7.41
CA TYR D 303 32.12 11.33 8.05
C TYR D 303 31.90 12.54 7.16
N ILE D 304 31.39 13.62 7.75
CA ILE D 304 31.15 14.85 7.00
C ILE D 304 32.37 15.72 7.21
N LEU D 305 33.19 15.88 6.17
CA LEU D 305 34.39 16.70 6.29
C LEU D 305 34.11 18.12 6.80
N THR D 306 35.14 18.71 7.40
CA THR D 306 35.04 20.07 7.93
C THR D 306 35.49 21.02 6.83
N LYS D 307 35.05 22.27 6.91
CA LYS D 307 35.40 23.27 5.90
C LYS D 307 36.92 23.25 5.69
N GLU D 308 37.67 23.01 6.77
CA GLU D 308 39.13 22.94 6.71
C GLU D 308 39.60 21.79 5.82
N GLU D 309 38.75 20.78 5.68
CA GLU D 309 39.08 19.61 4.88
C GLU D 309 38.49 19.70 3.47
N GLY D 310 37.62 20.67 3.23
CA GLY D 310 37.03 20.82 1.91
C GLY D 310 35.53 20.53 1.86
N GLY D 311 34.96 20.17 3.01
CA GLY D 311 33.54 19.87 3.07
C GLY D 311 32.66 21.10 3.05
N ARG D 312 31.39 20.92 2.71
CA ARG D 312 30.45 22.02 2.65
C ARG D 312 30.40 22.75 4.00
N HIS D 313 30.88 23.99 3.97
CA HIS D 313 30.97 24.89 5.12
C HIS D 313 29.69 25.01 5.95
N LYS D 314 28.66 24.24 5.59
CA LYS D 314 27.39 24.28 6.30
C LYS D 314 26.78 22.88 6.39
N PRO D 315 25.83 22.68 7.32
CA PRO D 315 25.16 21.38 7.52
C PRO D 315 24.10 21.18 6.43
N PHE D 316 23.70 19.93 6.20
CA PHE D 316 22.68 19.66 5.18
C PHE D 316 21.56 18.78 5.74
N VAL D 317 20.34 19.08 5.31
CA VAL D 317 19.16 18.35 5.76
C VAL D 317 18.95 17.02 5.05
N SER D 318 17.97 16.26 5.55
CA SER D 318 17.63 14.95 5.00
C SER D 318 17.32 15.02 3.53
N HIS D 319 17.28 16.23 2.97
CA HIS D 319 17.00 16.39 1.55
C HIS D 319 18.17 17.10 0.89
N PHE D 320 19.13 16.30 0.45
CA PHE D 320 20.34 16.82 -0.18
C PHE D 320 20.81 15.74 -1.14
N MET D 321 21.16 16.14 -2.35
CA MET D 321 21.62 15.20 -3.36
C MET D 321 23.03 15.43 -3.86
N PRO D 322 24.03 15.00 -3.08
CA PRO D 322 25.44 15.16 -3.49
C PRO D 322 25.66 14.05 -4.51
N VAL D 323 26.89 13.94 -5.00
CA VAL D 323 27.19 12.88 -5.95
C VAL D 323 28.07 11.88 -5.22
N MET D 324 27.75 10.60 -5.35
CA MET D 324 28.53 9.56 -4.70
C MET D 324 29.52 8.89 -5.63
N PHE D 325 30.76 8.80 -5.20
CA PHE D 325 31.79 8.13 -5.98
C PHE D 325 32.24 6.90 -5.23
N SER D 326 32.33 5.78 -5.93
CA SER D 326 32.81 4.55 -5.32
C SER D 326 33.31 3.68 -6.45
N LEU D 327 34.32 2.86 -6.19
CA LEU D 327 34.91 2.00 -7.22
C LEU D 327 35.23 2.93 -8.40
N THR D 328 34.83 2.56 -9.61
CA THR D 328 35.12 3.43 -10.75
C THR D 328 33.89 4.19 -11.21
N TRP D 329 32.81 4.12 -10.43
CA TRP D 329 31.59 4.82 -10.79
C TRP D 329 31.28 6.07 -9.96
N ASP D 330 30.34 6.86 -10.43
CA ASP D 330 29.91 8.07 -9.73
C ASP D 330 28.41 8.07 -9.90
N MET D 331 27.69 8.54 -8.90
CA MET D 331 26.25 8.54 -8.98
C MET D 331 25.57 9.49 -8.00
N ALA D 332 24.59 10.22 -8.50
CA ALA D 332 23.86 11.16 -7.67
C ALA D 332 23.09 10.36 -6.62
N CYS D 333 23.06 10.86 -5.41
CA CYS D 333 22.34 10.17 -4.35
C CYS D 333 21.61 11.14 -3.46
N ARG D 334 20.56 10.63 -2.82
CA ARG D 334 19.74 11.40 -1.92
C ARG D 334 20.07 10.89 -0.53
N ILE D 335 20.55 11.79 0.33
CA ILE D 335 20.89 11.42 1.69
C ILE D 335 19.66 11.54 2.58
N ILE D 336 19.42 10.50 3.38
CA ILE D 336 18.28 10.49 4.29
C ILE D 336 18.75 10.41 5.73
N LEU D 337 18.78 11.55 6.41
CA LEU D 337 19.19 11.58 7.80
C LEU D 337 18.22 10.66 8.54
N PRO D 338 18.73 9.74 9.35
CA PRO D 338 17.87 8.82 10.09
C PRO D 338 16.78 9.53 10.88
N PRO D 339 15.65 8.84 11.12
CA PRO D 339 14.55 9.45 11.88
C PRO D 339 15.09 9.98 13.19
N GLY D 340 14.98 11.29 13.39
CA GLY D 340 15.48 11.91 14.59
C GLY D 340 16.48 12.99 14.25
N LYS D 341 17.53 12.62 13.51
CA LYS D 341 18.55 13.57 13.10
C LYS D 341 17.93 14.57 12.13
N GLU D 342 18.15 15.86 12.38
CA GLU D 342 17.60 16.89 11.52
C GLU D 342 18.66 17.57 10.66
N LEU D 343 19.92 17.33 10.97
CA LEU D 343 21.01 17.92 10.20
C LEU D 343 22.24 17.03 10.12
N ALA D 344 23.22 17.48 9.35
CA ALA D 344 24.46 16.76 9.18
C ALA D 344 25.62 17.75 9.32
N MET D 345 26.00 18.02 10.56
CA MET D 345 27.07 18.97 10.85
C MET D 345 28.43 18.50 10.35
N PRO D 346 29.21 19.43 9.78
CA PRO D 346 30.56 19.08 9.28
C PRO D 346 31.40 18.57 10.44
N GLY D 347 32.38 17.73 10.15
CA GLY D 347 33.23 17.18 11.19
C GLY D 347 32.59 16.05 11.96
N GLU D 348 31.27 15.90 11.79
CA GLU D 348 30.51 14.86 12.48
C GLU D 348 30.23 13.65 11.62
N ASP D 349 30.31 12.46 12.23
CA ASP D 349 30.04 11.23 11.52
C ASP D 349 28.66 10.76 11.96
N LEU D 350 28.00 9.97 11.14
CA LEU D 350 26.69 9.48 11.51
C LEU D 350 26.19 8.45 10.54
N LYS D 351 25.21 7.67 10.98
CA LYS D 351 24.62 6.65 10.14
C LYS D 351 23.68 7.38 9.22
N LEU D 352 23.87 7.19 7.92
CA LEU D 352 23.04 7.84 6.94
C LEU D 352 22.44 6.78 6.05
N THR D 353 21.34 7.12 5.41
CA THR D 353 20.70 6.23 4.47
C THR D 353 20.96 6.94 3.15
N LEU D 354 21.33 6.19 2.13
CA LEU D 354 21.62 6.79 0.84
C LEU D 354 20.84 6.10 -0.26
N ILE D 355 20.20 6.89 -1.09
CA ILE D 355 19.44 6.34 -2.20
C ILE D 355 20.08 6.83 -3.50
N LEU D 356 20.51 5.88 -4.33
CA LEU D 356 21.14 6.18 -5.61
C LEU D 356 20.07 6.13 -6.70
N ARG D 357 20.16 7.02 -7.69
CA ARG D 357 19.17 7.02 -8.77
C ARG D 357 19.22 5.72 -9.57
N GLN D 358 20.31 4.97 -9.41
CA GLN D 358 20.48 3.69 -10.10
C GLN D 358 21.27 2.69 -9.29
N PRO D 359 20.89 1.40 -9.35
CA PRO D 359 21.53 0.28 -8.65
C PRO D 359 22.99 0.11 -9.10
N MET D 360 23.91 0.35 -8.18
CA MET D 360 25.33 0.22 -8.48
C MET D 360 25.95 -0.81 -7.56
N ILE D 361 27.16 -1.24 -7.88
CA ILE D 361 27.83 -2.20 -7.02
C ILE D 361 28.26 -1.40 -5.80
N LEU D 362 27.53 -1.60 -4.70
CA LEU D 362 27.80 -0.92 -3.44
C LEU D 362 27.61 -1.96 -2.34
N GLU D 363 28.66 -2.73 -2.05
CA GLU D 363 28.61 -3.78 -1.04
C GLU D 363 28.82 -3.25 0.37
N LYS D 364 28.35 -4.01 1.36
CA LYS D 364 28.56 -3.58 2.73
C LYS D 364 30.07 -3.61 2.89
N GLY D 365 30.60 -2.65 3.64
CA GLY D 365 32.04 -2.60 3.84
C GLY D 365 32.75 -1.84 2.73
N GLN D 366 32.02 -1.50 1.67
CA GLN D 366 32.59 -0.78 0.55
C GLN D 366 32.65 0.72 0.89
N ARG D 367 33.75 1.37 0.51
CA ARG D 367 33.90 2.81 0.77
C ARG D 367 33.42 3.68 -0.37
N PHE D 368 33.15 4.94 -0.06
CA PHE D 368 32.68 5.89 -1.07
C PHE D 368 32.90 7.29 -0.54
N THR D 369 32.74 8.26 -1.44
CA THR D 369 32.87 9.66 -1.06
C THR D 369 31.61 10.32 -1.55
N LEU D 370 31.32 11.49 -1.00
CA LEU D 370 30.15 12.25 -1.40
C LEU D 370 30.65 13.63 -1.78
N ARG D 371 30.25 14.11 -2.95
CA ARG D 371 30.74 15.40 -3.40
C ARG D 371 29.63 16.39 -3.75
N ASP D 372 29.92 17.65 -3.47
CA ASP D 372 29.03 18.76 -3.78
C ASP D 372 29.90 19.60 -4.71
N GLY D 373 29.50 19.66 -5.98
CA GLY D 373 30.31 20.40 -6.94
C GLY D 373 31.57 19.58 -7.09
N ASN D 374 32.73 20.21 -6.93
CA ASN D 374 33.98 19.48 -7.06
C ASN D 374 34.65 19.40 -5.68
N ARG D 375 33.81 19.46 -4.65
CA ARG D 375 34.27 19.39 -3.26
C ARG D 375 33.77 18.10 -2.62
N THR D 376 34.64 17.47 -1.86
CA THR D 376 34.25 16.24 -1.17
C THR D 376 33.68 16.68 0.18
N ILE D 377 32.38 16.49 0.34
CA ILE D 377 31.71 16.88 1.57
C ILE D 377 31.63 15.78 2.62
N GLY D 378 31.91 14.55 2.20
CA GLY D 378 31.87 13.43 3.12
C GLY D 378 32.43 12.14 2.54
N THR D 379 32.98 11.30 3.42
CA THR D 379 33.55 10.02 3.01
C THR D 379 32.83 8.98 3.86
N GLY D 380 32.47 7.85 3.27
CA GLY D 380 31.76 6.85 4.03
C GLY D 380 32.11 5.40 3.83
N LEU D 381 31.47 4.58 4.64
CA LEU D 381 31.64 3.14 4.65
C LEU D 381 30.24 2.54 4.68
N VAL D 382 29.93 1.68 3.72
CA VAL D 382 28.63 1.04 3.68
C VAL D 382 28.54 0.06 4.83
N THR D 383 27.43 0.12 5.59
CA THR D 383 27.25 -0.79 6.72
C THR D 383 26.03 -1.68 6.55
N ASP D 384 25.08 -1.25 5.74
CA ASP D 384 23.88 -2.03 5.50
C ASP D 384 23.28 -1.69 4.16
N THR D 385 22.59 -2.68 3.60
CA THR D 385 21.91 -2.55 2.32
C THR D 385 20.40 -2.81 2.51
N PRO D 386 19.68 -1.85 3.11
CA PRO D 386 18.24 -1.95 3.36
C PRO D 386 17.46 -2.08 2.05
N ALA D 387 16.23 -2.59 2.14
CA ALA D 387 15.41 -2.75 0.95
C ALA D 387 14.82 -1.39 0.59
N MET D 388 14.58 -1.18 -0.70
CA MET D 388 13.98 0.06 -1.17
C MET D 388 12.50 0.04 -0.79
N THR D 389 12.06 1.09 -0.11
CA THR D 389 10.64 1.19 0.27
C THR D 389 9.90 1.59 -1.00
N GLU D 390 8.63 1.19 -1.10
CA GLU D 390 7.86 1.55 -2.29
C GLU D 390 7.90 3.07 -2.35
N GLU D 391 8.26 3.66 -1.20
CA GLU D 391 8.40 5.10 -1.05
C GLU D 391 9.71 5.56 -1.70
N ASP D 392 10.79 4.85 -1.36
CA ASP D 392 12.12 5.16 -1.91
C ASP D 392 12.09 5.10 -3.43
N LYS D 393 11.41 4.08 -3.97
CA LYS D 393 11.33 3.93 -5.41
C LYS D 393 10.65 5.13 -6.05
N ASN D 394 9.55 5.57 -5.44
CA ASN D 394 8.82 6.72 -5.96
C ASN D 394 9.60 7.99 -5.64
N ILE D 395 10.86 8.01 -6.06
CA ILE D 395 11.70 9.18 -5.82
C ILE D 395 12.01 9.80 -7.16
N LYS D 396 11.83 11.12 -7.25
CA LYS D 396 12.10 11.84 -8.49
C LYS D 396 13.36 12.64 -8.27
N TRP D 397 14.28 12.57 -9.23
CA TRP D 397 15.54 13.30 -9.11
C TRP D 397 15.52 14.58 -9.93
MG MG E . 33.66 -48.37 4.82
PB GDP F . 36.32 -47.90 3.14
O1B GDP F . 37.03 -46.60 2.99
O2B GDP F . 35.54 -48.09 4.38
O3B GDP F . 35.46 -48.20 2.00
O3A GDP F . 37.49 -49.02 3.16
PA GDP F . 37.71 -50.31 4.11
O1A GDP F . 36.52 -51.13 4.00
O2A GDP F . 38.11 -49.87 5.46
O5' GDP F . 39.00 -50.92 3.41
C5' GDP F . 38.90 -51.43 2.07
C4' GDP F . 39.91 -52.54 1.82
O4' GDP F . 41.23 -52.00 2.09
C3' GDP F . 39.75 -53.75 2.73
O3' GDP F . 40.11 -54.87 1.92
C2' GDP F . 40.77 -53.43 3.85
O2' GDP F . 41.22 -54.60 4.57
C1' GDP F . 41.90 -52.76 3.09
N9 GDP F . 42.70 -51.86 3.98
C8 GDP F . 42.28 -50.89 4.89
N7 GDP F . 43.26 -50.28 5.54
C5 GDP F . 44.39 -50.88 5.01
C6 GDP F . 45.78 -50.68 5.27
O6 GDP F . 46.30 -49.88 6.09
N1 GDP F . 46.62 -51.50 4.51
C2 GDP F . 46.19 -52.44 3.57
N2 GDP F . 47.10 -53.14 2.92
N3 GDP F . 44.89 -52.64 3.30
C4 GDP F . 44.05 -51.86 4.04
MG MG G . -24.32 43.49 5.33
PB GDP H . -25.96 42.33 7.86
O1B GDP H . -26.52 40.98 8.04
O2B GDP H . -24.77 42.41 7.02
O3B GDP H . -26.96 43.30 7.33
O3A GDP H . -25.53 42.81 9.32
PA GDP H . -24.16 43.50 9.87
O1A GDP H . -23.98 44.77 9.17
O2A GDP H . -23.09 42.48 9.73
O5' GDP H . -24.55 43.66 11.40
C5' GDP H . -25.58 44.60 11.79
C4' GDP H . -25.30 45.22 13.16
O4' GDP H . -25.23 44.13 14.12
C3' GDP H . -23.98 45.98 13.25
O3' GDP H . -24.27 47.10 14.11
C2' GDP H . -23.05 44.92 13.90
O2' GDP H . -21.93 45.51 14.63
C1' GDP H . -23.97 44.14 14.82
N9 GDP H . -23.50 42.74 15.01
C8 GDP H . -23.05 41.80 14.08
N7 GDP H . -22.69 40.65 14.60
C5 GDP H . -22.92 40.83 15.96
C6 GDP H . -22.74 39.98 17.07
O6 GDP H . -22.30 38.81 17.08
N1 GDP H . -23.08 40.56 18.27
C2 GDP H . -23.58 41.84 18.43
N2 GDP H . -23.87 42.26 19.65
N3 GDP H . -23.76 42.67 17.40
C4 GDP H . -23.41 42.12 16.21
MG MG I . -20.98 -13.97 -2.64
PB GDP J . -18.55 -13.11 -4.71
O1B GDP J . -18.39 -11.71 -5.17
O2B GDP J . -19.30 -13.26 -3.47
O3B GDP J . -19.16 -13.99 -5.74
O3A GDP J . -17.10 -13.67 -4.42
PA GDP J . -16.48 -14.45 -3.13
O1A GDP J . -17.22 -15.69 -2.94
O2A GDP J . -16.41 -13.52 -2.00
O5' GDP J . -15.06 -14.68 -3.72
C5' GDP J . -14.91 -15.56 -4.85
C4' GDP J . -13.54 -16.16 -4.92
O4' GDP J . -12.57 -15.06 -4.92
C3' GDP J . -13.20 -17.04 -3.71
O3' GDP J . -12.41 -18.11 -4.28
C2' GDP J . -12.39 -16.07 -2.83
O2' GDP J . -11.46 -16.73 -1.93
C1' GDP J . -11.64 -15.21 -3.84
N9 GDP J . -11.30 -13.89 -3.27
C8 GDP J . -12.09 -12.97 -2.60
N7 GDP J . -11.46 -11.88 -2.20
C5 GDP J . -10.16 -12.12 -2.64
C6 GDP J . -8.98 -11.36 -2.54
O6 GDP J . -8.82 -10.24 -2.01
N1 GDP J . -7.88 -11.96 -3.13
C2 GDP J . -7.90 -13.20 -3.77
N2 GDP J . -6.78 -13.65 -4.29
N3 GDP J . -8.99 -13.94 -3.88
C4 GDP J . -10.08 -13.36 -3.30
MG MG K . 46.46 8.14 22.85
PB GDP L . 45.39 6.64 25.20
O1B GDP L . 44.56 5.42 25.19
O2B GDP L . 46.52 6.62 24.28
O3B GDP L . 44.61 7.88 24.96
O3A GDP L . 46.02 6.74 26.68
PA GDP L . 47.52 7.16 27.17
O1A GDP L . 47.79 8.53 26.73
O2A GDP L . 48.43 6.09 26.73
O5' GDP L . 47.31 7.05 28.74
C5' GDP L . 46.46 7.98 29.40
C4' GDP L . 46.90 8.25 30.81
O4' GDP L . 46.88 6.99 31.54
C3' GDP L . 48.32 8.81 30.91
O3' GDP L . 48.21 9.86 31.90
C2' GDP L . 49.16 7.57 31.37
O2' GDP L . 50.26 7.93 32.24
C1' GDP L . 48.16 6.69 32.12
N9 GDP L . 48.46 5.23 31.96
C8 GDP L . 48.72 4.46 30.83
N7 GDP L . 48.94 3.18 31.06
C5 GDP L . 48.82 3.10 32.46
C6 GDP L . 48.94 2.01 33.37
O6 GDP L . 49.20 0.82 33.11
N1 GDP L . 48.73 2.37 34.69
C2 GDP L . 48.44 3.66 35.13
N2 GDP L . 48.26 3.86 36.43
N3 GDP L . 48.32 4.69 34.30
C4 GDP L . 48.50 4.36 33.00
#